data_2EE3
#
_entry.id   2EE3
#
_entity_poly.entity_id   1
_entity_poly.type   'polypeptide(L)'
_entity_poly.pdbx_seq_one_letter_code
;GSSGSSGLAPPRHLGFSDVSHDAARVFWEGAPRPVRLVRVTYVSSEGGHSGQTEAPGNATSAMLGPLSSSTTYTVRVTCL
YPGGGSSTLTGRVTTKKAPSPSSGPSSG
;
_entity_poly.pdbx_strand_id   A
#
# COMPACT_ATOMS: atom_id res chain seq x y z
N GLY A 1 29.37 -4.34 6.00
CA GLY A 1 29.14 -5.58 5.26
C GLY A 1 27.79 -5.58 4.57
N SER A 2 26.95 -6.55 4.92
CA SER A 2 25.62 -6.67 4.33
C SER A 2 24.55 -6.84 5.40
N SER A 3 23.33 -6.46 5.08
CA SER A 3 22.21 -6.57 6.02
C SER A 3 21.39 -7.82 5.74
N GLY A 4 21.19 -8.62 6.78
CA GLY A 4 20.41 -9.83 6.63
C GLY A 4 19.37 -10.00 7.72
N SER A 5 18.18 -10.42 7.33
CA SER A 5 17.08 -10.62 8.29
C SER A 5 15.86 -11.22 7.60
N SER A 6 15.47 -12.41 8.05
CA SER A 6 14.31 -13.09 7.47
C SER A 6 13.03 -12.33 7.78
N GLY A 7 12.10 -12.35 6.83
CA GLY A 7 10.83 -11.66 7.01
C GLY A 7 9.73 -12.59 7.47
N LEU A 8 9.07 -12.24 8.56
CA LEU A 8 7.98 -13.05 9.10
C LEU A 8 6.80 -13.07 8.15
N ALA A 9 6.11 -14.21 8.09
CA ALA A 9 4.95 -14.36 7.22
C ALA A 9 3.85 -13.38 7.59
N PRO A 10 3.14 -12.86 6.58
CA PRO A 10 2.04 -11.91 6.78
C PRO A 10 0.83 -12.55 7.44
N PRO A 11 0.14 -11.77 8.29
CA PRO A 11 -1.05 -12.23 9.01
C PRO A 11 -2.24 -12.44 8.07
N ARG A 12 -2.52 -11.44 7.25
CA ARG A 12 -3.63 -11.51 6.31
C ARG A 12 -3.16 -11.23 4.89
N HIS A 13 -4.10 -11.20 3.95
CA HIS A 13 -3.79 -10.93 2.55
C HIS A 13 -4.17 -9.50 2.16
N LEU A 14 -3.51 -8.97 1.15
CA LEU A 14 -3.79 -7.62 0.68
C LEU A 14 -4.67 -7.65 -0.56
N GLY A 15 -5.35 -6.53 -0.82
CA GLY A 15 -6.22 -6.44 -1.98
C GLY A 15 -6.14 -5.10 -2.67
N PHE A 16 -5.91 -5.12 -3.97
CA PHE A 16 -5.81 -3.89 -4.76
C PHE A 16 -6.98 -3.75 -5.71
N SER A 17 -7.72 -2.66 -5.58
CA SER A 17 -8.88 -2.41 -6.42
C SER A 17 -8.91 -0.95 -6.88
N ASP A 18 -9.75 -0.66 -7.86
CA ASP A 18 -9.89 0.69 -8.39
C ASP A 18 -8.52 1.28 -8.71
N VAL A 19 -7.56 0.42 -9.05
CA VAL A 19 -6.21 0.86 -9.37
C VAL A 19 -6.21 1.78 -10.58
N SER A 20 -5.30 2.75 -10.59
CA SER A 20 -5.19 3.69 -11.69
C SER A 20 -3.75 3.80 -12.18
N HIS A 21 -3.53 4.67 -13.15
CA HIS A 21 -2.19 4.87 -13.71
C HIS A 21 -1.41 5.89 -12.88
N ASP A 22 -2.10 6.58 -11.98
CA ASP A 22 -1.47 7.58 -11.13
C ASP A 22 -1.86 7.38 -9.68
N ALA A 23 -2.47 6.24 -9.38
CA ALA A 23 -2.90 5.93 -8.03
C ALA A 23 -3.30 4.46 -7.90
N ALA A 24 -3.49 4.01 -6.67
CA ALA A 24 -3.88 2.62 -6.41
C ALA A 24 -4.44 2.47 -5.01
N ARG A 25 -5.64 1.87 -4.91
CA ARG A 25 -6.29 1.66 -3.62
C ARG A 25 -5.83 0.34 -2.99
N VAL A 26 -5.30 0.43 -1.78
CA VAL A 26 -4.83 -0.75 -1.06
C VAL A 26 -5.64 -0.99 0.20
N PHE A 27 -6.29 -2.15 0.27
CA PHE A 27 -7.10 -2.50 1.43
C PHE A 27 -6.73 -3.89 1.95
N TRP A 28 -6.98 -4.12 3.24
CA TRP A 28 -6.67 -5.39 3.87
C TRP A 28 -7.89 -5.95 4.60
N GLU A 29 -7.76 -7.17 5.12
CA GLU A 29 -8.85 -7.81 5.85
C GLU A 29 -8.72 -7.54 7.35
N GLY A 30 -7.92 -6.54 7.71
CA GLY A 30 -7.75 -6.20 9.10
C GLY A 30 -6.83 -7.17 9.82
N ALA A 31 -5.94 -6.65 10.64
CA ALA A 31 -5.00 -7.47 11.40
C ALA A 31 -5.71 -8.26 12.50
N PRO A 32 -5.12 -9.38 12.92
CA PRO A 32 -5.68 -10.23 13.97
C PRO A 32 -5.62 -9.57 15.34
N ARG A 33 -4.99 -8.40 15.41
CA ARG A 33 -4.87 -7.68 16.66
C ARG A 33 -5.19 -6.20 16.47
N PRO A 34 -5.66 -5.55 17.55
CA PRO A 34 -6.02 -4.13 17.51
C PRO A 34 -4.79 -3.22 17.38
N VAL A 35 -4.94 -2.14 16.63
CA VAL A 35 -3.85 -1.20 16.43
C VAL A 35 -4.29 0.23 16.74
N ARG A 36 -3.32 1.11 16.99
CA ARG A 36 -3.60 2.50 17.30
C ARG A 36 -3.43 3.37 16.06
N LEU A 37 -2.42 3.09 15.27
CA LEU A 37 -2.15 3.85 14.05
C LEU A 37 -1.62 2.95 12.94
N VAL A 38 -1.71 3.43 11.71
CA VAL A 38 -1.24 2.66 10.55
C VAL A 38 -0.48 3.56 9.58
N ARG A 39 0.78 3.22 9.33
CA ARG A 39 1.62 3.98 8.42
C ARG A 39 2.00 3.15 7.21
N VAL A 40 1.32 3.39 6.10
CA VAL A 40 1.59 2.66 4.86
C VAL A 40 2.73 3.30 4.08
N THR A 41 3.61 2.47 3.54
CA THR A 41 4.75 2.95 2.77
C THR A 41 4.84 2.26 1.41
N TYR A 42 4.80 3.04 0.35
CA TYR A 42 4.86 2.50 -1.01
C TYR A 42 6.13 2.99 -1.72
N VAL A 43 6.74 2.10 -2.50
CA VAL A 43 7.94 2.44 -3.24
C VAL A 43 7.96 1.76 -4.61
N SER A 44 8.48 2.46 -5.61
CA SER A 44 8.55 1.93 -6.96
C SER A 44 9.74 0.97 -7.11
N SER A 45 9.49 -0.17 -7.74
CA SER A 45 10.53 -1.17 -7.96
C SER A 45 11.81 -0.53 -8.46
N GLU A 46 12.87 -1.31 -8.55
CA GLU A 46 14.15 -0.83 -9.02
C GLU A 46 14.49 0.52 -8.38
N GLY A 47 14.10 0.68 -7.13
CA GLY A 47 14.36 1.92 -6.42
C GLY A 47 13.86 3.14 -7.18
N GLY A 48 12.65 3.59 -6.85
CA GLY A 48 12.08 4.73 -7.52
C GLY A 48 11.30 5.63 -6.57
N HIS A 49 10.18 6.17 -7.05
CA HIS A 49 9.34 7.04 -6.24
C HIS A 49 8.82 6.30 -5.01
N SER A 50 8.87 6.96 -3.86
CA SER A 50 8.40 6.36 -2.62
C SER A 50 7.63 7.39 -1.78
N GLY A 51 6.71 6.89 -0.96
CA GLY A 51 5.91 7.77 -0.13
C GLY A 51 5.54 7.13 1.20
N GLN A 52 4.63 7.76 1.93
CA GLN A 52 4.19 7.25 3.22
C GLN A 52 2.92 7.96 3.69
N THR A 53 1.86 7.18 3.87
CA THR A 53 0.58 7.74 4.30
C THR A 53 0.22 7.24 5.70
N GLU A 54 -0.61 8.00 6.40
CA GLU A 54 -1.03 7.64 7.75
C GLU A 54 -2.53 7.37 7.79
N ALA A 55 -2.93 6.38 8.58
CA ALA A 55 -4.34 6.02 8.71
C ALA A 55 -4.63 5.44 10.09
N PRO A 56 -5.88 5.59 10.54
CA PRO A 56 -6.31 5.09 11.85
C PRO A 56 -6.37 3.57 11.90
N GLY A 57 -6.02 3.00 13.04
CA GLY A 57 -6.04 1.55 13.19
C GLY A 57 -7.36 0.95 12.78
N ASN A 58 -8.39 1.77 12.70
CA ASN A 58 -9.72 1.30 12.31
C ASN A 58 -9.85 1.28 10.78
N ALA A 59 -9.10 2.14 10.12
CA ALA A 59 -9.13 2.22 8.66
C ALA A 59 -8.61 0.94 8.03
N THR A 60 -9.47 0.26 7.27
CA THR A 60 -9.09 -0.98 6.61
C THR A 60 -8.85 -0.76 5.12
N SER A 61 -8.73 0.49 4.71
CA SER A 61 -8.50 0.84 3.32
C SER A 61 -7.88 2.22 3.19
N ALA A 62 -6.89 2.34 2.31
CA ALA A 62 -6.22 3.62 2.09
C ALA A 62 -5.69 3.71 0.66
N MET A 63 -5.83 4.90 0.06
CA MET A 63 -5.36 5.12 -1.30
C MET A 63 -3.90 5.57 -1.31
N LEU A 64 -3.27 5.47 -2.47
CA LEU A 64 -1.87 5.85 -2.61
C LEU A 64 -1.67 6.73 -3.84
N GLY A 65 -0.56 7.47 -3.87
CA GLY A 65 -0.27 8.33 -4.99
C GLY A 65 0.26 9.68 -4.56
N PRO A 66 0.65 10.52 -5.54
CA PRO A 66 0.56 10.15 -6.97
C PRO A 66 1.56 9.07 -7.36
N LEU A 67 1.06 8.01 -7.98
CA LEU A 67 1.92 6.91 -8.41
C LEU A 67 2.26 7.03 -9.89
N SER A 68 2.99 6.04 -10.41
CA SER A 68 3.38 6.03 -11.81
C SER A 68 2.48 5.10 -12.62
N SER A 69 2.75 5.01 -13.92
CA SER A 69 1.97 4.15 -14.81
C SER A 69 2.78 2.95 -15.25
N SER A 70 2.09 1.86 -15.57
CA SER A 70 2.74 0.63 -16.01
C SER A 70 3.98 0.36 -15.17
N THR A 71 3.94 0.75 -13.91
CA THR A 71 5.07 0.55 -13.00
C THR A 71 4.63 -0.15 -11.72
N THR A 72 5.39 -1.15 -11.29
CA THR A 72 5.08 -1.88 -10.08
C THR A 72 5.44 -1.09 -8.83
N TYR A 73 4.56 -1.11 -7.84
CA TYR A 73 4.79 -0.38 -6.60
C TYR A 73 4.65 -1.31 -5.40
N THR A 74 5.73 -1.42 -4.63
CA THR A 74 5.73 -2.28 -3.44
C THR A 74 5.06 -1.58 -2.27
N VAL A 75 3.83 -1.99 -1.96
CA VAL A 75 3.08 -1.41 -0.86
C VAL A 75 3.27 -2.22 0.42
N ARG A 76 3.56 -1.53 1.51
CA ARG A 76 3.76 -2.19 2.80
C ARG A 76 3.00 -1.48 3.90
N VAL A 77 1.82 -2.00 4.22
CA VAL A 77 0.99 -1.41 5.27
C VAL A 77 1.53 -1.73 6.66
N THR A 78 2.20 -0.75 7.26
CA THR A 78 2.77 -0.94 8.59
C THR A 78 1.78 -0.53 9.67
N CYS A 79 1.35 -1.50 10.47
CA CYS A 79 0.40 -1.23 11.54
C CYS A 79 1.12 -1.10 12.89
N LEU A 80 1.36 0.14 13.30
CA LEU A 80 2.04 0.40 14.56
C LEU A 80 1.13 0.12 15.74
N TYR A 81 1.33 -1.03 16.39
CA TYR A 81 0.52 -1.41 17.54
C TYR A 81 0.88 -0.57 18.77
N PRO A 82 -0.12 -0.33 19.63
CA PRO A 82 0.07 0.46 20.85
C PRO A 82 0.91 -0.28 21.88
N GLY A 83 2.23 -0.10 21.80
CA GLY A 83 3.12 -0.75 22.74
C GLY A 83 3.07 -2.27 22.64
N GLY A 84 3.44 -2.80 21.48
CA GLY A 84 3.42 -4.24 21.29
C GLY A 84 3.89 -4.64 19.89
N GLY A 85 5.09 -4.19 19.53
CA GLY A 85 5.63 -4.52 18.23
C GLY A 85 4.83 -3.92 17.09
N SER A 86 5.06 -4.40 15.88
CA SER A 86 4.35 -3.91 14.71
C SER A 86 4.48 -4.88 13.54
N SER A 87 3.51 -4.83 12.63
CA SER A 87 3.50 -5.72 11.47
C SER A 87 3.62 -4.92 10.18
N THR A 88 3.90 -5.62 9.08
CA THR A 88 4.05 -4.98 7.78
C THR A 88 3.54 -5.87 6.66
N LEU A 89 2.37 -5.54 6.14
CA LEU A 89 1.77 -6.33 5.06
C LEU A 89 2.31 -5.87 3.70
N THR A 90 3.15 -6.72 3.10
CA THR A 90 3.74 -6.42 1.79
C THR A 90 2.78 -6.79 0.66
N GLY A 91 2.70 -5.93 -0.35
CA GLY A 91 1.84 -6.19 -1.48
C GLY A 91 2.26 -5.43 -2.72
N ARG A 92 2.50 -6.16 -3.80
CA ARG A 92 2.91 -5.55 -5.06
C ARG A 92 1.70 -5.27 -5.95
N VAL A 93 1.72 -4.12 -6.62
CA VAL A 93 0.63 -3.72 -7.50
C VAL A 93 1.15 -2.95 -8.70
N THR A 94 0.71 -3.36 -9.89
CA THR A 94 1.14 -2.71 -11.13
C THR A 94 0.15 -1.63 -11.54
N THR A 95 0.60 -0.38 -11.49
CA THR A 95 -0.24 0.75 -11.87
C THR A 95 -0.68 0.66 -13.33
N LYS A 96 -1.78 1.34 -13.65
CA LYS A 96 -2.29 1.34 -15.02
C LYS A 96 -1.46 2.25 -15.92
N LYS A 97 -1.66 2.12 -17.23
CA LYS A 97 -0.94 2.93 -18.19
C LYS A 97 -1.50 4.36 -18.22
N ALA A 98 -0.61 5.33 -18.40
CA ALA A 98 -1.01 6.74 -18.45
C ALA A 98 -1.15 7.20 -19.90
N PRO A 99 -2.11 8.13 -20.13
CA PRO A 99 -2.37 8.67 -21.46
C PRO A 99 -1.24 9.58 -21.94
N SER A 100 -0.86 9.41 -23.21
CA SER A 100 0.21 10.22 -23.80
C SER A 100 0.08 11.68 -23.39
N PRO A 101 1.23 12.34 -23.18
CA PRO A 101 1.27 13.75 -22.79
C PRO A 101 0.82 14.69 -23.90
N SER A 102 0.67 14.13 -25.11
CA SER A 102 0.25 14.92 -26.26
C SER A 102 -1.19 15.38 -26.09
N SER A 103 -1.39 16.70 -26.12
CA SER A 103 -2.73 17.27 -25.97
C SER A 103 -3.19 17.92 -27.27
N GLY A 104 -4.41 17.58 -27.69
CA GLY A 104 -4.95 18.14 -28.93
C GLY A 104 -6.29 18.80 -28.71
N PRO A 105 -7.07 18.93 -29.81
CA PRO A 105 -8.39 19.55 -29.77
C PRO A 105 -9.41 18.70 -29.03
N SER A 106 -10.64 19.19 -28.93
CA SER A 106 -11.71 18.47 -28.25
C SER A 106 -13.07 18.96 -28.70
N SER A 107 -14.13 18.34 -28.18
CA SER A 107 -15.49 18.71 -28.53
C SER A 107 -16.39 18.75 -27.29
N GLY A 108 -17.38 19.65 -27.32
CA GLY A 108 -18.28 19.77 -26.19
C GLY A 108 -18.90 18.45 -25.79
N GLY A 1 18.51 -1.80 18.10
CA GLY A 1 18.55 -3.25 18.07
C GLY A 1 18.75 -3.79 16.67
N SER A 2 17.64 -3.95 15.93
CA SER A 2 17.70 -4.46 14.57
C SER A 2 17.20 -3.42 13.58
N SER A 3 17.82 -3.39 12.40
CA SER A 3 17.44 -2.43 11.36
C SER A 3 17.09 -3.16 10.07
N GLY A 4 15.79 -3.29 9.80
CA GLY A 4 15.34 -3.95 8.60
C GLY A 4 15.55 -5.45 8.66
N SER A 5 14.92 -6.10 9.64
CA SER A 5 15.05 -7.55 9.81
C SER A 5 13.70 -8.17 10.17
N SER A 6 13.18 -9.00 9.28
CA SER A 6 11.90 -9.66 9.52
C SER A 6 11.97 -11.14 9.15
N GLY A 7 11.39 -11.99 10.00
CA GLY A 7 11.41 -13.42 9.74
C GLY A 7 10.15 -14.10 10.26
N LEU A 8 9.01 -13.46 10.06
CA LEU A 8 7.73 -14.02 10.50
C LEU A 8 6.73 -14.05 9.36
N ALA A 9 5.64 -14.79 9.55
CA ALA A 9 4.60 -14.90 8.53
C ALA A 9 3.57 -13.78 8.68
N PRO A 10 2.99 -13.36 7.55
CA PRO A 10 1.99 -12.30 7.52
C PRO A 10 0.67 -12.72 8.16
N PRO A 11 -0.04 -11.75 8.76
CA PRO A 11 -1.33 -12.01 9.41
C PRO A 11 -2.43 -12.33 8.41
N ARG A 12 -2.51 -11.55 7.34
CA ARG A 12 -3.51 -11.75 6.31
C ARG A 12 -2.99 -11.31 4.95
N HIS A 13 -3.84 -11.43 3.93
CA HIS A 13 -3.46 -11.05 2.57
C HIS A 13 -3.93 -9.64 2.26
N LEU A 14 -3.29 -9.01 1.28
CA LEU A 14 -3.64 -7.65 0.88
C LEU A 14 -4.61 -7.65 -0.29
N GLY A 15 -5.10 -6.48 -0.66
CA GLY A 15 -6.04 -6.37 -1.76
C GLY A 15 -5.95 -5.03 -2.46
N PHE A 16 -5.83 -5.07 -3.79
CA PHE A 16 -5.75 -3.85 -4.59
C PHE A 16 -6.99 -3.66 -5.44
N SER A 17 -7.70 -2.56 -5.21
CA SER A 17 -8.91 -2.26 -5.96
C SER A 17 -8.87 -0.84 -6.54
N ASP A 18 -9.82 -0.54 -7.40
CA ASP A 18 -9.88 0.78 -8.03
C ASP A 18 -8.49 1.28 -8.40
N VAL A 19 -7.69 0.39 -8.98
CA VAL A 19 -6.34 0.75 -9.39
C VAL A 19 -6.35 1.63 -10.64
N SER A 20 -5.42 2.59 -10.68
CA SER A 20 -5.34 3.51 -11.80
C SER A 20 -3.89 3.62 -12.29
N HIS A 21 -3.69 4.39 -13.35
CA HIS A 21 -2.36 4.59 -13.91
C HIS A 21 -1.60 5.65 -13.13
N ASP A 22 -2.31 6.37 -12.27
CA ASP A 22 -1.70 7.42 -11.46
C ASP A 22 -2.12 7.30 -10.01
N ALA A 23 -2.62 6.13 -9.64
CA ALA A 23 -3.07 5.87 -8.28
C ALA A 23 -3.43 4.40 -8.06
N ALA A 24 -3.56 4.01 -6.81
CA ALA A 24 -3.90 2.63 -6.48
C ALA A 24 -4.44 2.51 -5.06
N ARG A 25 -5.59 1.87 -4.90
CA ARG A 25 -6.20 1.70 -3.60
C ARG A 25 -5.81 0.35 -2.98
N VAL A 26 -5.22 0.41 -1.79
CA VAL A 26 -4.79 -0.80 -1.10
C VAL A 26 -5.61 -1.01 0.17
N PHE A 27 -6.11 -2.24 0.35
CA PHE A 27 -6.91 -2.58 1.52
C PHE A 27 -6.50 -3.93 2.09
N TRP A 28 -6.74 -4.13 3.37
CA TRP A 28 -6.41 -5.38 4.04
C TRP A 28 -7.62 -5.98 4.75
N GLU A 29 -7.53 -7.26 5.10
CA GLU A 29 -8.62 -7.94 5.79
C GLU A 29 -8.58 -7.64 7.28
N GLY A 30 -7.82 -6.63 7.66
CA GLY A 30 -7.72 -6.26 9.06
C GLY A 30 -6.68 -7.07 9.80
N ALA A 31 -6.62 -6.89 11.11
CA ALA A 31 -5.66 -7.62 11.95
C ALA A 31 -6.36 -8.31 13.12
N PRO A 32 -5.73 -9.38 13.62
CA PRO A 32 -6.28 -10.15 14.75
C PRO A 32 -6.23 -9.38 16.06
N ARG A 33 -5.72 -8.15 16.00
CA ARG A 33 -5.61 -7.31 17.18
C ARG A 33 -5.85 -5.84 16.83
N PRO A 34 -6.30 -5.06 17.83
CA PRO A 34 -6.60 -3.64 17.65
C PRO A 34 -5.33 -2.81 17.44
N VAL A 35 -5.45 -1.76 16.62
CA VAL A 35 -4.32 -0.89 16.34
C VAL A 35 -4.66 0.57 16.59
N ARG A 36 -3.68 1.36 17.01
CA ARG A 36 -3.88 2.77 17.29
C ARG A 36 -3.67 3.61 16.03
N LEU A 37 -2.69 3.22 15.23
CA LEU A 37 -2.38 3.93 13.99
C LEU A 37 -1.80 2.98 12.94
N VAL A 38 -1.79 3.42 11.69
CA VAL A 38 -1.27 2.62 10.60
C VAL A 38 -0.44 3.46 9.63
N ARG A 39 0.79 3.04 9.39
CA ARG A 39 1.68 3.77 8.48
C ARG A 39 1.99 2.93 7.24
N VAL A 40 1.49 3.38 6.10
CA VAL A 40 1.71 2.68 4.84
C VAL A 40 2.83 3.33 4.03
N THR A 41 3.51 2.53 3.22
CA THR A 41 4.60 3.03 2.39
C THR A 41 4.64 2.31 1.05
N TYR A 42 4.79 3.08 -0.02
CA TYR A 42 4.85 2.52 -1.36
C TYR A 42 6.10 3.00 -2.10
N VAL A 43 6.67 2.11 -2.91
CA VAL A 43 7.87 2.44 -3.68
C VAL A 43 7.84 1.77 -5.05
N SER A 44 8.44 2.43 -6.03
CA SER A 44 8.49 1.91 -7.39
C SER A 44 9.16 0.54 -7.43
N SER A 45 8.94 -0.19 -8.52
CA SER A 45 9.52 -1.52 -8.67
C SER A 45 11.04 -1.47 -8.59
N GLU A 46 11.63 -0.57 -9.39
CA GLU A 46 13.08 -0.42 -9.40
C GLU A 46 13.55 0.45 -8.24
N GLY A 47 12.99 0.20 -7.07
CA GLY A 47 13.37 0.96 -5.88
C GLY A 47 13.65 2.40 -6.19
N GLY A 48 12.60 3.22 -6.24
CA GLY A 48 12.76 4.64 -6.53
C GLY A 48 11.76 5.50 -5.80
N HIS A 49 11.05 6.34 -6.54
CA HIS A 49 10.05 7.22 -5.95
C HIS A 49 9.13 6.46 -5.00
N SER A 50 9.14 6.85 -3.73
CA SER A 50 8.31 6.20 -2.72
C SER A 50 7.55 7.23 -1.88
N GLY A 51 6.46 6.80 -1.27
CA GLY A 51 5.67 7.70 -0.44
C GLY A 51 5.41 7.14 0.94
N GLN A 52 4.41 7.68 1.62
CA GLN A 52 4.07 7.23 2.96
C GLN A 52 2.77 7.88 3.44
N THR A 53 1.71 7.07 3.55
CA THR A 53 0.42 7.57 3.99
C THR A 53 0.06 7.00 5.36
N GLU A 54 -0.54 7.84 6.21
CA GLU A 54 -0.94 7.42 7.54
C GLU A 54 -2.46 7.23 7.62
N ALA A 55 -2.88 6.27 8.43
CA ALA A 55 -4.30 5.98 8.61
C ALA A 55 -4.58 5.38 9.97
N PRO A 56 -5.83 5.55 10.46
CA PRO A 56 -6.25 5.03 11.76
C PRO A 56 -6.35 3.52 11.77
N GLY A 57 -6.10 2.91 12.94
CA GLY A 57 -6.17 1.47 13.06
C GLY A 57 -7.50 0.91 12.59
N ASN A 58 -8.49 1.78 12.43
CA ASN A 58 -9.82 1.37 11.98
C ASN A 58 -9.89 1.35 10.46
N ALA A 59 -9.15 2.24 9.81
CA ALA A 59 -9.13 2.32 8.36
C ALA A 59 -8.61 1.03 7.75
N THR A 60 -9.48 0.30 7.06
CA THR A 60 -9.10 -0.97 6.43
C THR A 60 -8.83 -0.77 4.94
N SER A 61 -8.51 0.45 4.56
CA SER A 61 -8.23 0.77 3.16
C SER A 61 -7.65 2.17 3.02
N ALA A 62 -6.61 2.29 2.21
CA ALA A 62 -5.95 3.57 1.98
C ALA A 62 -5.53 3.73 0.52
N MET A 63 -5.66 4.95 0.00
CA MET A 63 -5.28 5.22 -1.38
C MET A 63 -3.81 5.65 -1.47
N LEU A 64 -3.29 5.68 -2.69
CA LEU A 64 -1.90 6.06 -2.91
C LEU A 64 -1.75 6.81 -4.23
N GLY A 65 -0.80 7.75 -4.26
CA GLY A 65 -0.57 8.53 -5.47
C GLY A 65 -0.14 9.94 -5.18
N PRO A 66 0.18 10.71 -6.23
CA PRO A 66 0.12 10.21 -7.61
C PRO A 66 1.20 9.18 -7.91
N LEU A 67 0.80 8.10 -8.58
CA LEU A 67 1.73 7.03 -8.92
C LEU A 67 2.03 7.03 -10.42
N SER A 68 2.88 6.11 -10.85
CA SER A 68 3.25 6.00 -12.26
C SER A 68 2.36 4.99 -12.98
N SER A 69 2.61 4.82 -14.27
CA SER A 69 1.84 3.88 -15.08
C SER A 69 2.69 2.68 -15.49
N SER A 70 2.04 1.53 -15.62
CA SER A 70 2.73 0.30 -15.99
C SER A 70 3.95 0.06 -15.10
N THR A 71 3.89 0.58 -13.88
CA THR A 71 4.99 0.42 -12.93
C THR A 71 4.52 -0.26 -11.66
N THR A 72 5.23 -1.31 -11.26
CA THR A 72 4.89 -2.05 -10.05
C THR A 72 5.38 -1.33 -8.80
N TYR A 73 4.44 -0.95 -7.94
CA TYR A 73 4.78 -0.25 -6.72
C TYR A 73 4.63 -1.16 -5.51
N THR A 74 5.74 -1.40 -4.81
CA THR A 74 5.73 -2.26 -3.64
C THR A 74 5.15 -1.53 -2.43
N VAL A 75 3.90 -1.84 -2.10
CA VAL A 75 3.23 -1.21 -0.97
C VAL A 75 3.57 -1.94 0.33
N ARG A 76 3.56 -1.20 1.43
CA ARG A 76 3.86 -1.77 2.74
C ARG A 76 2.98 -1.14 3.83
N VAL A 77 2.00 -1.90 4.29
CA VAL A 77 1.09 -1.42 5.33
C VAL A 77 1.58 -1.83 6.71
N THR A 78 2.29 -0.91 7.38
CA THR A 78 2.81 -1.18 8.71
C THR A 78 1.83 -0.72 9.79
N CYS A 79 1.29 -1.67 10.52
CA CYS A 79 0.34 -1.36 11.59
C CYS A 79 1.04 -1.22 12.93
N LEU A 80 1.07 0.01 13.45
CA LEU A 80 1.73 0.28 14.72
C LEU A 80 0.78 0.02 15.89
N TYR A 81 1.04 -1.05 16.63
CA TYR A 81 0.21 -1.42 17.77
C TYR A 81 0.52 -0.52 18.96
N PRO A 82 -0.52 -0.26 19.78
CA PRO A 82 -0.39 0.57 20.98
C PRO A 82 0.43 -0.09 22.08
N GLY A 83 0.60 -1.41 21.96
CA GLY A 83 1.36 -2.15 22.95
C GLY A 83 2.86 -1.95 22.80
N GLY A 84 3.47 -2.73 21.93
CA GLY A 84 4.91 -2.62 21.71
C GLY A 84 5.33 -3.10 20.34
N GLY A 85 4.99 -4.36 20.02
CA GLY A 85 5.34 -4.92 18.74
C GLY A 85 4.61 -4.26 17.59
N SER A 86 4.84 -4.74 16.37
CA SER A 86 4.20 -4.19 15.19
C SER A 86 4.22 -5.19 14.04
N SER A 87 3.29 -5.04 13.11
CA SER A 87 3.21 -5.93 11.96
C SER A 87 3.45 -5.17 10.66
N THR A 88 3.47 -5.89 9.54
CA THR A 88 3.70 -5.28 8.24
C THR A 88 3.17 -6.18 7.12
N LEU A 89 2.46 -5.57 6.18
CA LEU A 89 1.89 -6.29 5.05
C LEU A 89 2.45 -5.78 3.73
N THR A 90 3.23 -6.62 3.06
CA THR A 90 3.82 -6.25 1.78
C THR A 90 2.93 -6.68 0.61
N GLY A 91 2.83 -5.81 -0.40
CA GLY A 91 2.01 -6.12 -1.55
C GLY A 91 2.35 -5.25 -2.75
N ARG A 92 2.50 -5.89 -3.91
CA ARG A 92 2.84 -5.18 -5.14
C ARG A 92 1.59 -4.90 -5.96
N VAL A 93 1.52 -3.70 -6.53
CA VAL A 93 0.37 -3.31 -7.35
C VAL A 93 0.83 -2.64 -8.64
N THR A 94 0.56 -3.31 -9.76
CA THR A 94 0.94 -2.78 -11.07
C THR A 94 -0.05 -1.72 -11.54
N THR A 95 0.38 -0.47 -11.54
CA THR A 95 -0.47 0.63 -11.97
C THR A 95 -0.88 0.47 -13.43
N LYS A 96 -2.07 0.95 -13.76
CA LYS A 96 -2.58 0.87 -15.13
C LYS A 96 -1.74 1.72 -16.07
N LYS A 97 -1.93 1.51 -17.38
CA LYS A 97 -1.20 2.26 -18.38
C LYS A 97 -1.74 3.69 -18.49
N ALA A 98 -0.85 4.62 -18.81
CA ALA A 98 -1.22 6.03 -18.95
C ALA A 98 -1.55 6.37 -20.39
N PRO A 99 -2.53 7.26 -20.60
CA PRO A 99 -2.96 7.69 -21.93
C PRO A 99 -1.91 8.55 -22.62
N SER A 100 -2.23 9.02 -23.82
CA SER A 100 -1.31 9.86 -24.60
C SER A 100 -1.96 11.20 -24.93
N PRO A 101 -1.14 12.26 -24.91
CA PRO A 101 -1.60 13.62 -25.22
C PRO A 101 -1.95 13.79 -26.69
N SER A 102 -2.50 14.96 -27.03
CA SER A 102 -2.88 15.25 -28.41
C SER A 102 -3.24 16.72 -28.57
N SER A 103 -2.63 17.37 -29.55
CA SER A 103 -2.88 18.78 -29.81
C SER A 103 -4.36 19.02 -30.12
N GLY A 104 -4.88 18.26 -31.08
CA GLY A 104 -6.28 18.40 -31.45
C GLY A 104 -7.22 18.09 -30.31
N PRO A 105 -8.34 18.82 -30.24
CA PRO A 105 -9.35 18.63 -29.19
C PRO A 105 -10.10 17.32 -29.33
N SER A 106 -9.73 16.34 -28.52
CA SER A 106 -10.36 15.03 -28.55
C SER A 106 -11.74 15.08 -27.89
N SER A 107 -12.75 15.37 -28.69
CA SER A 107 -14.12 15.45 -28.18
C SER A 107 -14.20 16.38 -26.97
N GLY A 108 -13.49 17.51 -27.05
CA GLY A 108 -13.49 18.47 -25.95
C GLY A 108 -13.48 17.79 -24.59
N GLY A 1 24.46 -14.85 5.19
CA GLY A 1 24.77 -14.40 6.54
C GLY A 1 23.54 -14.05 7.34
N SER A 2 23.61 -12.96 8.10
CA SER A 2 22.49 -12.52 8.91
C SER A 2 22.21 -11.03 8.72
N SER A 3 21.30 -10.72 7.80
CA SER A 3 20.96 -9.33 7.51
C SER A 3 20.12 -8.73 8.64
N GLY A 4 19.05 -9.44 9.00
CA GLY A 4 18.18 -8.96 10.07
C GLY A 4 17.03 -9.91 10.35
N SER A 5 15.85 -9.35 10.58
CA SER A 5 14.67 -10.17 10.86
C SER A 5 13.74 -10.22 9.65
N SER A 6 13.90 -11.26 8.85
CA SER A 6 13.08 -11.43 7.65
C SER A 6 12.44 -12.82 7.63
N GLY A 7 11.95 -13.26 8.78
CA GLY A 7 11.32 -14.56 8.86
C GLY A 7 10.08 -14.55 9.74
N LEU A 8 8.92 -14.46 9.11
CA LEU A 8 7.65 -14.44 9.84
C LEU A 8 6.47 -14.52 8.88
N ALA A 9 5.43 -15.22 9.30
CA ALA A 9 4.23 -15.38 8.48
C ALA A 9 3.39 -14.10 8.49
N PRO A 10 2.74 -13.81 7.35
CA PRO A 10 1.90 -12.62 7.22
C PRO A 10 0.61 -12.72 8.03
N PRO A 11 0.11 -11.56 8.49
CA PRO A 11 -1.11 -11.49 9.29
C PRO A 11 -2.35 -11.81 8.47
N ARG A 12 -2.44 -11.23 7.28
CA ARG A 12 -3.57 -11.44 6.40
C ARG A 12 -3.18 -11.22 4.94
N HIS A 13 -4.16 -11.34 4.04
CA HIS A 13 -3.92 -11.14 2.61
C HIS A 13 -4.28 -9.72 2.19
N LEU A 14 -3.52 -9.19 1.24
CA LEU A 14 -3.76 -7.84 0.74
C LEU A 14 -4.67 -7.86 -0.49
N GLY A 15 -5.27 -6.71 -0.80
CA GLY A 15 -6.14 -6.62 -1.96
C GLY A 15 -6.10 -5.25 -2.61
N PHE A 16 -5.89 -5.24 -3.91
CA PHE A 16 -5.82 -3.99 -4.66
C PHE A 16 -7.03 -3.83 -5.58
N SER A 17 -7.84 -2.81 -5.29
CA SER A 17 -9.03 -2.55 -6.09
C SER A 17 -9.03 -1.13 -6.64
N ASP A 18 -9.76 -0.92 -7.72
CA ASP A 18 -9.84 0.40 -8.35
C ASP A 18 -8.45 0.93 -8.69
N VAL A 19 -7.58 0.04 -9.14
CA VAL A 19 -6.21 0.41 -9.50
C VAL A 19 -6.19 1.23 -10.79
N SER A 20 -5.62 2.43 -10.71
CA SER A 20 -5.53 3.31 -11.87
C SER A 20 -4.10 3.40 -12.37
N HIS A 21 -3.88 4.24 -13.38
CA HIS A 21 -2.55 4.42 -13.96
C HIS A 21 -1.77 5.48 -13.20
N ASP A 22 -2.46 6.20 -12.32
CA ASP A 22 -1.83 7.25 -11.53
C ASP A 22 -2.25 7.15 -10.07
N ALA A 23 -2.75 5.99 -9.68
CA ALA A 23 -3.19 5.77 -8.30
C ALA A 23 -3.60 4.31 -8.08
N ALA A 24 -3.63 3.89 -6.83
CA ALA A 24 -4.01 2.54 -6.48
C ALA A 24 -4.55 2.45 -5.06
N ARG A 25 -5.72 1.85 -4.92
CA ARG A 25 -6.35 1.71 -3.60
C ARG A 25 -5.98 0.37 -2.96
N VAL A 26 -5.28 0.42 -1.84
CA VAL A 26 -4.87 -0.79 -1.14
C VAL A 26 -5.72 -1.00 0.12
N PHE A 27 -6.30 -2.19 0.23
CA PHE A 27 -7.13 -2.53 1.39
C PHE A 27 -6.75 -3.89 1.96
N TRP A 28 -7.05 -4.10 3.23
CA TRP A 28 -6.74 -5.35 3.90
C TRP A 28 -7.96 -5.90 4.63
N GLU A 29 -7.87 -7.15 5.09
CA GLU A 29 -8.97 -7.78 5.81
C GLU A 29 -8.85 -7.54 7.31
N GLY A 30 -8.00 -6.58 7.68
CA GLY A 30 -7.81 -6.25 9.09
C GLY A 30 -6.76 -7.13 9.73
N ALA A 31 -6.61 -6.99 11.05
CA ALA A 31 -5.64 -7.76 11.79
C ALA A 31 -6.28 -8.44 13.00
N PRO A 32 -5.65 -9.52 13.48
CA PRO A 32 -6.14 -10.28 14.64
C PRO A 32 -6.00 -9.50 15.94
N ARG A 33 -5.50 -8.27 15.84
CA ARG A 33 -5.31 -7.42 17.01
C ARG A 33 -5.61 -5.96 16.69
N PRO A 34 -6.02 -5.21 17.72
CA PRO A 34 -6.34 -3.78 17.56
C PRO A 34 -5.11 -2.93 17.27
N VAL A 35 -5.28 -1.92 16.43
CA VAL A 35 -4.18 -1.03 16.08
C VAL A 35 -4.50 0.41 16.46
N ARG A 36 -3.46 1.16 16.82
CA ARG A 36 -3.62 2.56 17.20
C ARG A 36 -3.39 3.49 16.02
N LEU A 37 -2.54 3.05 15.10
CA LEU A 37 -2.22 3.84 13.91
C LEU A 37 -1.47 3.00 12.87
N VAL A 38 -1.76 3.25 11.60
CA VAL A 38 -1.12 2.52 10.52
C VAL A 38 -0.31 3.45 9.63
N ARG A 39 0.91 3.05 9.30
CA ARG A 39 1.79 3.86 8.45
C ARG A 39 2.14 3.11 7.17
N VAL A 40 1.45 3.45 6.09
CA VAL A 40 1.70 2.81 4.79
C VAL A 40 2.86 3.47 4.06
N THR A 41 3.64 2.65 3.37
CA THR A 41 4.80 3.15 2.62
C THR A 41 4.96 2.42 1.30
N TYR A 42 4.82 3.15 0.20
CA TYR A 42 4.96 2.57 -1.13
C TYR A 42 6.27 2.99 -1.79
N VAL A 43 6.66 2.28 -2.84
CA VAL A 43 7.89 2.57 -3.56
C VAL A 43 7.92 1.92 -4.93
N SER A 44 8.49 2.61 -5.90
CA SER A 44 8.57 2.09 -7.27
C SER A 44 9.69 1.06 -7.39
N SER A 45 9.46 0.04 -8.21
CA SER A 45 10.44 -1.01 -8.42
C SER A 45 11.82 -0.42 -8.71
N GLU A 46 11.86 0.53 -9.64
CA GLU A 46 13.11 1.18 -10.02
C GLU A 46 13.93 1.54 -8.78
N GLY A 47 13.26 2.13 -7.79
CA GLY A 47 13.94 2.51 -6.56
C GLY A 47 14.40 3.96 -6.59
N GLY A 48 13.47 4.88 -6.33
CA GLY A 48 13.81 6.29 -6.33
C GLY A 48 12.70 7.14 -5.75
N HIS A 49 11.48 6.95 -6.24
CA HIS A 49 10.34 7.71 -5.77
C HIS A 49 9.49 6.88 -4.81
N SER A 50 9.49 7.27 -3.54
CA SER A 50 8.72 6.56 -2.52
C SER A 50 7.79 7.52 -1.78
N GLY A 51 6.81 6.95 -1.08
CA GLY A 51 5.87 7.77 -0.34
C GLY A 51 5.59 7.21 1.05
N GLN A 52 4.64 7.83 1.76
CA GLN A 52 4.29 7.39 3.10
C GLN A 52 3.06 8.13 3.61
N THR A 53 2.03 7.38 3.98
CA THR A 53 0.79 7.96 4.48
C THR A 53 0.43 7.40 5.85
N GLU A 54 -0.35 8.16 6.62
CA GLU A 54 -0.76 7.74 7.95
C GLU A 54 -2.27 7.58 8.02
N ALA A 55 -2.72 6.46 8.56
CA ALA A 55 -4.15 6.18 8.69
C ALA A 55 -4.49 5.70 10.10
N PRO A 56 -5.76 5.86 10.48
CA PRO A 56 -6.25 5.46 11.81
C PRO A 56 -6.28 3.94 11.98
N GLY A 57 -6.25 3.50 13.23
CA GLY A 57 -6.27 2.07 13.50
C GLY A 57 -7.57 1.41 13.08
N ASN A 58 -8.53 2.24 12.66
CA ASN A 58 -9.83 1.72 12.23
C ASN A 58 -9.93 1.73 10.71
N ALA A 59 -8.86 2.16 10.05
CA ALA A 59 -8.82 2.21 8.60
C ALA A 59 -8.48 0.85 8.01
N THR A 60 -9.36 0.33 7.16
CA THR A 60 -9.16 -0.96 6.52
C THR A 60 -8.88 -0.82 5.04
N SER A 61 -8.62 0.42 4.60
CA SER A 61 -8.35 0.70 3.20
C SER A 61 -7.80 2.11 3.02
N ALA A 62 -6.79 2.24 2.16
CA ALA A 62 -6.18 3.54 1.90
C ALA A 62 -5.79 3.67 0.44
N MET A 63 -5.80 4.91 -0.07
CA MET A 63 -5.44 5.17 -1.45
C MET A 63 -4.01 5.68 -1.56
N LEU A 64 -3.39 5.47 -2.71
CA LEU A 64 -2.02 5.91 -2.95
C LEU A 64 -1.89 6.68 -4.25
N GLY A 65 -1.00 7.65 -4.29
CA GLY A 65 -0.80 8.44 -5.49
C GLY A 65 -0.37 9.87 -5.18
N PRO A 66 -0.10 10.64 -6.24
CA PRO A 66 -0.19 10.17 -7.62
C PRO A 66 0.89 9.15 -7.95
N LEU A 67 0.48 8.00 -8.47
CA LEU A 67 1.41 6.94 -8.82
C LEU A 67 1.75 7.00 -10.32
N SER A 68 2.53 6.03 -10.78
CA SER A 68 2.92 5.97 -12.19
C SER A 68 2.08 4.95 -12.94
N SER A 69 2.35 4.81 -14.24
CA SER A 69 1.62 3.86 -15.08
C SER A 69 2.51 2.69 -15.48
N SER A 70 1.89 1.55 -15.73
CA SER A 70 2.62 0.35 -16.12
C SER A 70 3.86 0.17 -15.26
N THR A 71 3.78 0.63 -14.01
CA THR A 71 4.91 0.52 -13.09
C THR A 71 4.47 -0.13 -11.78
N THR A 72 5.18 -1.19 -11.39
CA THR A 72 4.87 -1.91 -10.16
C THR A 72 5.30 -1.11 -8.94
N TYR A 73 4.42 -1.02 -7.95
CA TYR A 73 4.72 -0.29 -6.72
C TYR A 73 4.60 -1.19 -5.50
N THR A 74 5.69 -1.30 -4.75
CA THR A 74 5.71 -2.13 -3.55
C THR A 74 5.11 -1.40 -2.36
N VAL A 75 3.86 -1.73 -2.03
CA VAL A 75 3.17 -1.11 -0.91
C VAL A 75 3.49 -1.83 0.39
N ARG A 76 3.71 -1.06 1.46
CA ARG A 76 4.01 -1.62 2.77
C ARG A 76 3.12 -1.01 3.84
N VAL A 77 2.15 -1.79 4.31
CA VAL A 77 1.23 -1.33 5.34
C VAL A 77 1.69 -1.77 6.72
N THR A 78 2.35 -0.87 7.45
CA THR A 78 2.84 -1.18 8.78
C THR A 78 1.84 -0.77 9.85
N CYS A 79 1.25 -1.76 10.52
CA CYS A 79 0.26 -1.49 11.56
C CYS A 79 0.93 -1.41 12.93
N LEU A 80 1.02 -0.19 13.46
CA LEU A 80 1.63 0.04 14.76
C LEU A 80 0.65 -0.26 15.88
N TYR A 81 0.85 -1.40 16.55
CA TYR A 81 -0.03 -1.80 17.65
C TYR A 81 0.29 -1.01 18.91
N PRO A 82 -0.75 -0.69 19.69
CA PRO A 82 -0.61 0.06 20.94
C PRO A 82 0.10 -0.74 22.03
N GLY A 83 1.10 -0.15 22.65
CA GLY A 83 1.83 -0.84 23.71
C GLY A 83 3.21 -1.27 23.27
N GLY A 84 3.27 -2.25 22.38
CA GLY A 84 4.55 -2.75 21.89
C GLY A 84 4.38 -3.81 20.83
N GLY A 85 4.93 -3.54 19.65
CA GLY A 85 4.83 -4.50 18.55
C GLY A 85 4.19 -3.89 17.31
N SER A 86 4.39 -4.53 16.17
CA SER A 86 3.83 -4.05 14.91
C SER A 86 4.08 -5.05 13.79
N SER A 87 3.17 -5.10 12.83
CA SER A 87 3.28 -6.01 11.70
C SER A 87 3.54 -5.25 10.41
N THR A 88 3.82 -5.99 9.33
CA THR A 88 4.09 -5.38 8.03
C THR A 88 3.50 -6.23 6.90
N LEU A 89 2.59 -5.64 6.14
CA LEU A 89 1.96 -6.33 5.02
C LEU A 89 2.51 -5.84 3.69
N THR A 90 3.34 -6.65 3.05
CA THR A 90 3.93 -6.30 1.76
C THR A 90 3.01 -6.68 0.62
N GLY A 91 2.68 -5.70 -0.22
CA GLY A 91 1.81 -5.95 -1.35
C GLY A 91 2.24 -5.19 -2.60
N ARG A 92 2.54 -5.94 -3.66
CA ARG A 92 2.98 -5.33 -4.91
C ARG A 92 1.80 -5.22 -5.89
N VAL A 93 1.68 -4.05 -6.52
CA VAL A 93 0.61 -3.80 -7.48
C VAL A 93 1.13 -3.08 -8.71
N THR A 94 0.64 -3.47 -9.88
CA THR A 94 1.06 -2.85 -11.13
C THR A 94 -0.01 -1.88 -11.65
N THR A 95 0.30 -0.60 -11.57
CA THR A 95 -0.62 0.44 -12.03
C THR A 95 -1.03 0.21 -13.47
N LYS A 96 -2.18 0.77 -13.85
CA LYS A 96 -2.67 0.62 -15.21
C LYS A 96 -1.91 1.53 -16.18
N LYS A 97 -2.07 1.28 -17.47
CA LYS A 97 -1.39 2.07 -18.49
C LYS A 97 -2.07 3.43 -18.66
N ALA A 98 -1.26 4.48 -18.71
CA ALA A 98 -1.77 5.83 -18.88
C ALA A 98 -2.13 6.12 -20.33
N PRO A 99 -3.20 6.88 -20.54
CA PRO A 99 -3.67 7.25 -21.88
C PRO A 99 -2.71 8.21 -22.59
N SER A 100 -1.85 7.66 -23.44
CA SER A 100 -0.88 8.47 -24.17
C SER A 100 -1.51 9.78 -24.64
N PRO A 101 -2.57 9.68 -25.45
CA PRO A 101 -3.29 10.84 -25.98
C PRO A 101 -4.07 11.58 -24.90
N SER A 102 -4.62 12.74 -25.26
CA SER A 102 -5.40 13.54 -24.32
C SER A 102 -6.78 12.94 -24.10
N SER A 103 -7.26 12.99 -22.86
CA SER A 103 -8.56 12.46 -22.51
C SER A 103 -9.44 13.53 -21.87
N GLY A 104 -10.71 13.19 -21.64
CA GLY A 104 -11.62 14.13 -21.04
C GLY A 104 -12.80 13.44 -20.36
N PRO A 105 -13.32 14.06 -19.29
CA PRO A 105 -14.46 13.51 -18.54
C PRO A 105 -15.76 13.57 -19.33
N SER A 106 -15.70 14.17 -20.52
CA SER A 106 -16.87 14.30 -21.38
C SER A 106 -17.72 13.04 -21.32
N SER A 107 -17.07 11.89 -21.38
CA SER A 107 -17.76 10.60 -21.35
C SER A 107 -18.24 10.29 -19.94
N GLY A 108 -19.41 10.81 -19.58
CA GLY A 108 -19.96 10.58 -18.26
C GLY A 108 -18.90 10.60 -17.17
N GLY A 1 6.54 -12.83 31.58
CA GLY A 1 6.10 -13.66 30.48
C GLY A 1 7.04 -13.56 29.28
N SER A 2 6.93 -14.52 28.38
CA SER A 2 7.78 -14.54 27.19
C SER A 2 7.34 -15.65 26.23
N SER A 3 7.05 -15.26 24.99
CA SER A 3 6.61 -16.23 23.98
C SER A 3 6.78 -15.63 22.57
N GLY A 4 6.93 -16.52 21.59
CA GLY A 4 7.10 -16.07 20.22
C GLY A 4 6.64 -17.11 19.21
N SER A 5 5.66 -16.75 18.38
CA SER A 5 5.13 -17.66 17.38
C SER A 5 6.25 -18.22 16.51
N SER A 6 7.38 -17.52 16.50
CA SER A 6 8.53 -17.95 15.71
C SER A 6 8.09 -18.40 14.31
N GLY A 7 7.30 -17.57 13.66
CA GLY A 7 6.82 -17.89 12.32
C GLY A 7 7.20 -16.85 11.30
N LEU A 8 7.05 -17.19 10.02
CA LEU A 8 7.38 -16.26 8.94
C LEU A 8 6.24 -16.16 7.94
N ALA A 9 5.22 -15.40 8.29
CA ALA A 9 4.06 -15.22 7.42
C ALA A 9 3.14 -14.11 7.94
N PRO A 10 2.50 -13.39 7.01
CA PRO A 10 1.59 -12.30 7.35
C PRO A 10 0.30 -12.80 8.00
N PRO A 11 -0.34 -11.93 8.79
CA PRO A 11 -1.59 -12.26 9.49
C PRO A 11 -2.77 -12.39 8.53
N ARG A 12 -2.86 -11.45 7.58
CA ARG A 12 -3.94 -11.46 6.60
C ARG A 12 -3.39 -11.25 5.19
N HIS A 13 -4.29 -11.18 4.22
CA HIS A 13 -3.91 -10.97 2.83
C HIS A 13 -4.30 -9.58 2.35
N LEU A 14 -3.47 -8.97 1.52
CA LEU A 14 -3.73 -7.64 0.99
C LEU A 14 -4.63 -7.71 -0.23
N GLY A 15 -5.13 -6.55 -0.65
CA GLY A 15 -5.99 -6.50 -1.83
C GLY A 15 -5.96 -5.14 -2.50
N PHE A 16 -5.71 -5.14 -3.80
CA PHE A 16 -5.66 -3.90 -4.57
C PHE A 16 -6.85 -3.79 -5.51
N SER A 17 -7.63 -2.73 -5.33
CA SER A 17 -8.81 -2.50 -6.17
C SER A 17 -8.83 -1.08 -6.70
N ASP A 18 -9.75 -0.81 -7.63
CA ASP A 18 -9.88 0.51 -8.22
C ASP A 18 -8.51 1.09 -8.56
N VAL A 19 -7.61 0.24 -9.01
CA VAL A 19 -6.25 0.66 -9.37
C VAL A 19 -6.26 1.48 -10.66
N SER A 20 -5.44 2.51 -10.69
CA SER A 20 -5.34 3.39 -11.86
C SER A 20 -3.92 3.48 -12.36
N HIS A 21 -3.70 4.32 -13.37
CA HIS A 21 -2.37 4.51 -13.94
C HIS A 21 -1.56 5.52 -13.13
N ASP A 22 -2.25 6.28 -12.29
CA ASP A 22 -1.60 7.29 -11.46
C ASP A 22 -2.08 7.19 -10.01
N ALA A 23 -2.57 6.02 -9.63
CA ALA A 23 -3.06 5.78 -8.28
C ALA A 23 -3.40 4.32 -8.05
N ALA A 24 -3.54 3.93 -6.79
CA ALA A 24 -3.87 2.55 -6.44
C ALA A 24 -4.47 2.48 -5.04
N ARG A 25 -5.57 1.72 -4.92
CA ARG A 25 -6.25 1.56 -3.64
C ARG A 25 -5.82 0.27 -2.96
N VAL A 26 -5.29 0.40 -1.75
CA VAL A 26 -4.85 -0.77 -0.98
C VAL A 26 -5.72 -0.99 0.24
N PHE A 27 -6.25 -2.20 0.37
CA PHE A 27 -7.10 -2.54 1.51
C PHE A 27 -6.71 -3.90 2.10
N TRP A 28 -6.67 -3.97 3.42
CA TRP A 28 -6.31 -5.19 4.12
C TRP A 28 -7.45 -5.69 5.00
N GLU A 29 -7.38 -6.95 5.40
CA GLU A 29 -8.42 -7.54 6.26
C GLU A 29 -8.11 -7.29 7.72
N GLY A 30 -7.24 -6.33 7.99
CA GLY A 30 -6.88 -6.01 9.36
C GLY A 30 -5.95 -7.04 9.97
N ALA A 31 -5.74 -6.94 11.28
CA ALA A 31 -4.86 -7.87 11.99
C ALA A 31 -5.51 -8.35 13.28
N PRO A 32 -5.13 -9.57 13.72
CA PRO A 32 -5.66 -10.16 14.95
C PRO A 32 -5.15 -9.45 16.20
N ARG A 33 -4.38 -8.38 16.00
CA ARG A 33 -3.83 -7.63 17.12
C ARG A 33 -4.34 -6.19 17.10
N PRO A 34 -4.35 -5.55 18.27
CA PRO A 34 -4.80 -4.16 18.42
C PRO A 34 -3.86 -3.16 17.77
N VAL A 35 -4.43 -2.15 17.12
CA VAL A 35 -3.63 -1.13 16.46
C VAL A 35 -4.13 0.27 16.81
N ARG A 36 -3.18 1.16 17.12
CA ARG A 36 -3.52 2.53 17.48
C ARG A 36 -3.33 3.47 16.29
N LEU A 37 -2.42 3.11 15.40
CA LEU A 37 -2.15 3.92 14.22
C LEU A 37 -1.54 3.07 13.11
N VAL A 38 -1.68 3.55 11.86
CA VAL A 38 -1.15 2.83 10.72
C VAL A 38 -0.30 3.75 9.84
N ARG A 39 0.77 3.20 9.27
CA ARG A 39 1.66 3.98 8.42
C ARG A 39 2.00 3.20 7.15
N VAL A 40 1.30 3.51 6.06
CA VAL A 40 1.53 2.85 4.79
C VAL A 40 2.71 3.47 4.05
N THR A 41 3.49 2.63 3.37
CA THR A 41 4.64 3.10 2.63
C THR A 41 4.76 2.37 1.29
N TYR A 42 4.73 3.13 0.20
CA TYR A 42 4.82 2.56 -1.13
C TYR A 42 6.07 3.08 -1.85
N VAL A 43 6.52 2.33 -2.85
CA VAL A 43 7.70 2.70 -3.63
C VAL A 43 7.68 2.08 -5.01
N SER A 44 8.35 2.72 -5.95
CA SER A 44 8.40 2.23 -7.32
C SER A 44 9.22 0.94 -7.41
N SER A 45 9.36 0.43 -8.64
CA SER A 45 10.11 -0.80 -8.85
C SER A 45 11.59 -0.50 -9.10
N GLU A 46 11.86 0.54 -9.87
CA GLU A 46 13.22 0.93 -10.18
C GLU A 46 13.79 1.84 -9.09
N GLY A 47 13.42 1.57 -7.85
CA GLY A 47 13.90 2.37 -6.73
C GLY A 47 14.02 3.84 -7.09
N GLY A 48 12.95 4.59 -6.85
CA GLY A 48 12.96 6.01 -7.15
C GLY A 48 11.88 6.77 -6.40
N HIS A 49 10.71 6.88 -7.01
CA HIS A 49 9.59 7.60 -6.39
C HIS A 49 8.95 6.75 -5.29
N SER A 50 8.82 7.33 -4.11
CA SER A 50 8.23 6.63 -2.97
C SER A 50 7.23 7.52 -2.24
N GLY A 51 6.46 6.92 -1.34
CA GLY A 51 5.47 7.67 -0.59
C GLY A 51 5.17 7.04 0.77
N GLN A 52 4.44 7.78 1.61
CA GLN A 52 4.10 7.30 2.94
C GLN A 52 2.89 8.05 3.49
N THR A 53 1.86 7.30 3.88
CA THR A 53 0.65 7.89 4.42
C THR A 53 0.32 7.32 5.79
N GLU A 54 -0.56 7.99 6.52
CA GLU A 54 -0.96 7.55 7.85
C GLU A 54 -2.47 7.30 7.90
N ALA A 55 -2.87 6.28 8.66
CA ALA A 55 -4.28 5.94 8.80
C ALA A 55 -4.57 5.37 10.18
N PRO A 56 -5.82 5.55 10.65
CA PRO A 56 -6.25 5.06 11.96
C PRO A 56 -6.35 3.54 12.00
N GLY A 57 -6.28 2.98 13.22
CA GLY A 57 -6.36 1.54 13.37
C GLY A 57 -7.65 0.97 12.82
N ASN A 58 -8.65 1.83 12.64
CA ASN A 58 -9.94 1.40 12.13
C ASN A 58 -9.96 1.44 10.61
N ALA A 59 -8.99 2.15 10.03
CA ALA A 59 -8.89 2.26 8.58
C ALA A 59 -8.29 1.00 7.96
N THR A 60 -9.10 0.30 7.17
CA THR A 60 -8.66 -0.93 6.53
C THR A 60 -8.52 -0.74 5.02
N SER A 61 -8.32 0.51 4.60
CA SER A 61 -8.17 0.82 3.19
C SER A 61 -7.68 2.25 3.01
N ALA A 62 -6.78 2.45 2.04
CA ALA A 62 -6.23 3.77 1.76
C ALA A 62 -5.77 3.87 0.32
N MET A 63 -5.81 5.09 -0.23
CA MET A 63 -5.40 5.32 -1.61
C MET A 63 -3.93 5.73 -1.67
N LEU A 64 -3.33 5.57 -2.85
CA LEU A 64 -1.93 5.92 -3.05
C LEU A 64 -1.73 6.70 -4.35
N GLY A 65 -0.78 7.61 -4.34
CA GLY A 65 -0.50 8.41 -5.53
C GLY A 65 -0.04 9.81 -5.19
N PRO A 66 0.31 10.59 -6.23
CA PRO A 66 0.25 10.13 -7.61
C PRO A 66 1.31 9.08 -7.92
N LEU A 67 0.88 7.96 -8.50
CA LEU A 67 1.79 6.87 -8.85
C LEU A 67 2.12 6.90 -10.33
N SER A 68 2.88 5.91 -10.78
CA SER A 68 3.27 5.81 -12.18
C SER A 68 2.36 4.85 -12.94
N SER A 69 2.57 4.76 -14.25
CA SER A 69 1.76 3.88 -15.09
C SER A 69 2.56 2.65 -15.50
N SER A 70 1.86 1.54 -15.75
CA SER A 70 2.50 0.30 -16.15
C SER A 70 3.74 0.04 -15.32
N THR A 71 3.71 0.49 -14.07
CA THR A 71 4.84 0.31 -13.16
C THR A 71 4.40 -0.35 -11.86
N THR A 72 5.18 -1.32 -11.39
CA THR A 72 4.86 -2.01 -10.15
C THR A 72 5.29 -1.21 -8.93
N TYR A 73 4.43 -1.16 -7.92
CA TYR A 73 4.73 -0.42 -6.70
C TYR A 73 4.70 -1.34 -5.49
N THR A 74 5.78 -1.31 -4.70
CA THR A 74 5.89 -2.14 -3.52
C THR A 74 5.21 -1.48 -2.32
N VAL A 75 3.97 -1.88 -2.05
CA VAL A 75 3.22 -1.31 -0.94
C VAL A 75 3.55 -2.04 0.37
N ARG A 76 3.41 -1.33 1.48
CA ARG A 76 3.69 -1.91 2.79
C ARG A 76 2.86 -1.23 3.88
N VAL A 77 1.86 -1.95 4.38
CA VAL A 77 0.99 -1.42 5.42
C VAL A 77 1.56 -1.69 6.81
N THR A 78 2.40 -0.78 7.29
CA THR A 78 3.02 -0.93 8.61
C THR A 78 2.04 -0.56 9.71
N CYS A 79 1.45 -1.56 10.34
CA CYS A 79 0.48 -1.34 11.42
C CYS A 79 1.18 -1.31 12.78
N LEU A 80 1.23 -0.14 13.39
CA LEU A 80 1.87 0.01 14.69
C LEU A 80 0.91 -0.34 15.83
N TYR A 81 1.35 -1.23 16.71
CA TYR A 81 0.52 -1.66 17.83
C TYR A 81 0.73 -0.74 19.04
N PRO A 82 -0.33 -0.57 19.83
CA PRO A 82 -0.29 0.28 21.04
C PRO A 82 0.57 -0.32 22.14
N GLY A 83 1.05 -1.54 21.91
CA GLY A 83 1.88 -2.21 22.90
C GLY A 83 1.98 -3.71 22.66
N GLY A 84 3.07 -4.13 22.03
CA GLY A 84 3.27 -5.54 21.75
C GLY A 84 4.19 -5.77 20.57
N GLY A 85 3.91 -5.11 19.46
CA GLY A 85 4.73 -5.26 18.27
C GLY A 85 4.19 -4.49 17.08
N SER A 86 4.15 -5.13 15.92
CA SER A 86 3.66 -4.50 14.70
C SER A 86 3.56 -5.51 13.57
N SER A 87 2.95 -5.08 12.46
CA SER A 87 2.78 -5.95 11.31
C SER A 87 2.97 -5.17 10.01
N THR A 88 3.82 -5.69 9.13
CA THR A 88 4.09 -5.05 7.85
C THR A 88 3.61 -5.92 6.69
N LEU A 89 2.46 -5.56 6.13
CA LEU A 89 1.89 -6.30 5.01
C LEU A 89 2.43 -5.76 3.68
N THR A 90 3.33 -6.52 3.06
CA THR A 90 3.92 -6.13 1.78
C THR A 90 3.06 -6.61 0.62
N GLY A 91 2.75 -5.70 -0.30
CA GLY A 91 1.95 -6.05 -1.46
C GLY A 91 2.40 -5.34 -2.71
N ARG A 92 2.62 -6.10 -3.77
CA ARG A 92 3.06 -5.53 -5.05
C ARG A 92 1.88 -5.35 -5.99
N VAL A 93 1.66 -4.12 -6.44
CA VAL A 93 0.57 -3.82 -7.36
C VAL A 93 1.08 -3.11 -8.61
N THR A 94 0.54 -3.51 -9.76
CA THR A 94 0.94 -2.91 -11.03
C THR A 94 -0.07 -1.85 -11.49
N THR A 95 0.39 -0.61 -11.55
CA THR A 95 -0.46 0.50 -11.96
C THR A 95 -0.92 0.33 -13.41
N LYS A 96 -2.10 0.85 -13.72
CA LYS A 96 -2.66 0.75 -15.06
C LYS A 96 -1.87 1.62 -16.03
N LYS A 97 -2.19 1.50 -17.32
CA LYS A 97 -1.51 2.27 -18.35
C LYS A 97 -2.10 3.67 -18.47
N ALA A 98 -1.24 4.68 -18.50
CA ALA A 98 -1.67 6.07 -18.62
C ALA A 98 -1.99 6.43 -20.06
N PRO A 99 -2.94 7.36 -20.25
CA PRO A 99 -3.34 7.81 -21.59
C PRO A 99 -2.26 8.64 -22.28
N SER A 100 -2.26 8.62 -23.60
CA SER A 100 -1.27 9.37 -24.38
C SER A 100 -1.61 10.86 -24.39
N PRO A 101 -0.57 11.70 -24.35
CA PRO A 101 -0.73 13.16 -24.35
C PRO A 101 -1.22 13.68 -25.70
N SER A 102 -2.53 13.68 -25.89
CA SER A 102 -3.13 14.14 -27.14
C SER A 102 -4.66 14.20 -27.02
N SER A 103 -5.26 15.08 -27.80
CA SER A 103 -6.72 15.24 -27.79
C SER A 103 -7.27 15.17 -29.20
N GLY A 104 -8.12 14.17 -29.44
CA GLY A 104 -8.72 14.02 -30.76
C GLY A 104 -9.85 15.00 -31.00
N PRO A 105 -10.81 14.61 -31.85
CA PRO A 105 -11.96 15.45 -32.19
C PRO A 105 -12.93 15.60 -31.03
N SER A 106 -13.60 16.74 -30.97
CA SER A 106 -14.55 17.02 -29.90
C SER A 106 -15.60 18.03 -30.35
N SER A 107 -16.76 17.98 -29.73
CA SER A 107 -17.85 18.90 -30.06
C SER A 107 -17.81 20.14 -29.18
N GLY A 108 -17.92 19.93 -27.87
CA GLY A 108 -17.90 21.04 -26.93
C GLY A 108 -16.63 21.87 -27.05
N GLY A 1 1.95 -24.98 29.55
CA GLY A 1 3.18 -24.86 28.78
C GLY A 1 3.46 -23.43 28.36
N SER A 2 4.54 -23.24 27.60
CA SER A 2 4.91 -21.92 27.13
C SER A 2 5.28 -21.96 25.65
N SER A 3 4.53 -21.21 24.83
CA SER A 3 4.77 -21.17 23.39
C SER A 3 5.29 -19.79 22.97
N GLY A 4 6.60 -19.59 23.10
CA GLY A 4 7.19 -18.32 22.73
C GLY A 4 8.29 -18.48 21.70
N SER A 5 7.98 -18.09 20.46
CA SER A 5 8.95 -18.18 19.37
C SER A 5 9.10 -16.85 18.65
N SER A 6 10.30 -16.60 18.12
CA SER A 6 10.58 -15.35 17.42
C SER A 6 10.73 -15.61 15.92
N GLY A 7 9.80 -15.08 15.14
CA GLY A 7 9.86 -15.25 13.70
C GLY A 7 8.70 -14.56 12.98
N LEU A 8 8.95 -13.36 12.50
CA LEU A 8 7.93 -12.59 11.79
C LEU A 8 7.08 -13.49 10.90
N ALA A 9 5.82 -13.13 10.74
CA ALA A 9 4.91 -13.91 9.92
C ALA A 9 3.73 -13.05 9.44
N PRO A 10 3.28 -13.32 8.21
CA PRO A 10 2.15 -12.58 7.60
C PRO A 10 0.82 -12.90 8.27
N PRO A 11 0.17 -11.85 8.80
CA PRO A 11 -1.13 -11.99 9.48
C PRO A 11 -2.25 -12.35 8.52
N ARG A 12 -2.34 -11.60 7.42
CA ARG A 12 -3.37 -11.83 6.42
C ARG A 12 -2.90 -11.40 5.03
N HIS A 13 -3.79 -11.48 4.05
CA HIS A 13 -3.46 -11.10 2.69
C HIS A 13 -3.99 -9.71 2.37
N LEU A 14 -3.35 -9.04 1.41
CA LEU A 14 -3.76 -7.71 1.01
C LEU A 14 -4.74 -7.75 -0.16
N GLY A 15 -5.19 -6.58 -0.60
CA GLY A 15 -6.13 -6.53 -1.71
C GLY A 15 -6.05 -5.20 -2.45
N PHE A 16 -5.86 -5.28 -3.77
CA PHE A 16 -5.76 -4.09 -4.60
C PHE A 16 -6.95 -4.00 -5.57
N SER A 17 -7.73 -2.93 -5.45
CA SER A 17 -8.89 -2.73 -6.29
C SER A 17 -8.97 -1.28 -6.77
N ASP A 18 -9.65 -1.07 -7.90
CA ASP A 18 -9.80 0.27 -8.46
C ASP A 18 -8.45 0.88 -8.79
N VAL A 19 -7.48 0.02 -9.10
CA VAL A 19 -6.13 0.47 -9.44
C VAL A 19 -6.14 1.37 -10.68
N SER A 20 -5.50 2.53 -10.58
CA SER A 20 -5.44 3.46 -11.70
C SER A 20 -4.03 3.55 -12.26
N HIS A 21 -3.85 4.39 -13.27
CA HIS A 21 -2.55 4.56 -13.91
C HIS A 21 -1.69 5.55 -13.13
N ASP A 22 -2.33 6.30 -12.24
CA ASP A 22 -1.63 7.29 -11.43
C ASP A 22 -2.02 7.17 -9.96
N ALA A 23 -2.58 6.03 -9.59
CA ALA A 23 -3.00 5.78 -8.22
C ALA A 23 -3.40 4.32 -8.01
N ALA A 24 -3.48 3.90 -6.75
CA ALA A 24 -3.86 2.54 -6.43
C ALA A 24 -4.45 2.44 -5.03
N ARG A 25 -5.60 1.80 -4.92
CA ARG A 25 -6.28 1.66 -3.63
C ARG A 25 -5.93 0.31 -3.00
N VAL A 26 -5.22 0.36 -1.87
CA VAL A 26 -4.82 -0.85 -1.16
C VAL A 26 -5.66 -1.04 0.10
N PHE A 27 -6.20 -2.24 0.27
CA PHE A 27 -7.01 -2.56 1.44
C PHE A 27 -6.63 -3.91 2.02
N TRP A 28 -6.94 -4.10 3.30
CA TRP A 28 -6.62 -5.36 3.98
C TRP A 28 -7.87 -5.95 4.63
N GLU A 29 -7.75 -7.20 5.09
CA GLU A 29 -8.86 -7.88 5.73
C GLU A 29 -8.85 -7.65 7.25
N GLY A 30 -8.10 -6.65 7.68
CA GLY A 30 -8.02 -6.35 9.09
C GLY A 30 -7.14 -7.34 9.84
N ALA A 31 -6.49 -6.86 10.90
CA ALA A 31 -5.62 -7.71 11.71
C ALA A 31 -6.39 -8.35 12.86
N PRO A 32 -5.87 -9.48 13.37
CA PRO A 32 -6.49 -10.21 14.47
C PRO A 32 -6.38 -9.46 15.80
N ARG A 33 -5.79 -8.27 15.75
CA ARG A 33 -5.62 -7.44 16.94
C ARG A 33 -5.92 -5.98 16.64
N PRO A 34 -6.36 -5.25 17.67
CA PRO A 34 -6.69 -3.82 17.54
C PRO A 34 -5.45 -2.96 17.33
N VAL A 35 -5.61 -1.89 16.54
CA VAL A 35 -4.50 -0.98 16.26
C VAL A 35 -4.87 0.46 16.58
N ARG A 36 -3.89 1.25 16.96
CA ARG A 36 -4.11 2.65 17.30
C ARG A 36 -3.79 3.56 16.11
N LEU A 37 -2.80 3.15 15.31
CA LEU A 37 -2.41 3.92 14.14
C LEU A 37 -1.83 3.01 13.07
N VAL A 38 -1.85 3.48 11.82
CA VAL A 38 -1.32 2.71 10.70
C VAL A 38 -0.40 3.56 9.83
N ARG A 39 0.68 2.95 9.35
CA ARG A 39 1.64 3.65 8.51
C ARG A 39 1.95 2.84 7.25
N VAL A 40 1.62 3.42 6.09
CA VAL A 40 1.86 2.75 4.82
C VAL A 40 3.02 3.41 4.07
N THR A 41 3.85 2.58 3.44
CA THR A 41 4.99 3.07 2.70
C THR A 41 5.09 2.41 1.32
N TYR A 42 4.90 3.19 0.27
CA TYR A 42 4.96 2.68 -1.08
C TYR A 42 6.24 3.14 -1.79
N VAL A 43 6.77 2.28 -2.65
CA VAL A 43 7.99 2.58 -3.38
C VAL A 43 7.96 1.98 -4.78
N SER A 44 8.54 2.69 -5.74
CA SER A 44 8.57 2.21 -7.12
C SER A 44 9.30 0.87 -7.22
N SER A 45 9.34 0.31 -8.42
CA SER A 45 9.99 -0.98 -8.65
C SER A 45 11.50 -0.81 -8.66
N GLU A 46 12.01 -0.14 -9.68
CA GLU A 46 13.44 0.10 -9.81
C GLU A 46 14.02 0.73 -8.55
N GLY A 47 13.35 1.78 -8.07
CA GLY A 47 13.80 2.46 -6.87
C GLY A 47 14.17 3.90 -7.13
N GLY A 48 13.22 4.80 -6.90
CA GLY A 48 13.47 6.22 -7.12
C GLY A 48 12.38 7.10 -6.53
N HIS A 49 11.13 6.70 -6.74
CA HIS A 49 9.99 7.46 -6.22
C HIS A 49 9.26 6.68 -5.13
N SER A 50 9.32 7.19 -3.91
CA SER A 50 8.67 6.54 -2.78
C SER A 50 7.91 7.54 -1.93
N GLY A 51 7.03 7.04 -1.06
CA GLY A 51 6.25 7.90 -0.20
C GLY A 51 5.81 7.22 1.07
N GLN A 52 4.81 7.81 1.73
CA GLN A 52 4.29 7.24 2.98
C GLN A 52 3.04 7.97 3.42
N THR A 53 2.13 7.24 4.07
CA THR A 53 0.88 7.82 4.54
C THR A 53 0.48 7.24 5.89
N GLU A 54 -0.29 8.01 6.66
CA GLU A 54 -0.74 7.58 7.98
C GLU A 54 -2.26 7.45 8.02
N ALA A 55 -2.74 6.39 8.66
CA ALA A 55 -4.18 6.17 8.78
C ALA A 55 -4.54 5.65 10.17
N PRO A 56 -5.83 5.78 10.53
CA PRO A 56 -6.33 5.33 11.83
C PRO A 56 -6.34 3.80 11.95
N GLY A 57 -6.14 3.30 13.17
CA GLY A 57 -6.15 1.87 13.38
C GLY A 57 -7.46 1.22 12.98
N ASN A 58 -8.47 2.05 12.71
CA ASN A 58 -9.78 1.55 12.32
C ASN A 58 -9.94 1.59 10.80
N ALA A 59 -8.86 1.93 10.11
CA ALA A 59 -8.87 2.01 8.65
C ALA A 59 -8.53 0.67 8.01
N THR A 60 -9.41 0.19 7.13
CA THR A 60 -9.19 -1.08 6.46
C THR A 60 -8.88 -0.88 4.98
N SER A 61 -8.58 0.36 4.62
CA SER A 61 -8.26 0.69 3.23
C SER A 61 -7.65 2.08 3.13
N ALA A 62 -6.80 2.28 2.13
CA ALA A 62 -6.14 3.56 1.92
C ALA A 62 -5.70 3.72 0.47
N MET A 63 -5.70 4.96 -0.02
CA MET A 63 -5.29 5.24 -1.39
C MET A 63 -3.83 5.65 -1.45
N LEU A 64 -3.24 5.57 -2.63
CA LEU A 64 -1.84 5.94 -2.82
C LEU A 64 -1.65 6.70 -4.13
N GLY A 65 -0.62 7.54 -4.18
CA GLY A 65 -0.34 8.31 -5.37
C GLY A 65 0.07 9.74 -5.06
N PRO A 66 0.29 10.54 -6.11
CA PRO A 66 0.15 10.09 -7.50
C PRO A 66 1.22 9.09 -7.91
N LEU A 67 0.81 7.94 -8.42
CA LEU A 67 1.74 6.90 -8.85
C LEU A 67 1.98 6.98 -10.36
N SER A 68 2.76 6.03 -10.88
CA SER A 68 3.07 5.99 -12.30
C SER A 68 2.19 4.98 -13.01
N SER A 69 2.38 4.84 -14.32
CA SER A 69 1.60 3.92 -15.13
C SER A 69 2.45 2.72 -15.55
N SER A 70 1.80 1.58 -15.76
CA SER A 70 2.50 0.36 -16.17
C SER A 70 3.74 0.15 -15.32
N THR A 71 3.69 0.60 -14.07
CA THR A 71 4.81 0.45 -13.16
C THR A 71 4.40 -0.28 -11.89
N THR A 72 5.21 -1.26 -11.49
CA THR A 72 4.93 -2.04 -10.29
C THR A 72 5.37 -1.31 -9.04
N TYR A 73 4.43 -1.07 -8.13
CA TYR A 73 4.72 -0.37 -6.89
C TYR A 73 4.65 -1.33 -5.70
N THR A 74 5.66 -1.26 -4.83
CA THR A 74 5.71 -2.11 -3.65
C THR A 74 5.07 -1.43 -2.44
N VAL A 75 3.80 -1.74 -2.19
CA VAL A 75 3.08 -1.15 -1.06
C VAL A 75 3.35 -1.93 0.22
N ARG A 76 3.51 -1.20 1.32
CA ARG A 76 3.77 -1.82 2.62
C ARG A 76 2.90 -1.20 3.70
N VAL A 77 2.04 -2.02 4.30
CA VAL A 77 1.14 -1.55 5.35
C VAL A 77 1.65 -1.96 6.73
N THR A 78 2.18 -0.99 7.46
CA THR A 78 2.70 -1.25 8.80
C THR A 78 1.76 -0.73 9.88
N CYS A 79 1.03 -1.66 10.52
CA CYS A 79 0.09 -1.29 11.57
C CYS A 79 0.79 -1.16 12.91
N LEU A 80 0.83 0.06 13.44
CA LEU A 80 1.48 0.33 14.72
C LEU A 80 0.53 0.04 15.88
N TYR A 81 0.78 -1.04 16.60
CA TYR A 81 -0.06 -1.42 17.73
C TYR A 81 0.25 -0.55 18.94
N PRO A 82 -0.78 -0.30 19.76
CA PRO A 82 -0.65 0.51 20.97
C PRO A 82 0.17 -0.18 22.05
N GLY A 83 0.15 -1.51 22.04
CA GLY A 83 0.90 -2.28 23.02
C GLY A 83 2.41 -2.23 22.78
N GLY A 84 2.91 -3.19 22.02
CA GLY A 84 4.33 -3.23 21.73
C GLY A 84 4.64 -4.05 20.48
N GLY A 85 5.08 -3.37 19.43
CA GLY A 85 5.40 -4.06 18.19
C GLY A 85 4.58 -3.56 17.02
N SER A 86 4.74 -4.20 15.87
CA SER A 86 4.00 -3.82 14.67
C SER A 86 4.26 -4.80 13.54
N SER A 87 3.24 -5.02 12.71
CA SER A 87 3.36 -5.94 11.58
C SER A 87 3.72 -5.20 10.30
N THR A 88 3.81 -5.93 9.20
CA THR A 88 4.14 -5.34 7.91
C THR A 88 3.55 -6.16 6.77
N LEU A 89 2.50 -5.62 6.15
CA LEU A 89 1.84 -6.29 5.04
C LEU A 89 2.37 -5.79 3.71
N THR A 90 3.11 -6.65 3.00
CA THR A 90 3.68 -6.29 1.71
C THR A 90 2.72 -6.63 0.58
N GLY A 91 2.72 -5.80 -0.47
CA GLY A 91 1.86 -6.03 -1.59
C GLY A 91 2.25 -5.22 -2.82
N ARG A 92 2.57 -5.91 -3.91
CA ARG A 92 2.97 -5.25 -5.14
C ARG A 92 1.78 -5.10 -6.08
N VAL A 93 1.56 -3.87 -6.54
CA VAL A 93 0.46 -3.59 -7.46
C VAL A 93 0.96 -2.89 -8.72
N THR A 94 0.51 -3.38 -9.87
CA THR A 94 0.90 -2.81 -11.16
C THR A 94 -0.12 -1.81 -11.66
N THR A 95 0.21 -0.53 -11.58
CA THR A 95 -0.69 0.53 -12.03
C THR A 95 -1.14 0.29 -13.46
N LYS A 96 -2.25 0.93 -13.84
CA LYS A 96 -2.79 0.78 -15.19
C LYS A 96 -2.01 1.65 -16.18
N LYS A 97 -2.23 1.39 -17.46
CA LYS A 97 -1.55 2.15 -18.51
C LYS A 97 -2.17 3.53 -18.67
N ALA A 98 -1.33 4.56 -18.73
CA ALA A 98 -1.79 5.93 -18.88
C ALA A 98 -2.16 6.22 -20.34
N PRO A 99 -3.21 7.05 -20.52
CA PRO A 99 -3.68 7.42 -21.85
C PRO A 99 -2.71 8.34 -22.58
N SER A 100 -2.15 7.84 -23.68
CA SER A 100 -1.20 8.62 -24.46
C SER A 100 -1.88 9.26 -25.67
N PRO A 101 -1.37 10.42 -26.09
CA PRO A 101 -1.91 11.16 -27.25
C PRO A 101 -1.64 10.45 -28.56
N SER A 102 -0.60 9.64 -28.59
CA SER A 102 -0.22 8.91 -29.80
C SER A 102 -1.47 8.46 -30.56
N SER A 103 -1.38 8.48 -31.89
CA SER A 103 -2.49 8.08 -32.74
C SER A 103 -2.27 6.68 -33.32
N GLY A 104 -3.26 5.82 -33.16
CA GLY A 104 -3.16 4.47 -33.66
C GLY A 104 -4.40 3.65 -33.39
N PRO A 105 -4.30 2.33 -33.60
CA PRO A 105 -5.42 1.40 -33.39
C PRO A 105 -5.76 1.24 -31.91
N SER A 106 -6.70 2.03 -31.44
CA SER A 106 -7.11 1.98 -30.04
C SER A 106 -7.43 0.54 -29.62
N SER A 107 -7.34 0.28 -28.32
CA SER A 107 -7.60 -1.05 -27.79
C SER A 107 -9.06 -1.44 -28.00
N GLY A 108 -9.35 -2.74 -27.93
CA GLY A 108 -10.70 -3.21 -28.12
C GLY A 108 -11.69 -2.54 -27.17
N GLY A 1 12.95 -15.71 26.42
CA GLY A 1 13.12 -16.53 25.23
C GLY A 1 12.04 -16.29 24.19
N SER A 2 12.44 -15.72 23.06
CA SER A 2 11.50 -15.42 21.98
C SER A 2 11.98 -16.03 20.67
N SER A 3 12.48 -17.25 20.73
CA SER A 3 12.97 -17.95 19.55
C SER A 3 12.48 -19.39 19.51
N GLY A 4 11.99 -19.82 18.36
CA GLY A 4 11.49 -21.17 18.20
C GLY A 4 10.58 -21.33 17.01
N SER A 5 9.61 -20.42 16.88
CA SER A 5 8.66 -20.47 15.78
C SER A 5 9.24 -19.79 14.54
N SER A 6 10.47 -20.15 14.18
CA SER A 6 11.13 -19.57 13.02
C SER A 6 10.18 -19.52 11.83
N GLY A 7 10.14 -18.36 11.18
CA GLY A 7 9.28 -18.20 10.02
C GLY A 7 7.97 -17.51 10.38
N LEU A 8 8.07 -16.37 11.06
CA LEU A 8 6.89 -15.61 11.46
C LEU A 8 5.82 -15.67 10.38
N ALA A 9 4.55 -15.59 10.79
CA ALA A 9 3.44 -15.63 9.85
C ALA A 9 2.68 -14.31 9.86
N PRO A 10 2.17 -13.91 8.68
CA PRO A 10 1.42 -12.66 8.53
C PRO A 10 0.05 -12.72 9.20
N PRO A 11 -0.44 -11.57 9.66
CA PRO A 11 -1.73 -11.46 10.33
C PRO A 11 -2.90 -11.68 9.37
N ARG A 12 -2.83 -11.03 8.21
CA ARG A 12 -3.88 -11.15 7.21
C ARG A 12 -3.31 -10.96 5.80
N HIS A 13 -4.18 -10.96 4.81
CA HIS A 13 -3.78 -10.80 3.41
C HIS A 13 -4.06 -9.38 2.93
N LEU A 14 -3.60 -9.07 1.73
CA LEU A 14 -3.81 -7.75 1.15
C LEU A 14 -4.80 -7.80 -0.01
N GLY A 15 -5.07 -6.65 -0.61
CA GLY A 15 -6.00 -6.60 -1.73
C GLY A 15 -6.04 -5.22 -2.38
N PHE A 16 -5.78 -5.17 -3.68
CA PHE A 16 -5.78 -3.92 -4.42
C PHE A 16 -7.04 -3.81 -5.29
N SER A 17 -7.80 -2.75 -5.10
CA SER A 17 -9.02 -2.52 -5.86
C SER A 17 -9.08 -1.09 -6.39
N ASP A 18 -9.70 -0.91 -7.55
CA ASP A 18 -9.84 0.40 -8.16
C ASP A 18 -8.46 0.98 -8.50
N VAL A 19 -7.57 0.13 -9.00
CA VAL A 19 -6.23 0.55 -9.37
C VAL A 19 -6.25 1.39 -10.64
N SER A 20 -5.58 2.53 -10.61
CA SER A 20 -5.51 3.42 -11.76
C SER A 20 -4.08 3.54 -12.28
N HIS A 21 -3.91 4.35 -13.33
CA HIS A 21 -2.59 4.55 -13.92
C HIS A 21 -1.79 5.57 -13.12
N ASP A 22 -2.46 6.31 -12.25
CA ASP A 22 -1.81 7.32 -11.43
C ASP A 22 -2.27 7.22 -9.98
N ALA A 23 -2.79 6.06 -9.61
CA ALA A 23 -3.26 5.83 -8.25
C ALA A 23 -3.56 4.36 -8.01
N ALA A 24 -3.68 3.99 -6.73
CA ALA A 24 -3.96 2.61 -6.36
C ALA A 24 -4.46 2.51 -4.92
N ARG A 25 -5.62 1.89 -4.75
CA ARG A 25 -6.21 1.74 -3.42
C ARG A 25 -5.79 0.41 -2.79
N VAL A 26 -5.05 0.49 -1.69
CA VAL A 26 -4.58 -0.70 -0.99
C VAL A 26 -5.42 -0.98 0.25
N PHE A 27 -6.02 -2.16 0.30
CA PHE A 27 -6.85 -2.55 1.43
C PHE A 27 -6.42 -3.90 1.99
N TRP A 28 -6.80 -4.17 3.23
CA TRP A 28 -6.46 -5.43 3.89
C TRP A 28 -7.68 -6.06 4.55
N GLU A 29 -7.52 -7.30 5.00
CA GLU A 29 -8.62 -8.01 5.65
C GLU A 29 -8.72 -7.61 7.13
N GLY A 30 -8.08 -6.51 7.48
CA GLY A 30 -8.10 -6.04 8.86
C GLY A 30 -7.16 -6.84 9.75
N ALA A 31 -7.38 -6.75 11.06
CA ALA A 31 -6.55 -7.47 12.02
C ALA A 31 -7.39 -7.99 13.18
N PRO A 32 -6.92 -9.10 13.80
CA PRO A 32 -7.61 -9.72 14.93
C PRO A 32 -7.53 -8.87 16.19
N ARG A 33 -6.77 -7.78 16.12
CA ARG A 33 -6.62 -6.89 17.26
C ARG A 33 -6.68 -5.42 16.82
N PRO A 34 -7.13 -4.54 17.73
CA PRO A 34 -7.24 -3.11 17.46
C PRO A 34 -5.88 -2.43 17.31
N VAL A 35 -5.81 -1.41 16.45
CA VAL A 35 -4.57 -0.69 16.23
C VAL A 35 -4.74 0.80 16.54
N ARG A 36 -3.64 1.46 16.90
CA ARG A 36 -3.67 2.88 17.21
C ARG A 36 -3.39 3.72 15.96
N LEU A 37 -2.43 3.28 15.16
CA LEU A 37 -2.06 3.98 13.94
C LEU A 37 -1.69 3.01 12.83
N VAL A 38 -1.86 3.44 11.58
CA VAL A 38 -1.54 2.61 10.44
C VAL A 38 -0.75 3.38 9.39
N ARG A 39 0.52 3.04 9.24
CA ARG A 39 1.39 3.70 8.28
C ARG A 39 1.53 2.87 7.01
N VAL A 40 1.54 3.54 5.86
CA VAL A 40 1.67 2.86 4.58
C VAL A 40 2.77 3.50 3.73
N THR A 41 3.72 2.69 3.28
CA THR A 41 4.83 3.17 2.47
C THR A 41 4.87 2.44 1.13
N TYR A 42 4.79 3.21 0.05
CA TYR A 42 4.82 2.63 -1.30
C TYR A 42 6.07 3.09 -2.05
N VAL A 43 6.64 2.20 -2.85
CA VAL A 43 7.83 2.50 -3.63
C VAL A 43 7.76 1.88 -5.02
N SER A 44 8.32 2.57 -6.00
CA SER A 44 8.31 2.08 -7.38
C SER A 44 9.08 0.77 -7.49
N SER A 45 9.09 0.19 -8.69
CA SER A 45 9.79 -1.06 -8.93
C SER A 45 11.30 -0.89 -8.80
N GLU A 46 11.83 0.10 -9.53
CA GLU A 46 13.26 0.38 -9.51
C GLU A 46 13.61 1.28 -8.33
N GLY A 47 13.05 0.98 -7.17
CA GLY A 47 13.32 1.77 -5.98
C GLY A 47 13.42 3.25 -6.30
N GLY A 48 12.53 3.74 -7.15
CA GLY A 48 12.55 5.14 -7.52
C GLY A 48 11.63 5.98 -6.65
N HIS A 49 10.50 6.40 -7.21
CA HIS A 49 9.52 7.20 -6.48
C HIS A 49 8.93 6.42 -5.31
N SER A 50 8.75 7.10 -4.19
CA SER A 50 8.19 6.47 -3.00
C SER A 50 7.42 7.48 -2.15
N GLY A 51 6.60 6.97 -1.24
CA GLY A 51 5.82 7.84 -0.38
C GLY A 51 5.45 7.18 0.93
N GLN A 52 4.78 7.93 1.81
CA GLN A 52 4.37 7.41 3.11
C GLN A 52 3.15 8.16 3.63
N THR A 53 2.06 7.43 3.87
CA THR A 53 0.83 8.03 4.37
C THR A 53 0.47 7.46 5.75
N GLU A 54 -0.38 8.18 6.47
CA GLU A 54 -0.81 7.76 7.79
C GLU A 54 -2.32 7.57 7.85
N ALA A 55 -2.76 6.49 8.47
CA ALA A 55 -4.17 6.19 8.60
C ALA A 55 -4.51 5.67 9.99
N PRO A 56 -5.78 5.83 10.40
CA PRO A 56 -6.26 5.38 11.71
C PRO A 56 -6.33 3.86 11.81
N GLY A 57 -6.01 3.34 12.99
CA GLY A 57 -6.04 1.91 13.19
C GLY A 57 -7.35 1.29 12.77
N ASN A 58 -8.38 2.12 12.63
CA ASN A 58 -9.70 1.66 12.23
C ASN A 58 -9.80 1.55 10.71
N ALA A 59 -9.10 2.43 10.00
CA ALA A 59 -9.12 2.43 8.54
C ALA A 59 -8.55 1.12 8.00
N THR A 60 -9.40 0.36 7.31
CA THR A 60 -9.00 -0.92 6.74
C THR A 60 -8.67 -0.77 5.25
N SER A 61 -8.39 0.46 4.83
CA SER A 61 -8.06 0.73 3.44
C SER A 61 -7.54 2.16 3.27
N ALA A 62 -6.58 2.33 2.37
CA ALA A 62 -5.98 3.63 2.11
C ALA A 62 -5.58 3.78 0.65
N MET A 63 -5.77 4.97 0.10
CA MET A 63 -5.42 5.24 -1.29
C MET A 63 -3.95 5.63 -1.42
N LEU A 64 -3.43 5.59 -2.64
CA LEU A 64 -2.04 5.93 -2.90
C LEU A 64 -1.91 6.74 -4.18
N GLY A 65 -0.98 7.69 -4.19
CA GLY A 65 -0.77 8.51 -5.37
C GLY A 65 -0.32 9.92 -5.02
N PRO A 66 -0.02 10.72 -6.04
CA PRO A 66 -0.11 10.28 -7.44
C PRO A 66 0.96 9.26 -7.80
N LEU A 67 0.52 8.12 -8.33
CA LEU A 67 1.44 7.06 -8.72
C LEU A 67 1.75 7.12 -10.21
N SER A 68 2.59 6.20 -10.68
CA SER A 68 2.96 6.15 -12.09
C SER A 68 2.09 5.16 -12.84
N SER A 69 2.31 5.08 -14.15
CA SER A 69 1.54 4.16 -14.99
C SER A 69 2.40 2.99 -15.45
N SER A 70 1.76 1.84 -15.67
CA SER A 70 2.46 0.64 -16.11
C SER A 70 3.75 0.46 -15.31
N THR A 71 3.74 0.91 -14.06
CA THR A 71 4.91 0.79 -13.20
C THR A 71 4.57 0.05 -11.91
N THR A 72 5.33 -1.00 -11.62
CA THR A 72 5.10 -1.80 -10.42
C THR A 72 5.47 -1.02 -9.17
N TYR A 73 4.65 -1.16 -8.13
CA TYR A 73 4.89 -0.46 -6.87
C TYR A 73 4.73 -1.41 -5.69
N THR A 74 5.74 -1.45 -4.82
CA THR A 74 5.71 -2.31 -3.64
C THR A 74 5.07 -1.60 -2.45
N VAL A 75 3.83 -1.97 -2.15
CA VAL A 75 3.11 -1.37 -1.03
C VAL A 75 3.43 -2.08 0.27
N ARG A 76 3.31 -1.35 1.38
CA ARG A 76 3.58 -1.91 2.70
C ARG A 76 2.72 -1.25 3.76
N VAL A 77 1.79 -2.03 4.32
CA VAL A 77 0.89 -1.53 5.35
C VAL A 77 1.42 -1.85 6.76
N THR A 78 2.12 -0.89 7.35
CA THR A 78 2.68 -1.06 8.69
C THR A 78 1.61 -0.89 9.76
N CYS A 79 1.26 -1.99 10.43
CA CYS A 79 0.26 -1.95 11.47
C CYS A 79 0.91 -1.86 12.85
N LEU A 80 0.93 -0.66 13.41
CA LEU A 80 1.53 -0.45 14.73
C LEU A 80 0.46 -0.46 15.82
N TYR A 81 0.49 -1.49 16.65
CA TYR A 81 -0.48 -1.63 17.74
C TYR A 81 -0.04 -0.81 18.95
N PRO A 82 -1.03 -0.36 19.75
CA PRO A 82 -0.78 0.43 20.94
C PRO A 82 -0.13 -0.38 22.05
N GLY A 83 0.90 0.19 22.68
CA GLY A 83 1.60 -0.51 23.75
C GLY A 83 2.85 -1.21 23.26
N GLY A 84 2.66 -2.39 22.67
CA GLY A 84 3.78 -3.15 22.17
C GLY A 84 3.39 -4.12 21.06
N GLY A 85 4.05 -4.00 19.92
CA GLY A 85 3.75 -4.87 18.80
C GLY A 85 3.59 -4.11 17.50
N SER A 86 3.75 -4.81 16.37
CA SER A 86 3.62 -4.19 15.06
C SER A 86 3.72 -5.23 13.96
N SER A 87 3.50 -4.80 12.72
CA SER A 87 3.55 -5.69 11.58
C SER A 87 3.73 -4.91 10.28
N THR A 88 4.08 -5.62 9.21
CA THR A 88 4.28 -4.99 7.90
C THR A 88 3.72 -5.86 6.78
N LEU A 89 2.58 -5.46 6.25
CA LEU A 89 1.94 -6.20 5.16
C LEU A 89 2.39 -5.67 3.80
N THR A 90 3.28 -6.41 3.14
CA THR A 90 3.79 -6.02 1.84
C THR A 90 2.87 -6.51 0.72
N GLY A 91 2.75 -5.71 -0.33
CA GLY A 91 1.90 -6.07 -1.44
C GLY A 91 2.29 -5.36 -2.73
N ARG A 92 2.53 -6.13 -3.78
CA ARG A 92 2.92 -5.56 -5.07
C ARG A 92 1.69 -5.17 -5.88
N VAL A 93 1.80 -4.08 -6.63
CA VAL A 93 0.69 -3.60 -7.45
C VAL A 93 1.22 -2.85 -8.68
N THR A 94 0.77 -3.30 -9.85
CA THR A 94 1.19 -2.68 -11.11
C THR A 94 0.15 -1.67 -11.59
N THR A 95 0.49 -0.39 -11.52
CA THR A 95 -0.41 0.67 -11.96
C THR A 95 -0.85 0.46 -13.39
N LYS A 96 -1.98 1.06 -13.76
CA LYS A 96 -2.51 0.93 -15.11
C LYS A 96 -1.74 1.83 -16.07
N LYS A 97 -2.03 1.67 -17.37
CA LYS A 97 -1.36 2.46 -18.39
C LYS A 97 -2.12 3.76 -18.65
N ALA A 98 -1.38 4.86 -18.74
CA ALA A 98 -1.98 6.17 -18.97
C ALA A 98 -2.23 6.39 -20.46
N PRO A 99 -3.34 7.08 -20.78
CA PRO A 99 -3.72 7.37 -22.16
C PRO A 99 -2.79 8.38 -22.82
N SER A 100 -2.33 9.35 -22.04
CA SER A 100 -1.43 10.38 -22.55
C SER A 100 -1.97 10.99 -23.84
N PRO A 101 -3.20 11.49 -23.78
CA PRO A 101 -3.87 12.10 -24.94
C PRO A 101 -3.25 13.44 -25.32
N SER A 102 -3.10 14.32 -24.33
CA SER A 102 -2.51 15.64 -24.57
C SER A 102 -2.91 16.17 -25.94
N SER A 103 -4.15 15.89 -26.34
CA SER A 103 -4.65 16.33 -27.63
C SER A 103 -5.28 17.72 -27.52
N GLY A 104 -6.15 17.88 -26.53
CA GLY A 104 -6.82 19.15 -26.33
C GLY A 104 -5.94 20.33 -26.70
N PRO A 105 -6.12 20.84 -27.94
CA PRO A 105 -5.34 21.98 -28.44
C PRO A 105 -5.71 23.28 -27.75
N SER A 106 -6.97 23.39 -27.31
CA SER A 106 -7.44 24.58 -26.63
C SER A 106 -7.83 24.28 -25.19
N SER A 107 -8.21 25.31 -24.45
CA SER A 107 -8.60 25.15 -23.05
C SER A 107 -9.79 24.20 -22.93
N GLY A 108 -10.84 24.47 -23.69
CA GLY A 108 -12.02 23.63 -23.64
C GLY A 108 -11.90 22.41 -24.54
N GLY A 1 23.86 -18.16 12.41
CA GLY A 1 23.87 -19.11 13.50
C GLY A 1 22.77 -18.84 14.51
N SER A 2 21.54 -18.74 14.02
CA SER A 2 20.40 -18.50 14.89
C SER A 2 19.55 -19.75 15.05
N SER A 3 19.07 -19.99 16.27
CA SER A 3 18.25 -21.15 16.55
C SER A 3 16.78 -20.77 16.66
N GLY A 4 15.90 -21.73 16.38
CA GLY A 4 14.46 -21.47 16.46
C GLY A 4 13.83 -21.36 15.09
N SER A 5 13.06 -22.38 14.72
CA SER A 5 12.39 -22.39 13.42
C SER A 5 11.84 -21.02 13.07
N SER A 6 12.38 -20.43 12.01
CA SER A 6 11.95 -19.10 11.57
C SER A 6 10.84 -19.21 10.54
N GLY A 7 9.59 -19.18 11.02
CA GLY A 7 8.46 -19.28 10.12
C GLY A 7 7.24 -18.53 10.65
N LEU A 8 7.22 -17.22 10.44
CA LEU A 8 6.12 -16.38 10.90
C LEU A 8 5.00 -16.35 9.86
N ALA A 9 3.84 -16.89 10.22
CA ALA A 9 2.70 -16.91 9.32
C ALA A 9 2.06 -15.53 9.21
N PRO A 10 1.55 -15.20 8.02
CA PRO A 10 0.91 -13.91 7.75
C PRO A 10 -0.43 -13.77 8.47
N PRO A 11 -0.65 -12.60 9.07
CA PRO A 11 -1.89 -12.31 9.81
C PRO A 11 -3.09 -12.17 8.89
N ARG A 12 -2.91 -11.45 7.79
CA ARG A 12 -3.98 -11.23 6.82
C ARG A 12 -3.43 -11.09 5.41
N HIS A 13 -4.31 -10.91 4.44
CA HIS A 13 -3.91 -10.75 3.04
C HIS A 13 -4.27 -9.36 2.54
N LEU A 14 -3.42 -8.81 1.67
CA LEU A 14 -3.66 -7.49 1.10
C LEU A 14 -4.51 -7.58 -0.16
N GLY A 15 -5.12 -6.46 -0.54
CA GLY A 15 -5.95 -6.43 -1.72
C GLY A 15 -5.92 -5.09 -2.43
N PHE A 16 -5.85 -5.13 -3.76
CA PHE A 16 -5.82 -3.91 -4.55
C PHE A 16 -7.04 -3.80 -5.46
N SER A 17 -7.77 -2.71 -5.33
CA SER A 17 -8.97 -2.49 -6.13
C SER A 17 -8.98 -1.09 -6.72
N ASP A 18 -9.95 -0.82 -7.59
CA ASP A 18 -10.09 0.49 -8.22
C ASP A 18 -8.71 1.06 -8.57
N VAL A 19 -7.80 0.18 -8.99
CA VAL A 19 -6.45 0.60 -9.35
C VAL A 19 -6.46 1.44 -10.62
N SER A 20 -5.71 2.53 -10.61
CA SER A 20 -5.64 3.43 -11.75
C SER A 20 -4.20 3.57 -12.23
N HIS A 21 -4.00 4.39 -13.26
CA HIS A 21 -2.67 4.61 -13.83
C HIS A 21 -1.89 5.62 -12.99
N ASP A 22 -2.61 6.44 -12.22
CA ASP A 22 -1.99 7.45 -11.38
C ASP A 22 -2.46 7.31 -9.93
N ALA A 23 -2.96 6.12 -9.59
CA ALA A 23 -3.44 5.86 -8.24
C ALA A 23 -3.70 4.38 -8.03
N ALA A 24 -3.85 3.98 -6.77
CA ALA A 24 -4.10 2.58 -6.43
C ALA A 24 -4.58 2.44 -5.00
N ARG A 25 -5.73 1.80 -4.81
CA ARG A 25 -6.31 1.61 -3.49
C ARG A 25 -5.80 0.30 -2.87
N VAL A 26 -5.13 0.43 -1.72
CA VAL A 26 -4.59 -0.74 -1.03
C VAL A 26 -5.31 -0.96 0.31
N PHE A 27 -6.02 -2.07 0.41
CA PHE A 27 -6.75 -2.40 1.63
C PHE A 27 -6.37 -3.79 2.13
N TRP A 28 -6.82 -4.11 3.34
CA TRP A 28 -6.53 -5.40 3.94
C TRP A 28 -7.77 -6.00 4.59
N GLU A 29 -7.61 -7.16 5.23
CA GLU A 29 -8.72 -7.83 5.89
C GLU A 29 -8.76 -7.48 7.37
N GLY A 30 -8.05 -6.42 7.74
CA GLY A 30 -8.03 -6.00 9.13
C GLY A 30 -7.33 -7.01 10.03
N ALA A 31 -6.51 -6.51 10.94
CA ALA A 31 -5.78 -7.39 11.86
C ALA A 31 -6.69 -7.86 12.99
N PRO A 32 -6.38 -9.05 13.52
CA PRO A 32 -7.16 -9.66 14.61
C PRO A 32 -6.98 -8.92 15.93
N ARG A 33 -6.12 -7.91 15.91
CA ARG A 33 -5.84 -7.12 17.11
C ARG A 33 -6.08 -5.63 16.85
N PRO A 34 -6.36 -4.88 17.92
CA PRO A 34 -6.61 -3.43 17.84
C PRO A 34 -5.35 -2.65 17.49
N VAL A 35 -5.52 -1.56 16.76
CA VAL A 35 -4.40 -0.71 16.35
C VAL A 35 -4.68 0.75 16.65
N ARG A 36 -3.62 1.51 16.91
CA ARG A 36 -3.75 2.94 17.21
C ARG A 36 -3.43 3.78 15.99
N LEU A 37 -2.50 3.29 15.16
CA LEU A 37 -2.11 4.01 13.95
C LEU A 37 -1.67 3.03 12.87
N VAL A 38 -1.85 3.43 11.61
CA VAL A 38 -1.47 2.59 10.48
C VAL A 38 -0.66 3.38 9.46
N ARG A 39 0.61 3.02 9.30
CA ARG A 39 1.48 3.69 8.36
C ARG A 39 1.68 2.84 7.11
N VAL A 40 1.66 3.50 5.94
CA VAL A 40 1.85 2.80 4.68
C VAL A 40 2.91 3.50 3.82
N THR A 41 3.84 2.71 3.30
CA THR A 41 4.91 3.25 2.46
C THR A 41 4.99 2.51 1.14
N TYR A 42 4.94 3.27 0.04
CA TYR A 42 5.00 2.69 -1.29
C TYR A 42 6.25 3.15 -2.03
N VAL A 43 6.71 2.33 -2.98
CA VAL A 43 7.90 2.65 -3.76
C VAL A 43 7.83 2.01 -5.14
N SER A 44 8.38 2.71 -6.13
CA SER A 44 8.39 2.23 -7.50
C SER A 44 9.41 1.11 -7.68
N SER A 45 9.22 0.29 -8.71
CA SER A 45 10.12 -0.82 -8.99
C SER A 45 11.57 -0.32 -9.08
N GLU A 46 12.48 -1.09 -8.48
CA GLU A 46 13.89 -0.73 -8.48
C GLU A 46 14.09 0.70 -7.99
N GLY A 47 13.33 1.08 -6.98
CA GLY A 47 13.44 2.42 -6.43
C GLY A 47 12.78 3.46 -7.31
N GLY A 48 12.59 4.67 -6.77
CA GLY A 48 11.97 5.73 -7.53
C GLY A 48 11.10 6.63 -6.67
N HIS A 49 9.86 6.85 -7.10
CA HIS A 49 8.93 7.69 -6.36
C HIS A 49 8.38 6.95 -5.14
N SER A 50 8.93 7.26 -3.98
CA SER A 50 8.50 6.63 -2.73
C SER A 50 7.68 7.60 -1.89
N GLY A 51 6.70 7.06 -1.17
CA GLY A 51 5.85 7.89 -0.33
C GLY A 51 5.41 7.16 0.93
N GLN A 52 4.93 7.93 1.90
CA GLN A 52 4.47 7.36 3.17
C GLN A 52 3.21 8.06 3.66
N THR A 53 2.13 7.31 3.75
CA THR A 53 0.85 7.86 4.21
C THR A 53 0.48 7.33 5.60
N GLU A 54 -0.37 8.07 6.30
CA GLU A 54 -0.80 7.67 7.64
C GLU A 54 -2.31 7.47 7.68
N ALA A 55 -2.74 6.43 8.40
CA ALA A 55 -4.16 6.12 8.52
C ALA A 55 -4.52 5.77 9.96
N PRO A 56 -5.81 5.88 10.29
CA PRO A 56 -6.31 5.57 11.63
C PRO A 56 -6.26 4.07 11.94
N GLY A 57 -6.07 3.74 13.22
CA GLY A 57 -6.00 2.35 13.63
C GLY A 57 -7.21 1.56 13.18
N ASN A 58 -8.27 2.27 12.76
CA ASN A 58 -9.49 1.62 12.31
C ASN A 58 -9.63 1.72 10.80
N ALA A 59 -8.52 1.95 10.12
CA ALA A 59 -8.51 2.06 8.66
C ALA A 59 -8.25 0.71 8.01
N THR A 60 -9.24 0.18 7.31
CA THR A 60 -9.11 -1.10 6.63
C THR A 60 -8.96 -0.91 5.13
N SER A 61 -8.60 0.29 4.72
CA SER A 61 -8.42 0.60 3.30
C SER A 61 -7.87 2.01 3.11
N ALA A 62 -6.87 2.14 2.26
CA ALA A 62 -6.25 3.43 1.98
C ALA A 62 -5.93 3.58 0.51
N MET A 63 -5.81 4.82 0.05
CA MET A 63 -5.50 5.11 -1.34
C MET A 63 -4.07 5.63 -1.49
N LEU A 64 -3.54 5.56 -2.70
CA LEU A 64 -2.19 6.03 -2.98
C LEU A 64 -2.14 6.83 -4.28
N GLY A 65 -1.16 7.72 -4.39
CA GLY A 65 -1.02 8.54 -5.57
C GLY A 65 -0.63 9.96 -5.26
N PRO A 66 -0.32 10.74 -6.31
CA PRO A 66 -0.34 10.25 -7.69
C PRO A 66 0.77 9.25 -7.98
N LEU A 67 0.39 8.08 -8.49
CA LEU A 67 1.36 7.04 -8.80
C LEU A 67 1.71 7.05 -10.29
N SER A 68 2.54 6.10 -10.70
CA SER A 68 2.94 6.00 -12.10
C SER A 68 2.06 5.01 -12.86
N SER A 69 2.29 4.90 -14.16
CA SER A 69 1.51 3.99 -15.00
C SER A 69 2.36 2.80 -15.44
N SER A 70 1.72 1.66 -15.65
CA SER A 70 2.41 0.46 -16.08
C SER A 70 3.68 0.24 -15.26
N THR A 71 3.65 0.70 -14.01
CA THR A 71 4.79 0.56 -13.11
C THR A 71 4.37 -0.11 -11.80
N THR A 72 5.07 -1.19 -11.44
CA THR A 72 4.78 -1.91 -10.21
C THR A 72 5.32 -1.16 -8.99
N TYR A 73 4.47 -1.01 -7.99
CA TYR A 73 4.86 -0.31 -6.76
C TYR A 73 4.75 -1.23 -5.55
N THR A 74 5.78 -1.25 -4.73
CA THR A 74 5.81 -2.09 -3.53
C THR A 74 5.21 -1.35 -2.34
N VAL A 75 3.97 -1.69 -2.00
CA VAL A 75 3.28 -1.07 -0.88
C VAL A 75 3.51 -1.85 0.41
N ARG A 76 3.86 -1.15 1.48
CA ARG A 76 4.11 -1.77 2.76
C ARG A 76 3.19 -1.20 3.83
N VAL A 77 2.23 -2.00 4.28
CA VAL A 77 1.29 -1.56 5.31
C VAL A 77 1.72 -2.02 6.69
N THR A 78 2.14 -1.08 7.52
CA THR A 78 2.59 -1.37 8.87
C THR A 78 1.61 -0.85 9.90
N CYS A 79 1.16 -1.75 10.78
CA CYS A 79 0.20 -1.38 11.83
C CYS A 79 0.90 -1.27 13.18
N LEU A 80 1.13 -0.04 13.63
CA LEU A 80 1.78 0.19 14.91
C LEU A 80 0.82 -0.02 16.07
N TYR A 81 1.04 -1.10 16.83
CA TYR A 81 0.17 -1.42 17.96
C TYR A 81 0.53 -0.56 19.17
N PRO A 82 -0.48 -0.22 19.97
CA PRO A 82 -0.30 0.61 21.18
C PRO A 82 0.44 -0.14 22.28
N GLY A 83 0.78 -1.39 22.02
CA GLY A 83 1.49 -2.20 22.99
C GLY A 83 1.54 -3.66 22.62
N GLY A 84 2.31 -3.98 21.58
CA GLY A 84 2.43 -5.35 21.14
C GLY A 84 3.14 -5.47 19.81
N GLY A 85 4.23 -4.73 19.65
CA GLY A 85 4.98 -4.76 18.40
C GLY A 85 4.21 -4.18 17.24
N SER A 86 4.32 -4.81 16.08
CA SER A 86 3.63 -4.34 14.89
C SER A 86 3.78 -5.35 13.74
N SER A 87 2.88 -5.26 12.77
CA SER A 87 2.91 -6.16 11.61
C SER A 87 3.21 -5.39 10.33
N THR A 88 3.60 -6.13 9.30
CA THR A 88 3.92 -5.52 8.01
C THR A 88 3.43 -6.39 6.85
N LEU A 89 2.50 -5.87 6.07
CA LEU A 89 1.95 -6.60 4.93
C LEU A 89 2.47 -6.02 3.62
N THR A 90 3.37 -6.77 2.97
CA THR A 90 3.94 -6.35 1.71
C THR A 90 3.05 -6.72 0.53
N GLY A 91 2.78 -5.74 -0.33
CA GLY A 91 1.93 -5.98 -1.48
C GLY A 91 2.39 -5.21 -2.70
N ARG A 92 2.62 -5.93 -3.79
CA ARG A 92 3.06 -5.32 -5.04
C ARG A 92 1.90 -5.16 -6.01
N VAL A 93 1.62 -3.92 -6.39
CA VAL A 93 0.53 -3.63 -7.32
C VAL A 93 1.06 -2.95 -8.58
N THR A 94 0.50 -3.34 -9.73
CA THR A 94 0.91 -2.77 -11.01
C THR A 94 -0.11 -1.74 -11.50
N THR A 95 0.27 -0.46 -11.43
CA THR A 95 -0.60 0.62 -11.88
C THR A 95 -1.06 0.40 -13.31
N LYS A 96 -2.13 1.09 -13.69
CA LYS A 96 -2.67 0.98 -15.04
C LYS A 96 -1.92 1.88 -16.02
N LYS A 97 -2.15 1.68 -17.30
CA LYS A 97 -1.49 2.48 -18.33
C LYS A 97 -2.08 3.88 -18.38
N ALA A 98 -1.21 4.87 -18.55
CA ALA A 98 -1.65 6.26 -18.62
C ALA A 98 -2.13 6.61 -20.03
N PRO A 99 -3.15 7.48 -20.10
CA PRO A 99 -3.71 7.93 -21.39
C PRO A 99 -2.76 8.81 -22.17
N SER A 100 -3.03 8.98 -23.45
CA SER A 100 -2.20 9.81 -24.32
C SER A 100 -2.95 10.23 -25.57
N PRO A 101 -3.07 11.55 -25.78
CA PRO A 101 -3.77 12.11 -26.94
C PRO A 101 -3.01 11.87 -28.24
N SER A 102 -3.56 11.02 -29.10
CA SER A 102 -2.94 10.71 -30.38
C SER A 102 -3.36 11.72 -31.45
N SER A 103 -2.37 12.36 -32.06
CA SER A 103 -2.61 13.35 -33.10
C SER A 103 -2.23 12.82 -34.47
N GLY A 104 -2.48 13.61 -35.51
CA GLY A 104 -2.14 13.20 -36.86
C GLY A 104 -3.37 13.01 -37.72
N PRO A 105 -3.17 13.01 -39.05
CA PRO A 105 -4.26 12.83 -40.02
C PRO A 105 -4.83 11.42 -40.00
N SER A 106 -5.77 11.17 -39.10
CA SER A 106 -6.39 9.86 -38.97
C SER A 106 -7.07 9.46 -40.27
N SER A 107 -7.31 8.16 -40.44
CA SER A 107 -7.96 7.65 -41.64
C SER A 107 -9.08 8.58 -42.10
N GLY A 108 -8.96 9.06 -43.33
CA GLY A 108 -9.96 9.96 -43.87
C GLY A 108 -11.14 9.22 -44.49
N GLY A 1 14.54 -16.98 29.45
CA GLY A 1 13.38 -16.24 28.98
C GLY A 1 13.52 -15.80 27.54
N SER A 2 12.82 -16.48 26.63
CA SER A 2 12.87 -16.16 25.22
C SER A 2 11.48 -16.25 24.59
N SER A 3 11.32 -15.58 23.45
CA SER A 3 10.04 -15.58 22.74
C SER A 3 10.24 -15.83 21.25
N GLY A 4 9.17 -16.22 20.58
CA GLY A 4 9.24 -16.49 19.15
C GLY A 4 8.54 -17.76 18.75
N SER A 5 7.36 -17.62 18.15
CA SER A 5 6.57 -18.77 17.72
C SER A 5 7.03 -19.26 16.36
N SER A 6 8.03 -20.14 16.35
CA SER A 6 8.56 -20.69 15.10
C SER A 6 8.53 -19.63 13.99
N GLY A 7 9.12 -18.47 14.27
CA GLY A 7 9.16 -17.41 13.29
C GLY A 7 7.83 -16.70 13.16
N LEU A 8 7.87 -15.45 12.71
CA LEU A 8 6.66 -14.66 12.53
C LEU A 8 5.83 -15.18 11.37
N ALA A 9 4.63 -14.64 11.21
CA ALA A 9 3.74 -15.04 10.13
C ALA A 9 2.69 -13.97 9.85
N PRO A 10 2.33 -13.81 8.56
CA PRO A 10 1.34 -12.82 8.14
C PRO A 10 -0.08 -13.19 8.59
N PRO A 11 -0.74 -12.26 9.30
CA PRO A 11 -2.09 -12.47 9.80
C PRO A 11 -3.13 -12.48 8.68
N ARG A 12 -2.93 -11.62 7.68
CA ARG A 12 -3.85 -11.53 6.55
C ARG A 12 -3.10 -11.16 5.28
N HIS A 13 -3.83 -11.02 4.18
CA HIS A 13 -3.24 -10.66 2.90
C HIS A 13 -3.66 -9.26 2.48
N LEU A 14 -3.10 -8.79 1.37
CA LEU A 14 -3.41 -7.45 0.87
C LEU A 14 -4.34 -7.54 -0.35
N GLY A 15 -5.07 -6.46 -0.60
CA GLY A 15 -5.99 -6.44 -1.73
C GLY A 15 -5.99 -5.10 -2.44
N PHE A 16 -5.82 -5.13 -3.76
CA PHE A 16 -5.80 -3.91 -4.55
C PHE A 16 -7.07 -3.79 -5.40
N SER A 17 -7.73 -2.65 -5.30
CA SER A 17 -8.96 -2.41 -6.04
C SER A 17 -8.97 -1.01 -6.64
N ASP A 18 -10.01 -0.71 -7.42
CA ASP A 18 -10.13 0.60 -8.06
C ASP A 18 -8.78 1.11 -8.53
N VAL A 19 -7.89 0.18 -8.89
CA VAL A 19 -6.56 0.54 -9.37
C VAL A 19 -6.63 1.37 -10.63
N SER A 20 -5.75 2.36 -10.73
CA SER A 20 -5.71 3.24 -11.89
C SER A 20 -4.28 3.41 -12.40
N HIS A 21 -4.14 4.07 -13.55
CA HIS A 21 -2.84 4.30 -14.14
C HIS A 21 -2.16 5.52 -13.52
N ASP A 22 -2.85 6.14 -12.56
CA ASP A 22 -2.32 7.32 -11.88
C ASP A 22 -2.42 7.17 -10.38
N ALA A 23 -2.88 6.01 -9.93
CA ALA A 23 -3.03 5.72 -8.50
C ALA A 23 -3.46 4.28 -8.26
N ALA A 24 -3.47 3.88 -7.00
CA ALA A 24 -3.87 2.53 -6.64
C ALA A 24 -4.32 2.46 -5.18
N ARG A 25 -5.50 1.88 -4.96
CA ARG A 25 -6.05 1.75 -3.61
C ARG A 25 -5.69 0.41 -3.00
N VAL A 26 -5.24 0.43 -1.74
CA VAL A 26 -4.87 -0.79 -1.04
C VAL A 26 -5.77 -1.04 0.15
N PHE A 27 -6.24 -2.27 0.28
CA PHE A 27 -7.12 -2.65 1.39
C PHE A 27 -6.74 -4.00 1.96
N TRP A 28 -6.95 -4.19 3.25
CA TRP A 28 -6.63 -5.44 3.92
C TRP A 28 -7.87 -6.04 4.58
N GLU A 29 -7.79 -7.33 4.91
CA GLU A 29 -8.90 -8.02 5.55
C GLU A 29 -8.94 -7.72 7.05
N GLY A 30 -8.18 -6.72 7.46
CA GLY A 30 -8.13 -6.34 8.87
C GLY A 30 -7.36 -7.34 9.70
N ALA A 31 -6.84 -6.88 10.84
CA ALA A 31 -6.07 -7.74 11.73
C ALA A 31 -6.94 -8.28 12.87
N PRO A 32 -6.52 -9.41 13.45
CA PRO A 32 -7.25 -10.05 14.56
C PRO A 32 -7.17 -9.23 15.85
N ARG A 33 -6.34 -8.19 15.83
CA ARG A 33 -6.17 -7.34 17.00
C ARG A 33 -6.33 -5.87 16.64
N PRO A 34 -6.71 -5.04 17.63
CA PRO A 34 -6.90 -3.61 17.42
C PRO A 34 -5.59 -2.88 17.18
N VAL A 35 -5.62 -1.87 16.32
CA VAL A 35 -4.44 -1.08 16.00
C VAL A 35 -4.63 0.38 16.40
N ARG A 36 -3.52 1.04 16.74
CA ARG A 36 -3.56 2.44 17.14
C ARG A 36 -3.28 3.35 15.94
N LEU A 37 -2.36 2.93 15.08
CA LEU A 37 -2.01 3.72 13.91
C LEU A 37 -1.52 2.81 12.78
N VAL A 38 -1.71 3.25 11.54
CA VAL A 38 -1.28 2.48 10.38
C VAL A 38 -0.43 3.34 9.43
N ARG A 39 0.86 3.05 9.39
CA ARG A 39 1.78 3.79 8.54
C ARG A 39 2.09 3.01 7.26
N VAL A 40 1.55 3.48 6.14
CA VAL A 40 1.77 2.83 4.85
C VAL A 40 2.85 3.54 4.05
N THR A 41 3.58 2.77 3.24
CA THR A 41 4.64 3.33 2.41
C THR A 41 4.77 2.57 1.10
N TYR A 42 4.71 3.31 -0.01
CA TYR A 42 4.83 2.71 -1.33
C TYR A 42 6.13 3.11 -2.02
N VAL A 43 6.61 2.25 -2.91
CA VAL A 43 7.85 2.52 -3.62
C VAL A 43 7.85 1.84 -4.99
N SER A 44 8.43 2.52 -5.99
CA SER A 44 8.49 1.99 -7.34
C SER A 44 9.25 0.67 -7.36
N SER A 45 9.37 0.08 -8.55
CA SER A 45 10.07 -1.18 -8.71
C SER A 45 11.56 -0.95 -8.93
N GLU A 46 11.91 0.18 -9.51
CA GLU A 46 13.30 0.52 -9.76
C GLU A 46 13.85 1.43 -8.67
N GLY A 47 13.28 1.32 -7.48
CA GLY A 47 13.72 2.15 -6.36
C GLY A 47 14.05 3.56 -6.79
N GLY A 48 13.03 4.38 -6.98
CA GLY A 48 13.24 5.75 -7.39
C GLY A 48 12.25 6.71 -6.76
N HIS A 49 10.98 6.31 -6.73
CA HIS A 49 9.93 7.14 -6.15
C HIS A 49 9.19 6.38 -5.05
N SER A 50 9.15 6.98 -3.86
CA SER A 50 8.48 6.36 -2.72
C SER A 50 7.78 7.41 -1.87
N GLY A 51 6.79 6.98 -1.10
CA GLY A 51 6.07 7.90 -0.23
C GLY A 51 5.75 7.30 1.12
N GLN A 52 4.77 7.87 1.82
CA GLN A 52 4.38 7.40 3.13
C GLN A 52 3.11 8.09 3.61
N THR A 53 2.09 7.29 3.92
CA THR A 53 0.82 7.82 4.38
C THR A 53 0.44 7.22 5.73
N GLU A 54 -0.36 7.97 6.50
CA GLU A 54 -0.81 7.51 7.81
C GLU A 54 -2.32 7.37 7.86
N ALA A 55 -2.79 6.29 8.49
CA ALA A 55 -4.22 6.04 8.60
C ALA A 55 -4.57 5.45 9.97
N PRO A 56 -5.82 5.65 10.39
CA PRO A 56 -6.31 5.14 11.68
C PRO A 56 -6.43 3.62 11.70
N GLY A 57 -6.16 3.03 12.86
CA GLY A 57 -6.25 1.58 12.99
C GLY A 57 -7.59 1.04 12.55
N ASN A 58 -8.57 1.93 12.38
CA ASN A 58 -9.90 1.54 11.97
C ASN A 58 -10.01 1.50 10.44
N ALA A 59 -9.15 2.27 9.77
CA ALA A 59 -9.15 2.33 8.32
C ALA A 59 -8.62 1.02 7.73
N THR A 60 -9.49 0.29 7.04
CA THR A 60 -9.11 -0.97 6.44
C THR A 60 -8.85 -0.81 4.94
N SER A 61 -8.56 0.42 4.53
CA SER A 61 -8.29 0.72 3.13
C SER A 61 -7.74 2.13 2.97
N ALA A 62 -6.70 2.27 2.15
CA ALA A 62 -6.08 3.56 1.91
C ALA A 62 -5.72 3.73 0.44
N MET A 63 -5.63 4.98 0.00
CA MET A 63 -5.29 5.28 -1.38
C MET A 63 -3.83 5.73 -1.51
N LEU A 64 -3.29 5.65 -2.72
CA LEU A 64 -1.91 6.04 -2.97
C LEU A 64 -1.79 6.79 -4.29
N GLY A 65 -0.84 7.72 -4.36
CA GLY A 65 -0.64 8.49 -5.57
C GLY A 65 -0.11 9.89 -5.30
N PRO A 66 0.16 10.64 -6.37
CA PRO A 66 -0.02 10.17 -7.75
C PRO A 66 0.99 9.09 -8.12
N LEU A 67 0.49 7.97 -8.64
CA LEU A 67 1.34 6.86 -9.04
C LEU A 67 1.58 6.88 -10.56
N SER A 68 2.38 5.92 -11.04
CA SER A 68 2.68 5.83 -12.45
C SER A 68 1.82 4.77 -13.12
N SER A 69 2.02 4.59 -14.43
CA SER A 69 1.25 3.60 -15.18
C SER A 69 2.11 2.39 -15.52
N SER A 70 1.46 1.25 -15.75
CA SER A 70 2.17 0.03 -16.08
C SER A 70 3.45 -0.11 -15.26
N THR A 71 3.43 0.48 -14.06
CA THR A 71 4.59 0.42 -13.18
C THR A 71 4.23 -0.24 -11.85
N THR A 72 4.98 -1.29 -11.50
CA THR A 72 4.74 -2.01 -10.25
C THR A 72 5.12 -1.15 -9.05
N TYR A 73 4.25 -1.16 -8.04
CA TYR A 73 4.49 -0.38 -6.83
C TYR A 73 4.45 -1.28 -5.59
N THR A 74 5.57 -1.37 -4.90
CA THR A 74 5.68 -2.19 -3.70
C THR A 74 5.09 -1.47 -2.49
N VAL A 75 3.83 -1.77 -2.18
CA VAL A 75 3.15 -1.15 -1.05
C VAL A 75 3.56 -1.81 0.26
N ARG A 76 3.75 -0.99 1.30
CA ARG A 76 4.14 -1.49 2.60
C ARG A 76 3.27 -0.89 3.70
N VAL A 77 2.31 -1.67 4.18
CA VAL A 77 1.40 -1.22 5.23
C VAL A 77 1.93 -1.61 6.62
N THR A 78 2.27 -0.61 7.41
CA THR A 78 2.79 -0.83 8.75
C THR A 78 1.67 -0.76 9.80
N CYS A 79 1.46 -1.86 10.51
CA CYS A 79 0.43 -1.91 11.54
C CYS A 79 1.05 -1.91 12.93
N LEU A 80 1.05 -0.75 13.57
CA LEU A 80 1.61 -0.61 14.91
C LEU A 80 0.51 -0.64 15.97
N TYR A 81 0.41 -1.77 16.67
CA TYR A 81 -0.59 -1.93 17.71
C TYR A 81 -0.19 -1.19 18.97
N PRO A 82 -1.19 -0.77 19.77
CA PRO A 82 -0.97 -0.06 21.02
C PRO A 82 -0.37 -0.95 22.10
N GLY A 83 0.62 -0.42 22.82
CA GLY A 83 1.26 -1.18 23.87
C GLY A 83 2.66 -1.61 23.50
N GLY A 84 2.78 -2.78 22.88
CA GLY A 84 4.08 -3.29 22.47
C GLY A 84 3.98 -4.32 21.36
N GLY A 85 3.42 -3.92 20.24
CA GLY A 85 3.28 -4.82 19.11
C GLY A 85 3.08 -4.09 17.80
N SER A 86 3.47 -4.73 16.70
CA SER A 86 3.34 -4.13 15.38
C SER A 86 3.76 -5.12 14.29
N SER A 87 3.36 -4.84 13.05
CA SER A 87 3.69 -5.70 11.93
C SER A 87 3.67 -4.92 10.62
N THR A 88 3.88 -5.62 9.51
CA THR A 88 3.89 -4.99 8.20
C THR A 88 3.35 -5.95 7.13
N LEU A 89 2.50 -5.43 6.25
CA LEU A 89 1.91 -6.22 5.18
C LEU A 89 2.41 -5.76 3.83
N THR A 90 3.29 -6.55 3.22
CA THR A 90 3.84 -6.23 1.91
C THR A 90 2.87 -6.59 0.80
N GLY A 91 2.80 -5.73 -0.22
CA GLY A 91 1.90 -5.98 -1.34
C GLY A 91 2.34 -5.26 -2.60
N ARG A 92 2.40 -6.00 -3.70
CA ARG A 92 2.81 -5.43 -4.98
C ARG A 92 1.61 -5.26 -5.91
N VAL A 93 1.49 -4.07 -6.49
CA VAL A 93 0.38 -3.77 -7.40
C VAL A 93 0.88 -3.05 -8.65
N THR A 94 0.44 -3.51 -9.81
CA THR A 94 0.83 -2.92 -11.08
C THR A 94 -0.20 -1.91 -11.55
N THR A 95 0.17 -0.63 -11.51
CA THR A 95 -0.74 0.43 -11.94
C THR A 95 -1.25 0.19 -13.35
N LYS A 96 -2.47 0.63 -13.62
CA LYS A 96 -3.09 0.46 -14.93
C LYS A 96 -2.28 1.20 -16.00
N LYS A 97 -2.68 1.01 -17.26
CA LYS A 97 -2.01 1.67 -18.38
C LYS A 97 -2.59 3.05 -18.63
N ALA A 98 -1.72 4.05 -18.78
CA ALA A 98 -2.14 5.41 -19.04
C ALA A 98 -2.53 5.61 -20.49
N PRO A 99 -3.56 6.44 -20.74
CA PRO A 99 -4.05 6.73 -22.08
C PRO A 99 -3.05 7.55 -22.90
N SER A 100 -3.12 7.41 -24.22
CA SER A 100 -2.22 8.13 -25.11
C SER A 100 -2.82 9.48 -25.50
N PRO A 101 -1.95 10.45 -25.81
CA PRO A 101 -2.37 11.80 -26.20
C PRO A 101 -3.03 11.82 -27.58
N SER A 102 -2.83 10.76 -28.34
CA SER A 102 -3.41 10.66 -29.68
C SER A 102 -4.86 10.20 -29.61
N SER A 103 -5.63 10.83 -28.73
CA SER A 103 -7.04 10.48 -28.56
C SER A 103 -7.94 11.55 -29.19
N GLY A 104 -9.20 11.19 -29.40
CA GLY A 104 -10.14 12.12 -30.00
C GLY A 104 -11.44 12.22 -29.22
N PRO A 105 -11.44 13.05 -28.16
CA PRO A 105 -12.62 13.23 -27.30
C PRO A 105 -13.73 13.99 -28.02
N SER A 106 -13.36 15.02 -28.77
CA SER A 106 -14.32 15.84 -29.50
C SER A 106 -15.62 15.97 -28.71
N SER A 107 -15.51 16.32 -27.43
CA SER A 107 -16.68 16.47 -26.57
C SER A 107 -17.45 17.72 -26.94
N GLY A 108 -18.74 17.74 -26.59
CA GLY A 108 -19.57 18.89 -26.88
C GLY A 108 -20.80 18.51 -27.69
N GLY A 1 8.13 -18.35 26.83
CA GLY A 1 9.10 -18.29 25.76
C GLY A 1 10.22 -17.29 26.04
N SER A 2 11.21 -17.26 25.15
CA SER A 2 12.34 -16.35 25.31
C SER A 2 12.45 -15.41 24.12
N SER A 3 12.32 -14.12 24.37
CA SER A 3 12.41 -13.11 23.31
C SER A 3 11.48 -13.47 22.16
N GLY A 4 10.28 -13.93 22.48
CA GLY A 4 9.32 -14.30 21.46
C GLY A 4 8.72 -13.10 20.76
N SER A 5 9.56 -12.33 20.08
CA SER A 5 9.11 -11.13 19.37
C SER A 5 9.70 -11.08 17.96
N SER A 6 9.30 -10.06 17.20
CA SER A 6 9.78 -9.90 15.84
C SER A 6 9.66 -11.21 15.05
N GLY A 7 8.56 -11.91 15.28
CA GLY A 7 8.32 -13.17 14.58
C GLY A 7 8.04 -12.97 13.11
N LEU A 8 8.29 -14.01 12.32
CA LEU A 8 8.04 -13.95 10.88
C LEU A 8 6.79 -14.74 10.51
N ALA A 9 5.67 -14.05 10.38
CA ALA A 9 4.41 -14.68 10.02
C ALA A 9 3.36 -13.65 9.64
N PRO A 10 2.84 -13.76 8.40
CA PRO A 10 1.83 -12.85 7.88
C PRO A 10 0.48 -13.02 8.57
N PRO A 11 -0.06 -11.92 9.10
CA PRO A 11 -1.36 -11.93 9.80
C PRO A 11 -2.52 -12.16 8.84
N ARG A 12 -2.49 -11.49 7.70
CA ARG A 12 -3.55 -11.62 6.69
C ARG A 12 -3.00 -11.33 5.30
N HIS A 13 -3.91 -11.32 4.31
CA HIS A 13 -3.52 -11.06 2.94
C HIS A 13 -3.87 -9.63 2.53
N LEU A 14 -3.16 -9.12 1.53
CA LEU A 14 -3.40 -7.76 1.04
C LEU A 14 -4.35 -7.76 -0.14
N GLY A 15 -4.90 -6.59 -0.45
CA GLY A 15 -5.83 -6.47 -1.57
C GLY A 15 -5.72 -5.14 -2.27
N PHE A 16 -5.88 -5.16 -3.59
CA PHE A 16 -5.80 -3.93 -4.39
C PHE A 16 -7.03 -3.78 -5.27
N SER A 17 -7.73 -2.66 -5.12
CA SER A 17 -8.93 -2.39 -5.91
C SER A 17 -8.90 -0.98 -6.47
N ASP A 18 -9.93 -0.63 -7.24
CA ASP A 18 -10.02 0.69 -7.85
C ASP A 18 -8.65 1.19 -8.28
N VAL A 19 -7.82 0.28 -8.77
CA VAL A 19 -6.47 0.63 -9.21
C VAL A 19 -6.51 1.45 -10.50
N SER A 20 -5.59 2.41 -10.61
CA SER A 20 -5.52 3.26 -11.79
C SER A 20 -4.09 3.37 -12.30
N HIS A 21 -3.89 4.19 -13.33
CA HIS A 21 -2.58 4.38 -13.91
C HIS A 21 -1.78 5.42 -13.14
N ASP A 22 -2.49 6.21 -12.34
CA ASP A 22 -1.84 7.25 -11.54
C ASP A 22 -2.27 7.17 -10.08
N ALA A 23 -2.74 6.00 -9.67
CA ALA A 23 -3.19 5.78 -8.30
C ALA A 23 -3.54 4.32 -8.06
N ALA A 24 -3.61 3.93 -6.79
CA ALA A 24 -3.93 2.56 -6.42
C ALA A 24 -4.44 2.48 -4.99
N ARG A 25 -5.61 1.90 -4.81
CA ARG A 25 -6.21 1.76 -3.48
C ARG A 25 -5.81 0.43 -2.84
N VAL A 26 -5.13 0.51 -1.70
CA VAL A 26 -4.69 -0.69 -0.99
C VAL A 26 -5.51 -0.91 0.27
N PHE A 27 -6.04 -2.12 0.42
CA PHE A 27 -6.85 -2.46 1.59
C PHE A 27 -6.43 -3.82 2.16
N TRP A 28 -6.79 -4.06 3.42
CA TRP A 28 -6.46 -5.31 4.08
C TRP A 28 -7.65 -5.85 4.85
N GLU A 29 -7.55 -7.10 5.31
CA GLU A 29 -8.62 -7.73 6.06
C GLU A 29 -8.56 -7.34 7.54
N GLY A 30 -7.80 -6.29 7.83
CA GLY A 30 -7.66 -5.83 9.21
C GLY A 30 -6.59 -6.58 9.97
N ALA A 31 -6.67 -6.55 11.29
CA ALA A 31 -5.70 -7.23 12.14
C ALA A 31 -6.38 -7.90 13.33
N PRO A 32 -5.80 -9.01 13.80
CA PRO A 32 -6.33 -9.76 14.94
C PRO A 32 -6.16 -9.01 16.26
N ARG A 33 -5.54 -7.84 16.18
CA ARG A 33 -5.31 -7.02 17.37
C ARG A 33 -5.58 -5.55 17.08
N PRO A 34 -5.92 -4.79 18.13
CA PRO A 34 -6.21 -3.36 18.01
C PRO A 34 -4.96 -2.54 17.70
N VAL A 35 -5.13 -1.52 16.86
CA VAL A 35 -4.01 -0.66 16.49
C VAL A 35 -4.37 0.82 16.66
N ARG A 36 -3.39 1.62 17.06
CA ARG A 36 -3.61 3.05 17.26
C ARG A 36 -3.40 3.81 15.96
N LEU A 37 -2.43 3.40 15.17
CA LEU A 37 -2.14 4.05 13.90
C LEU A 37 -1.60 3.05 12.88
N VAL A 38 -1.79 3.34 11.60
CA VAL A 38 -1.33 2.47 10.54
C VAL A 38 -0.54 3.25 9.48
N ARG A 39 0.75 2.99 9.41
CA ARG A 39 1.61 3.67 8.45
C ARG A 39 1.80 2.84 7.18
N VAL A 40 1.67 3.48 6.03
CA VAL A 40 1.82 2.79 4.75
C VAL A 40 2.88 3.47 3.88
N THR A 41 3.83 2.69 3.40
CA THR A 41 4.90 3.21 2.56
C THR A 41 4.91 2.53 1.20
N TYR A 42 4.81 3.34 0.14
CA TYR A 42 4.81 2.82 -1.22
C TYR A 42 6.01 3.33 -2.01
N VAL A 43 6.43 2.54 -2.99
CA VAL A 43 7.57 2.92 -3.82
C VAL A 43 7.45 2.33 -5.22
N SER A 44 7.97 3.05 -6.21
CA SER A 44 7.91 2.61 -7.59
C SER A 44 8.90 1.46 -7.84
N SER A 45 8.72 0.77 -8.96
CA SER A 45 9.59 -0.36 -9.31
C SER A 45 11.06 0.07 -9.31
N GLU A 46 11.95 -0.90 -9.26
CA GLU A 46 13.38 -0.63 -9.26
C GLU A 46 13.69 0.62 -8.44
N GLY A 47 12.94 0.80 -7.35
CA GLY A 47 13.15 1.95 -6.49
C GLY A 47 12.80 3.26 -7.17
N GLY A 48 12.95 4.36 -6.45
CA GLY A 48 12.63 5.67 -7.00
C GLY A 48 11.57 6.39 -6.21
N HIS A 49 10.59 6.95 -6.92
CA HIS A 49 9.50 7.68 -6.27
C HIS A 49 8.85 6.82 -5.19
N SER A 50 8.76 7.37 -3.98
CA SER A 50 8.16 6.66 -2.86
C SER A 50 7.59 7.64 -1.84
N GLY A 51 6.52 7.23 -1.17
CA GLY A 51 5.90 8.08 -0.17
C GLY A 51 5.43 7.30 1.05
N GLN A 52 4.82 8.01 1.99
CA GLN A 52 4.33 7.38 3.21
C GLN A 52 3.05 8.06 3.70
N THR A 53 2.00 7.27 3.85
CA THR A 53 0.71 7.80 4.31
C THR A 53 0.33 7.22 5.67
N GLU A 54 -0.39 8.00 6.46
CA GLU A 54 -0.82 7.56 7.78
C GLU A 54 -2.34 7.36 7.83
N ALA A 55 -2.77 6.25 8.41
CA ALA A 55 -4.19 5.95 8.52
C ALA A 55 -4.55 5.50 9.93
N PRO A 56 -5.82 5.70 10.32
CA PRO A 56 -6.32 5.32 11.64
C PRO A 56 -6.40 3.80 11.82
N GLY A 57 -6.12 3.33 13.03
CA GLY A 57 -6.18 1.92 13.31
C GLY A 57 -7.48 1.29 12.90
N ASN A 58 -8.49 2.12 12.64
CA ASN A 58 -9.80 1.64 12.23
C ASN A 58 -9.99 1.79 10.72
N ALA A 59 -8.88 1.93 10.00
CA ALA A 59 -8.92 2.08 8.55
C ALA A 59 -8.42 0.82 7.86
N THR A 60 -9.32 0.12 7.17
CA THR A 60 -8.96 -1.10 6.46
C THR A 60 -8.83 -0.85 4.96
N SER A 61 -8.52 0.40 4.60
CA SER A 61 -8.37 0.77 3.20
C SER A 61 -7.77 2.17 3.08
N ALA A 62 -6.79 2.30 2.19
CA ALA A 62 -6.13 3.59 1.97
C ALA A 62 -5.69 3.74 0.52
N MET A 63 -5.78 4.96 0.00
CA MET A 63 -5.39 5.23 -1.38
C MET A 63 -3.93 5.68 -1.45
N LEU A 64 -3.35 5.59 -2.64
CA LEU A 64 -1.96 5.99 -2.84
C LEU A 64 -1.80 6.74 -4.17
N GLY A 65 -0.84 7.66 -4.20
CA GLY A 65 -0.60 8.44 -5.40
C GLY A 65 -0.15 9.86 -5.09
N PRO A 66 0.11 10.64 -6.16
CA PRO A 66 -0.03 10.17 -7.54
C PRO A 66 1.04 9.14 -7.91
N LEU A 67 0.60 7.98 -8.39
CA LEU A 67 1.52 6.92 -8.78
C LEU A 67 1.79 6.95 -10.28
N SER A 68 2.55 5.98 -10.77
CA SER A 68 2.88 5.89 -12.18
C SER A 68 1.97 4.90 -12.89
N SER A 69 2.04 4.89 -14.22
CA SER A 69 1.22 3.99 -15.03
C SER A 69 2.05 2.83 -15.56
N SER A 70 1.45 1.65 -15.61
CA SER A 70 2.12 0.46 -16.10
C SER A 70 3.44 0.25 -15.37
N THR A 71 3.46 0.56 -14.08
CA THR A 71 4.64 0.40 -13.26
C THR A 71 4.34 -0.31 -11.96
N THR A 72 5.15 -1.33 -11.63
CA THR A 72 4.96 -2.09 -10.41
C THR A 72 5.43 -1.30 -9.19
N TYR A 73 4.53 -1.15 -8.22
CA TYR A 73 4.85 -0.41 -7.00
C TYR A 73 4.77 -1.33 -5.78
N THR A 74 5.79 -1.25 -4.93
CA THR A 74 5.84 -2.07 -3.72
C THR A 74 5.21 -1.34 -2.54
N VAL A 75 3.99 -1.74 -2.19
CA VAL A 75 3.28 -1.13 -1.08
C VAL A 75 3.55 -1.88 0.23
N ARG A 76 3.69 -1.14 1.31
CA ARG A 76 3.95 -1.73 2.62
C ARG A 76 3.03 -1.15 3.68
N VAL A 77 2.11 -1.97 4.17
CA VAL A 77 1.16 -1.53 5.20
C VAL A 77 1.58 -2.03 6.58
N THR A 78 2.05 -1.11 7.42
CA THR A 78 2.47 -1.45 8.77
C THR A 78 1.52 -0.87 9.81
N CYS A 79 1.01 -1.73 10.68
CA CYS A 79 0.09 -1.30 11.73
C CYS A 79 0.81 -1.18 13.08
N LEU A 80 1.08 0.05 13.48
CA LEU A 80 1.77 0.30 14.75
C LEU A 80 0.82 0.12 15.93
N TYR A 81 1.00 -0.97 16.66
CA TYR A 81 0.16 -1.26 17.82
C TYR A 81 0.63 -0.47 19.04
N PRO A 82 -0.34 -0.04 19.87
CA PRO A 82 -0.06 0.72 21.08
C PRO A 82 0.62 -0.12 22.16
N GLY A 83 0.72 -1.43 21.90
CA GLY A 83 1.35 -2.32 22.86
C GLY A 83 2.86 -2.31 22.75
N GLY A 84 3.36 -2.51 21.53
CA GLY A 84 4.80 -2.53 21.32
C GLY A 84 5.18 -3.11 19.98
N GLY A 85 4.59 -4.26 19.64
CA GLY A 85 4.88 -4.89 18.37
C GLY A 85 4.16 -4.25 17.21
N SER A 86 4.31 -4.82 16.02
CA SER A 86 3.67 -4.29 14.83
C SER A 86 3.82 -5.25 13.65
N SER A 87 2.78 -5.36 12.85
CA SER A 87 2.79 -6.25 11.68
C SER A 87 2.94 -5.46 10.39
N THR A 88 3.69 -6.02 9.44
CA THR A 88 3.91 -5.37 8.16
C THR A 88 3.44 -6.24 7.01
N LEU A 89 2.47 -5.75 6.26
CA LEU A 89 1.92 -6.49 5.13
C LEU A 89 2.46 -5.94 3.81
N THR A 90 3.23 -6.76 3.10
CA THR A 90 3.82 -6.36 1.82
C THR A 90 2.90 -6.74 0.67
N GLY A 91 2.73 -5.80 -0.26
CA GLY A 91 1.87 -6.06 -1.42
C GLY A 91 2.28 -5.23 -2.63
N ARG A 92 2.56 -5.92 -3.74
CA ARG A 92 2.96 -5.24 -4.97
C ARG A 92 1.77 -5.08 -5.90
N VAL A 93 1.68 -3.90 -6.53
CA VAL A 93 0.59 -3.62 -7.46
C VAL A 93 1.11 -2.98 -8.73
N THR A 94 0.59 -3.42 -9.88
CA THR A 94 1.00 -2.88 -11.16
C THR A 94 -0.02 -1.90 -11.71
N THR A 95 0.24 -0.61 -11.51
CA THR A 95 -0.67 0.43 -11.99
C THR A 95 -1.14 0.15 -13.40
N LYS A 96 -2.23 0.80 -13.80
CA LYS A 96 -2.79 0.62 -15.13
C LYS A 96 -2.01 1.43 -16.16
N LYS A 97 -2.33 1.22 -17.43
CA LYS A 97 -1.66 1.94 -18.52
C LYS A 97 -2.22 3.35 -18.66
N ALA A 98 -1.33 4.31 -18.89
CA ALA A 98 -1.74 5.70 -19.05
C ALA A 98 -2.44 5.92 -20.39
N PRO A 99 -3.48 6.76 -20.39
CA PRO A 99 -4.26 7.07 -21.59
C PRO A 99 -3.46 7.90 -22.60
N SER A 100 -2.68 8.85 -22.08
CA SER A 100 -1.87 9.71 -22.94
C SER A 100 -2.72 10.37 -24.01
N PRO A 101 -3.80 11.05 -23.58
CA PRO A 101 -4.72 11.74 -24.49
C PRO A 101 -4.08 12.96 -25.15
N SER A 102 -3.59 12.77 -26.37
CA SER A 102 -2.94 13.85 -27.11
C SER A 102 -3.62 15.19 -26.81
N SER A 103 -2.81 16.23 -26.68
CA SER A 103 -3.33 17.57 -26.39
C SER A 103 -3.62 18.33 -27.67
N GLY A 104 -4.77 19.00 -27.70
CA GLY A 104 -5.15 19.76 -28.87
C GLY A 104 -6.07 20.93 -28.54
N PRO A 105 -6.54 21.63 -29.58
CA PRO A 105 -7.43 22.79 -29.41
C PRO A 105 -8.83 22.38 -28.93
N SER A 106 -9.03 21.07 -28.80
CA SER A 106 -10.32 20.55 -28.36
C SER A 106 -10.54 20.83 -26.88
N SER A 107 -11.11 22.00 -26.58
CA SER A 107 -11.37 22.40 -25.20
C SER A 107 -12.51 23.41 -25.12
N GLY A 108 -13.13 23.51 -23.96
CA GLY A 108 -14.23 24.43 -23.78
C GLY A 108 -13.99 25.76 -24.47
N GLY A 1 27.41 -18.74 8.39
CA GLY A 1 26.99 -17.36 8.48
C GLY A 1 25.86 -17.17 9.47
N SER A 2 25.58 -15.91 9.81
CA SER A 2 24.52 -15.60 10.76
C SER A 2 23.15 -15.86 10.14
N SER A 3 22.67 -17.09 10.25
CA SER A 3 21.37 -17.47 9.71
C SER A 3 20.54 -18.22 10.74
N GLY A 4 19.91 -17.48 11.65
CA GLY A 4 19.10 -18.09 12.68
C GLY A 4 17.68 -17.55 12.69
N SER A 5 17.06 -17.48 11.53
CA SER A 5 15.70 -16.97 11.41
C SER A 5 14.70 -17.96 11.99
N SER A 6 13.69 -17.44 12.69
CA SER A 6 12.67 -18.27 13.31
C SER A 6 11.52 -18.54 12.34
N GLY A 7 10.91 -17.46 11.85
CA GLY A 7 9.81 -17.60 10.91
C GLY A 7 9.07 -16.30 10.70
N LEU A 8 8.99 -15.86 9.45
CA LEU A 8 8.30 -14.62 9.11
C LEU A 8 7.12 -14.88 8.18
N ALA A 9 5.95 -14.38 8.56
CA ALA A 9 4.75 -14.57 7.77
C ALA A 9 3.71 -13.50 8.09
N PRO A 10 3.01 -13.02 7.05
CA PRO A 10 1.98 -11.99 7.20
C PRO A 10 0.74 -12.51 7.91
N PRO A 11 0.02 -11.61 8.61
CA PRO A 11 -1.19 -11.97 9.35
C PRO A 11 -2.36 -12.30 8.42
N ARG A 12 -2.59 -11.43 7.44
CA ARG A 12 -3.68 -11.64 6.49
C ARG A 12 -3.21 -11.36 5.06
N HIS A 13 -4.12 -11.48 4.11
CA HIS A 13 -3.80 -11.25 2.70
C HIS A 13 -4.24 -9.85 2.29
N LEU A 14 -3.44 -9.21 1.44
CA LEU A 14 -3.75 -7.87 0.96
C LEU A 14 -4.65 -7.92 -0.26
N GLY A 15 -5.12 -6.75 -0.70
CA GLY A 15 -5.99 -6.68 -1.86
C GLY A 15 -6.04 -5.30 -2.47
N PHE A 16 -5.80 -5.22 -3.78
CA PHE A 16 -5.81 -3.96 -4.48
C PHE A 16 -7.07 -3.81 -5.32
N SER A 17 -7.66 -2.62 -5.31
CA SER A 17 -8.87 -2.35 -6.07
C SER A 17 -8.90 -0.91 -6.58
N ASP A 18 -9.77 -0.65 -7.55
CA ASP A 18 -9.89 0.69 -8.12
C ASP A 18 -8.52 1.25 -8.51
N VAL A 19 -7.59 0.35 -8.80
CA VAL A 19 -6.23 0.74 -9.18
C VAL A 19 -6.24 1.46 -10.54
N SER A 20 -5.46 2.54 -10.61
CA SER A 20 -5.37 3.32 -11.85
C SER A 20 -3.92 3.48 -12.28
N HIS A 21 -3.72 4.22 -13.37
CA HIS A 21 -2.38 4.46 -13.90
C HIS A 21 -1.69 5.59 -13.13
N ASP A 22 -2.45 6.27 -12.28
CA ASP A 22 -1.92 7.37 -11.49
C ASP A 22 -2.29 7.22 -10.02
N ALA A 23 -2.71 6.01 -9.64
CA ALA A 23 -3.09 5.74 -8.26
C ALA A 23 -3.34 4.25 -8.05
N ALA A 24 -3.49 3.86 -6.80
CA ALA A 24 -3.74 2.45 -6.45
C ALA A 24 -4.20 2.31 -5.01
N ARG A 25 -5.37 1.72 -4.82
CA ARG A 25 -5.92 1.52 -3.48
C ARG A 25 -5.44 0.20 -2.89
N VAL A 26 -5.13 0.21 -1.60
CA VAL A 26 -4.66 -0.98 -0.91
C VAL A 26 -5.47 -1.25 0.36
N PHE A 27 -6.21 -2.35 0.37
CA PHE A 27 -7.03 -2.71 1.52
C PHE A 27 -6.59 -4.06 2.09
N TRP A 28 -6.93 -4.29 3.36
CA TRP A 28 -6.57 -5.53 4.03
C TRP A 28 -7.76 -6.13 4.75
N GLU A 29 -7.61 -7.35 5.26
CA GLU A 29 -8.68 -8.03 5.96
C GLU A 29 -8.61 -7.76 7.46
N GLY A 30 -7.76 -6.80 7.84
CA GLY A 30 -7.60 -6.46 9.25
C GLY A 30 -6.46 -7.22 9.89
N ALA A 31 -6.32 -7.04 11.21
CA ALA A 31 -5.26 -7.72 11.96
C ALA A 31 -5.82 -8.46 13.16
N PRO A 32 -5.09 -9.49 13.61
CA PRO A 32 -5.51 -10.30 14.77
C PRO A 32 -5.42 -9.53 16.08
N ARG A 33 -5.01 -8.27 16.00
CA ARG A 33 -4.88 -7.43 17.17
C ARG A 33 -5.23 -5.97 16.85
N PRO A 34 -5.66 -5.22 17.88
CA PRO A 34 -6.03 -3.82 17.73
C PRO A 34 -4.82 -2.93 17.45
N VAL A 35 -5.02 -1.91 16.62
CA VAL A 35 -3.95 -0.98 16.28
C VAL A 35 -4.34 0.45 16.61
N ARG A 36 -3.34 1.27 16.92
CA ARG A 36 -3.58 2.67 17.26
C ARG A 36 -3.28 3.58 16.07
N LEU A 37 -2.39 3.13 15.20
CA LEU A 37 -2.02 3.90 14.01
C LEU A 37 -1.46 3.00 12.93
N VAL A 38 -1.68 3.38 11.68
CA VAL A 38 -1.19 2.60 10.54
C VAL A 38 -0.38 3.47 9.59
N ARG A 39 0.90 3.13 9.42
CA ARG A 39 1.78 3.88 8.54
C ARG A 39 2.09 3.09 7.27
N VAL A 40 1.50 3.52 6.16
CA VAL A 40 1.72 2.85 4.87
C VAL A 40 2.87 3.47 4.11
N THR A 41 3.63 2.65 3.41
CA THR A 41 4.77 3.12 2.64
C THR A 41 4.86 2.39 1.29
N TYR A 42 4.86 3.16 0.21
CA TYR A 42 4.94 2.60 -1.12
C TYR A 42 6.24 3.00 -1.81
N VAL A 43 6.70 2.16 -2.74
CA VAL A 43 7.93 2.43 -3.47
C VAL A 43 7.85 1.90 -4.90
N SER A 44 8.63 2.50 -5.79
CA SER A 44 8.65 2.09 -7.18
C SER A 44 9.72 1.02 -7.42
N SER A 45 9.35 -0.23 -7.23
CA SER A 45 10.28 -1.35 -7.41
C SER A 45 11.46 -1.22 -6.46
N GLU A 46 11.17 -1.03 -5.18
CA GLU A 46 12.22 -0.91 -4.17
C GLU A 46 13.40 -0.12 -4.71
N GLY A 47 13.12 0.98 -5.41
CA GLY A 47 14.17 1.80 -5.98
C GLY A 47 13.62 2.91 -6.85
N GLY A 48 13.27 4.03 -6.23
CA GLY A 48 12.74 5.16 -6.98
C GLY A 48 11.76 5.98 -6.16
N HIS A 49 10.69 6.43 -6.82
CA HIS A 49 9.68 7.23 -6.15
C HIS A 49 9.05 6.46 -4.98
N SER A 50 9.16 7.04 -3.79
CA SER A 50 8.60 6.40 -2.60
C SER A 50 7.82 7.40 -1.76
N GLY A 51 6.82 6.91 -1.03
CA GLY A 51 6.00 7.78 -0.20
C GLY A 51 5.69 7.16 1.15
N GLN A 52 4.85 7.84 1.92
CA GLN A 52 4.47 7.35 3.24
C GLN A 52 3.24 8.09 3.77
N THR A 53 2.16 7.35 3.99
CA THR A 53 0.92 7.93 4.48
C THR A 53 0.53 7.33 5.83
N GLU A 54 -0.35 8.02 6.55
CA GLU A 54 -0.80 7.56 7.85
C GLU A 54 -2.32 7.36 7.86
N ALA A 55 -2.77 6.32 8.58
CA ALA A 55 -4.18 6.02 8.67
C ALA A 55 -4.53 5.49 10.05
N PRO A 56 -5.80 5.68 10.45
CA PRO A 56 -6.30 5.22 11.75
C PRO A 56 -6.40 3.71 11.83
N GLY A 57 -6.18 3.17 13.03
CA GLY A 57 -6.25 1.73 13.21
C GLY A 57 -7.59 1.15 12.80
N ASN A 58 -8.56 2.03 12.57
CA ASN A 58 -9.90 1.61 12.17
C ASN A 58 -9.99 1.50 10.65
N ALA A 59 -9.25 2.34 9.95
CA ALA A 59 -9.24 2.33 8.49
C ALA A 59 -8.77 0.99 7.95
N THR A 60 -9.64 0.31 7.22
CA THR A 60 -9.31 -0.99 6.64
C THR A 60 -8.98 -0.86 5.16
N SER A 61 -8.65 0.35 4.73
CA SER A 61 -8.31 0.61 3.33
C SER A 61 -7.81 2.03 3.14
N ALA A 62 -6.77 2.18 2.32
CA ALA A 62 -6.20 3.49 2.04
C ALA A 62 -5.87 3.65 0.57
N MET A 63 -5.75 4.90 0.12
CA MET A 63 -5.45 5.19 -1.27
C MET A 63 -3.99 5.63 -1.43
N LEU A 64 -3.46 5.49 -2.64
CA LEU A 64 -2.09 5.86 -2.93
C LEU A 64 -2.00 6.70 -4.19
N GLY A 65 -0.95 7.51 -4.29
CA GLY A 65 -0.77 8.35 -5.47
C GLY A 65 -0.34 9.75 -5.11
N PRO A 66 0.01 10.55 -6.13
CA PRO A 66 -0.01 10.09 -7.53
C PRO A 66 1.09 9.07 -7.82
N LEU A 67 0.72 8.00 -8.53
CA LEU A 67 1.67 6.94 -8.86
C LEU A 67 1.95 6.93 -10.36
N SER A 68 2.90 6.09 -10.78
CA SER A 68 3.27 5.99 -12.17
C SER A 68 2.35 5.02 -12.91
N SER A 69 2.61 4.83 -14.20
CA SER A 69 1.80 3.93 -15.01
C SER A 69 2.61 2.73 -15.47
N SER A 70 1.94 1.59 -15.61
CA SER A 70 2.61 0.36 -16.04
C SER A 70 3.86 0.10 -15.21
N THR A 71 3.87 0.61 -13.98
CA THR A 71 5.01 0.44 -13.09
C THR A 71 4.62 -0.34 -11.85
N THR A 72 5.49 -1.26 -11.44
CA THR A 72 5.24 -2.08 -10.26
C THR A 72 5.67 -1.36 -8.98
N TYR A 73 4.71 -1.04 -8.13
CA TYR A 73 5.01 -0.35 -6.87
C TYR A 73 4.80 -1.28 -5.68
N THR A 74 5.83 -1.39 -4.85
CA THR A 74 5.77 -2.25 -3.67
C THR A 74 5.21 -1.50 -2.47
N VAL A 75 3.97 -1.82 -2.11
CA VAL A 75 3.32 -1.16 -0.98
C VAL A 75 3.52 -1.97 0.30
N ARG A 76 3.55 -1.27 1.44
CA ARG A 76 3.73 -1.92 2.72
C ARG A 76 2.91 -1.21 3.80
N VAL A 77 1.87 -1.89 4.30
CA VAL A 77 1.01 -1.33 5.33
C VAL A 77 1.47 -1.77 6.72
N THR A 78 2.12 -0.86 7.44
CA THR A 78 2.61 -1.15 8.77
C THR A 78 1.63 -0.65 9.84
N CYS A 79 1.04 -1.58 10.57
CA CYS A 79 0.09 -1.23 11.62
C CYS A 79 0.78 -1.19 12.99
N LEU A 80 1.04 0.03 13.47
CA LEU A 80 1.70 0.21 14.76
C LEU A 80 0.73 -0.07 15.90
N TYR A 81 0.91 -1.22 16.56
CA TYR A 81 0.05 -1.60 17.67
C TYR A 81 0.49 -0.91 18.96
N PRO A 82 -0.50 -0.54 19.79
CA PRO A 82 -0.25 0.14 21.07
C PRO A 82 0.39 -0.78 22.10
N GLY A 83 1.72 -0.86 22.06
CA GLY A 83 2.44 -1.71 22.99
C GLY A 83 3.88 -1.91 22.59
N GLY A 84 4.20 -3.11 22.11
CA GLY A 84 5.56 -3.42 21.70
C GLY A 84 5.61 -4.33 20.50
N GLY A 85 5.13 -3.85 19.36
CA GLY A 85 5.14 -4.64 18.15
C GLY A 85 4.45 -3.95 16.99
N SER A 86 4.62 -4.49 15.79
CA SER A 86 4.02 -3.91 14.60
C SER A 86 4.16 -4.87 13.41
N SER A 87 3.09 -4.96 12.62
CA SER A 87 3.08 -5.84 11.46
C SER A 87 3.39 -5.06 10.19
N THR A 88 3.61 -5.78 9.09
CA THR A 88 3.92 -5.15 7.81
C THR A 88 3.34 -5.95 6.65
N LEU A 89 2.25 -5.43 6.07
CA LEU A 89 1.61 -6.10 4.95
C LEU A 89 2.15 -5.59 3.62
N THR A 90 2.93 -6.42 2.95
CA THR A 90 3.52 -6.06 1.66
C THR A 90 2.61 -6.47 0.51
N GLY A 91 2.44 -5.57 -0.46
CA GLY A 91 1.60 -5.86 -1.60
C GLY A 91 2.05 -5.14 -2.85
N ARG A 92 2.24 -5.90 -3.93
CA ARG A 92 2.68 -5.32 -5.20
C ARG A 92 1.49 -5.06 -6.12
N VAL A 93 1.37 -3.81 -6.58
CA VAL A 93 0.28 -3.43 -7.46
C VAL A 93 0.81 -2.70 -8.69
N THR A 94 0.84 -3.40 -9.82
CA THR A 94 1.32 -2.82 -11.06
C THR A 94 0.35 -1.76 -11.59
N THR A 95 0.74 -0.49 -11.43
CA THR A 95 -0.08 0.62 -11.89
C THR A 95 -0.59 0.38 -13.30
N LYS A 96 -1.80 0.86 -13.58
CA LYS A 96 -2.39 0.71 -14.91
C LYS A 96 -1.72 1.63 -15.92
N LYS A 97 -1.98 1.40 -17.20
CA LYS A 97 -1.40 2.21 -18.26
C LYS A 97 -2.04 3.59 -18.29
N ALA A 98 -1.22 4.61 -18.54
CA ALA A 98 -1.71 5.98 -18.60
C ALA A 98 -1.93 6.43 -20.05
N PRO A 99 -3.00 7.20 -20.27
CA PRO A 99 -3.35 7.71 -21.60
C PRO A 99 -2.37 8.75 -22.10
N SER A 100 -1.48 8.33 -23.01
CA SER A 100 -0.48 9.24 -23.57
C SER A 100 -1.04 10.65 -23.73
N PRO A 101 -2.11 10.76 -24.54
CA PRO A 101 -2.76 12.05 -24.79
C PRO A 101 -3.51 12.58 -23.56
N SER A 102 -3.80 13.87 -23.57
CA SER A 102 -4.50 14.50 -22.45
C SER A 102 -5.99 14.19 -22.51
N SER A 103 -6.65 14.63 -23.58
CA SER A 103 -8.08 14.39 -23.75
C SER A 103 -8.81 14.55 -22.43
N GLY A 104 -8.57 15.66 -21.74
CA GLY A 104 -9.21 15.91 -20.47
C GLY A 104 -10.65 16.38 -20.63
N PRO A 105 -11.24 16.90 -19.54
CA PRO A 105 -12.61 17.38 -19.54
C PRO A 105 -12.79 18.66 -20.36
N SER A 106 -14.03 19.07 -20.56
CA SER A 106 -14.32 20.27 -21.32
C SER A 106 -15.50 21.03 -20.70
N SER A 107 -15.20 22.17 -20.09
CA SER A 107 -16.22 23.00 -19.46
C SER A 107 -16.19 24.42 -20.00
N GLY A 108 -17.21 25.21 -19.66
CA GLY A 108 -17.28 26.58 -20.12
C GLY A 108 -17.89 27.50 -19.08
N GLY A 1 16.82 -15.89 21.23
CA GLY A 1 18.15 -15.35 21.01
C GLY A 1 18.70 -15.72 19.65
N SER A 2 19.99 -16.07 19.62
CA SER A 2 20.65 -16.45 18.37
C SER A 2 19.88 -17.55 17.66
N SER A 3 19.66 -18.66 18.37
CA SER A 3 18.95 -19.79 17.80
C SER A 3 17.44 -19.56 17.86
N GLY A 4 16.91 -18.85 16.88
CA GLY A 4 15.48 -18.57 16.84
C GLY A 4 14.87 -18.90 15.50
N SER A 5 13.59 -18.56 15.34
CA SER A 5 12.88 -18.84 14.09
C SER A 5 13.11 -17.72 13.08
N SER A 6 14.00 -17.98 12.12
CA SER A 6 14.32 -17.00 11.09
C SER A 6 13.24 -16.98 10.02
N GLY A 7 12.11 -16.34 10.33
CA GLY A 7 11.02 -16.26 9.37
C GLY A 7 9.93 -15.30 9.82
N LEU A 8 8.83 -15.28 9.09
CA LEU A 8 7.71 -14.40 9.42
C LEU A 8 6.53 -14.66 8.49
N ALA A 9 5.33 -14.71 9.08
CA ALA A 9 4.11 -14.95 8.31
C ALA A 9 3.14 -13.79 8.43
N PRO A 10 2.54 -13.39 7.31
CA PRO A 10 1.59 -12.28 7.26
C PRO A 10 0.27 -12.63 7.95
N PRO A 11 -0.34 -11.62 8.60
CA PRO A 11 -1.61 -11.79 9.31
C PRO A 11 -2.78 -12.02 8.36
N ARG A 12 -2.67 -11.46 7.16
CA ARG A 12 -3.73 -11.59 6.16
C ARG A 12 -3.19 -11.26 4.76
N HIS A 13 -4.07 -11.32 3.77
CA HIS A 13 -3.69 -11.04 2.39
C HIS A 13 -4.04 -9.60 2.03
N LEU A 14 -3.28 -9.03 1.09
CA LEU A 14 -3.50 -7.65 0.66
C LEU A 14 -4.33 -7.62 -0.62
N GLY A 15 -5.08 -6.53 -0.80
CA GLY A 15 -5.92 -6.40 -1.99
C GLY A 15 -5.78 -5.03 -2.62
N PHE A 16 -6.05 -4.95 -3.93
CA PHE A 16 -5.95 -3.70 -4.65
C PHE A 16 -7.14 -3.54 -5.61
N SER A 17 -7.92 -2.48 -5.41
CA SER A 17 -9.07 -2.22 -6.25
C SER A 17 -9.06 -0.77 -6.75
N ASP A 18 -9.73 -0.55 -7.89
CA ASP A 18 -9.80 0.78 -8.48
C ASP A 18 -8.39 1.30 -8.79
N VAL A 19 -7.46 0.39 -9.00
CA VAL A 19 -6.09 0.75 -9.31
C VAL A 19 -6.02 1.67 -10.53
N SER A 20 -5.31 2.79 -10.38
CA SER A 20 -5.17 3.76 -11.47
C SER A 20 -3.72 3.86 -11.91
N HIS A 21 -3.45 4.79 -12.83
CA HIS A 21 -2.10 5.00 -13.34
C HIS A 21 -1.36 6.04 -12.50
N ASP A 22 -2.09 6.70 -11.60
CA ASP A 22 -1.50 7.71 -10.74
C ASP A 22 -1.91 7.49 -9.29
N ALA A 23 -2.53 6.35 -9.02
CA ALA A 23 -2.97 6.02 -7.67
C ALA A 23 -3.40 4.56 -7.57
N ALA A 24 -3.49 4.05 -6.35
CA ALA A 24 -3.88 2.67 -6.12
C ALA A 24 -4.45 2.47 -4.71
N ARG A 25 -5.64 1.92 -4.63
CA ARG A 25 -6.30 1.69 -3.35
C ARG A 25 -5.96 0.31 -2.82
N VAL A 26 -5.30 0.26 -1.65
CA VAL A 26 -4.92 -1.00 -1.04
C VAL A 26 -5.74 -1.26 0.22
N PHE A 27 -6.43 -2.39 0.24
CA PHE A 27 -7.25 -2.77 1.39
C PHE A 27 -6.89 -4.15 1.90
N TRP A 28 -6.72 -4.27 3.22
CA TRP A 28 -6.37 -5.54 3.83
C TRP A 28 -7.57 -6.16 4.54
N GLU A 29 -7.45 -7.42 4.93
CA GLU A 29 -8.52 -8.12 5.63
C GLU A 29 -8.49 -7.81 7.11
N GLY A 30 -7.77 -6.77 7.49
CA GLY A 30 -7.67 -6.39 8.89
C GLY A 30 -6.60 -7.17 9.62
N ALA A 31 -6.63 -7.09 10.96
CA ALA A 31 -5.67 -7.80 11.79
C ALA A 31 -6.34 -8.47 12.98
N PRO A 32 -5.73 -9.57 13.45
CA PRO A 32 -6.27 -10.33 14.59
C PRO A 32 -6.15 -9.56 15.90
N ARG A 33 -5.47 -8.42 15.86
CA ARG A 33 -5.28 -7.60 17.04
C ARG A 33 -5.67 -6.14 16.76
N PRO A 34 -6.00 -5.40 17.83
CA PRO A 34 -6.40 -4.00 17.73
C PRO A 34 -5.23 -3.10 17.34
N VAL A 35 -5.51 -2.07 16.55
CA VAL A 35 -4.48 -1.12 16.12
C VAL A 35 -4.86 0.30 16.49
N ARG A 36 -3.84 1.12 16.75
CA ARG A 36 -4.05 2.52 17.11
C ARG A 36 -3.74 3.44 15.95
N LEU A 37 -2.83 3.01 15.08
CA LEU A 37 -2.43 3.80 13.92
C LEU A 37 -1.77 2.92 12.86
N VAL A 38 -1.80 3.38 11.61
CA VAL A 38 -1.21 2.64 10.51
C VAL A 38 -0.38 3.56 9.61
N ARG A 39 0.72 3.03 9.09
CA ARG A 39 1.60 3.81 8.22
C ARG A 39 1.93 3.03 6.95
N VAL A 40 1.30 3.40 5.85
CA VAL A 40 1.53 2.73 4.57
C VAL A 40 2.61 3.44 3.76
N THR A 41 3.54 2.66 3.22
CA THR A 41 4.63 3.22 2.43
C THR A 41 4.82 2.44 1.13
N TYR A 42 4.66 3.12 0.00
CA TYR A 42 4.81 2.49 -1.30
C TYR A 42 6.06 3.00 -2.02
N VAL A 43 6.70 2.13 -2.77
CA VAL A 43 7.90 2.50 -3.52
C VAL A 43 7.91 1.87 -4.91
N SER A 44 8.41 2.62 -5.88
CA SER A 44 8.47 2.15 -7.27
C SER A 44 9.34 0.90 -7.37
N SER A 45 9.04 0.05 -8.36
CA SER A 45 9.79 -1.17 -8.57
C SER A 45 11.27 -0.97 -8.23
N GLU A 46 11.84 0.12 -8.72
CA GLU A 46 13.24 0.43 -8.48
C GLU A 46 13.39 1.43 -7.33
N GLY A 47 14.63 1.68 -6.93
CA GLY A 47 14.89 2.61 -5.84
C GLY A 47 14.96 4.05 -6.32
N GLY A 48 13.88 4.79 -6.14
CA GLY A 48 13.85 6.18 -6.56
C GLY A 48 12.69 6.95 -5.96
N HIS A 49 11.49 6.69 -6.45
CA HIS A 49 10.30 7.37 -5.95
C HIS A 49 9.61 6.53 -4.87
N SER A 50 8.96 7.21 -3.94
CA SER A 50 8.26 6.52 -2.85
C SER A 50 7.39 7.50 -2.06
N GLY A 51 6.42 6.97 -1.33
CA GLY A 51 5.53 7.80 -0.54
C GLY A 51 5.30 7.26 0.85
N GLN A 52 4.32 7.83 1.55
CA GLN A 52 4.00 7.39 2.91
C GLN A 52 2.73 8.07 3.41
N THR A 53 1.69 7.27 3.61
CA THR A 53 0.41 7.80 4.09
C THR A 53 0.02 7.16 5.42
N GLU A 54 -0.61 7.95 6.28
CA GLU A 54 -1.04 7.47 7.59
C GLU A 54 -2.54 7.23 7.62
N ALA A 55 -2.96 6.23 8.39
CA ALA A 55 -4.38 5.91 8.50
C ALA A 55 -4.72 5.43 9.91
N PRO A 56 -5.98 5.65 10.32
CA PRO A 56 -6.46 5.25 11.65
C PRO A 56 -6.55 3.74 11.80
N GLY A 57 -6.47 3.26 13.03
CA GLY A 57 -6.55 1.83 13.29
C GLY A 57 -7.86 1.24 12.82
N ASN A 58 -8.84 2.09 12.57
CA ASN A 58 -10.15 1.64 12.11
C ASN A 58 -10.20 1.57 10.58
N ALA A 59 -9.13 2.03 9.94
CA ALA A 59 -9.04 2.02 8.49
C ALA A 59 -8.50 0.70 7.97
N THR A 60 -9.24 0.06 7.07
CA THR A 60 -8.83 -1.21 6.51
C THR A 60 -8.24 -1.03 5.11
N SER A 61 -8.08 0.22 4.70
CA SER A 61 -7.52 0.53 3.38
C SER A 61 -6.98 1.95 3.35
N ALA A 62 -6.12 2.23 2.37
CA ALA A 62 -5.53 3.55 2.22
C ALA A 62 -5.22 3.85 0.77
N MET A 63 -5.39 5.12 0.37
CA MET A 63 -5.13 5.54 -0.99
C MET A 63 -3.63 5.77 -1.22
N LEU A 64 -3.19 5.55 -2.46
CA LEU A 64 -1.79 5.73 -2.81
C LEU A 64 -1.63 6.67 -3.99
N GLY A 65 -0.47 7.29 -4.11
CA GLY A 65 -0.22 8.21 -5.21
C GLY A 65 0.31 9.54 -4.74
N PRO A 66 0.74 10.38 -5.70
CA PRO A 66 0.69 10.05 -7.13
C PRO A 66 1.70 8.97 -7.49
N LEU A 67 1.24 7.99 -8.27
CA LEU A 67 2.10 6.89 -8.70
C LEU A 67 2.39 6.97 -10.19
N SER A 68 3.12 5.99 -10.70
CA SER A 68 3.46 5.95 -12.12
C SER A 68 2.47 5.08 -12.90
N SER A 69 2.70 4.95 -14.20
CA SER A 69 1.83 4.15 -15.06
C SER A 69 2.53 2.87 -15.51
N SER A 70 1.75 1.81 -15.69
CA SER A 70 2.30 0.53 -16.12
C SER A 70 3.58 0.20 -15.35
N THR A 71 3.66 0.67 -14.11
CA THR A 71 4.82 0.43 -13.28
C THR A 71 4.44 -0.28 -11.98
N THR A 72 5.16 -1.35 -11.66
CA THR A 72 4.89 -2.11 -10.44
C THR A 72 5.44 -1.40 -9.22
N TYR A 73 4.63 -1.34 -8.16
CA TYR A 73 5.04 -0.68 -6.93
C TYR A 73 4.92 -1.63 -5.73
N THR A 74 5.76 -1.42 -4.72
CA THR A 74 5.75 -2.26 -3.53
C THR A 74 5.14 -1.52 -2.34
N VAL A 75 3.90 -1.84 -2.02
CA VAL A 75 3.20 -1.22 -0.90
C VAL A 75 3.52 -1.93 0.41
N ARG A 76 3.68 -1.15 1.47
CA ARG A 76 3.99 -1.70 2.78
C ARG A 76 3.08 -1.10 3.86
N VAL A 77 2.19 -1.91 4.40
CA VAL A 77 1.26 -1.45 5.43
C VAL A 77 1.77 -1.81 6.82
N THR A 78 2.40 -0.84 7.47
CA THR A 78 2.95 -1.04 8.82
C THR A 78 1.92 -0.64 9.88
N CYS A 79 1.30 -1.65 10.49
CA CYS A 79 0.31 -1.41 11.54
C CYS A 79 0.97 -1.26 12.90
N LEU A 80 1.08 -0.04 13.38
CA LEU A 80 1.70 0.23 14.67
C LEU A 80 0.71 -0.01 15.80
N TYR A 81 0.94 -1.09 16.55
CA TYR A 81 0.06 -1.43 17.67
C TYR A 81 0.35 -0.54 18.88
N PRO A 82 -0.70 -0.30 19.69
CA PRO A 82 -0.59 0.53 20.89
C PRO A 82 0.23 -0.13 21.98
N GLY A 83 0.31 -1.46 21.95
CA GLY A 83 1.07 -2.19 22.94
C GLY A 83 2.54 -2.24 22.62
N GLY A 84 3.08 -3.44 22.49
CA GLY A 84 4.49 -3.61 22.19
C GLY A 84 4.73 -4.46 20.95
N GLY A 85 4.93 -3.81 19.82
CA GLY A 85 5.17 -4.54 18.58
C GLY A 85 4.48 -3.89 17.39
N SER A 86 4.59 -4.53 16.23
CA SER A 86 3.98 -4.02 15.01
C SER A 86 4.03 -5.05 13.90
N SER A 87 3.19 -4.87 12.89
CA SER A 87 3.13 -5.79 11.76
C SER A 87 3.44 -5.06 10.45
N THR A 88 3.75 -5.84 9.41
CA THR A 88 4.07 -5.27 8.11
C THR A 88 3.51 -6.13 6.99
N LEU A 89 2.51 -5.60 6.29
CA LEU A 89 1.89 -6.32 5.19
C LEU A 89 2.40 -5.81 3.84
N THR A 90 3.17 -6.64 3.15
CA THR A 90 3.72 -6.28 1.85
C THR A 90 2.75 -6.62 0.73
N GLY A 91 2.50 -5.65 -0.15
CA GLY A 91 1.60 -5.87 -1.27
C GLY A 91 2.04 -5.16 -2.52
N ARG A 92 2.22 -5.92 -3.60
CA ARG A 92 2.65 -5.35 -4.87
C ARG A 92 1.45 -5.03 -5.75
N VAL A 93 1.55 -3.93 -6.49
CA VAL A 93 0.47 -3.50 -7.37
C VAL A 93 1.02 -2.84 -8.63
N THR A 94 0.41 -3.15 -9.78
CA THR A 94 0.84 -2.59 -11.05
C THR A 94 -0.12 -1.48 -11.51
N THR A 95 0.36 -0.24 -11.46
CA THR A 95 -0.44 0.90 -11.88
C THR A 95 -0.86 0.78 -13.34
N LYS A 96 -2.08 1.21 -13.64
CA LYS A 96 -2.60 1.16 -15.00
C LYS A 96 -1.85 2.12 -15.92
N LYS A 97 -1.96 1.89 -17.22
CA LYS A 97 -1.29 2.74 -18.20
C LYS A 97 -1.76 4.19 -18.08
N ALA A 98 -0.94 5.11 -18.55
CA ALA A 98 -1.27 6.53 -18.51
C ALA A 98 -1.91 7.00 -19.81
N PRO A 99 -2.89 7.90 -19.71
CA PRO A 99 -3.59 8.45 -20.86
C PRO A 99 -2.71 9.36 -21.72
N SER A 100 -2.02 10.29 -21.06
CA SER A 100 -1.14 11.22 -21.75
C SER A 100 0.14 11.43 -20.96
N PRO A 101 1.26 11.61 -21.70
CA PRO A 101 2.58 11.83 -21.08
C PRO A 101 2.69 13.19 -20.40
N SER A 102 2.28 14.24 -21.12
CA SER A 102 2.33 15.59 -20.58
C SER A 102 1.06 15.92 -19.78
N SER A 103 1.11 17.00 -19.03
CA SER A 103 -0.03 17.42 -18.22
C SER A 103 -0.96 18.33 -19.01
N GLY A 104 -2.18 18.51 -18.51
CA GLY A 104 -3.15 19.35 -19.19
C GLY A 104 -4.45 19.47 -18.42
N PRO A 105 -4.48 20.39 -17.45
CA PRO A 105 -5.66 20.63 -16.62
C PRO A 105 -6.80 21.28 -17.40
N SER A 106 -7.98 21.31 -16.79
CA SER A 106 -9.16 21.89 -17.44
C SER A 106 -9.81 22.92 -16.52
N SER A 107 -9.99 24.14 -17.05
CA SER A 107 -10.62 25.21 -16.28
C SER A 107 -12.12 25.26 -16.52
N GLY A 108 -12.85 25.82 -15.57
CA GLY A 108 -14.29 25.93 -15.70
C GLY A 108 -14.93 24.60 -16.05
N GLY A 1 17.60 -13.75 29.18
CA GLY A 1 18.03 -14.63 28.10
C GLY A 1 16.87 -15.08 27.23
N SER A 2 16.96 -14.78 25.93
CA SER A 2 15.92 -15.16 24.98
C SER A 2 16.48 -15.26 23.57
N SER A 3 15.76 -15.97 22.71
CA SER A 3 16.18 -16.16 21.33
C SER A 3 15.03 -16.66 20.46
N GLY A 4 15.27 -16.76 19.16
CA GLY A 4 14.24 -17.24 18.25
C GLY A 4 14.76 -17.39 16.83
N SER A 5 14.16 -18.31 16.09
CA SER A 5 14.57 -18.56 14.71
C SER A 5 13.61 -17.89 13.73
N SER A 6 14.07 -17.68 12.51
CA SER A 6 13.25 -17.05 11.48
C SER A 6 11.94 -17.81 11.28
N GLY A 7 10.89 -17.10 10.87
CA GLY A 7 9.61 -17.73 10.65
C GLY A 7 8.45 -16.86 11.11
N LEU A 8 8.29 -15.70 10.47
CA LEU A 8 7.22 -14.78 10.82
C LEU A 8 6.03 -14.94 9.89
N ALA A 9 4.85 -15.10 10.47
CA ALA A 9 3.62 -15.26 9.69
C ALA A 9 2.74 -14.01 9.77
N PRO A 10 2.26 -13.55 8.61
CA PRO A 10 1.40 -12.37 8.53
C PRO A 10 0.02 -12.61 9.12
N PRO A 11 -0.58 -11.55 9.66
CA PRO A 11 -1.91 -11.62 10.28
C PRO A 11 -3.02 -11.84 9.25
N ARG A 12 -2.86 -11.22 8.08
CA ARG A 12 -3.84 -11.35 7.01
C ARG A 12 -3.21 -11.07 5.66
N HIS A 13 -4.03 -11.10 4.61
CA HIS A 13 -3.55 -10.84 3.26
C HIS A 13 -3.92 -9.44 2.80
N LEU A 14 -3.33 -9.00 1.69
CA LEU A 14 -3.59 -7.68 1.14
C LEU A 14 -4.45 -7.77 -0.12
N GLY A 15 -4.96 -6.63 -0.57
CA GLY A 15 -5.79 -6.60 -1.76
C GLY A 15 -5.69 -5.28 -2.50
N PHE A 16 -5.75 -5.34 -3.82
CA PHE A 16 -5.66 -4.13 -4.64
C PHE A 16 -6.89 -4.00 -5.53
N SER A 17 -7.66 -2.93 -5.32
CA SER A 17 -8.87 -2.69 -6.10
C SER A 17 -8.93 -1.24 -6.57
N ASP A 18 -9.71 -1.00 -7.63
CA ASP A 18 -9.84 0.34 -8.19
C ASP A 18 -8.49 0.91 -8.60
N VAL A 19 -7.57 0.01 -8.96
CA VAL A 19 -6.23 0.42 -9.37
C VAL A 19 -6.29 1.26 -10.63
N SER A 20 -5.48 2.33 -10.67
CA SER A 20 -5.45 3.22 -11.83
C SER A 20 -4.01 3.37 -12.35
N HIS A 21 -3.86 4.15 -13.41
CA HIS A 21 -2.55 4.38 -14.01
C HIS A 21 -1.81 5.49 -13.27
N ASP A 22 -2.51 6.17 -12.38
CA ASP A 22 -1.91 7.27 -11.61
C ASP A 22 -2.26 7.14 -10.13
N ALA A 23 -2.78 5.98 -9.74
CA ALA A 23 -3.15 5.73 -8.36
C ALA A 23 -3.47 4.26 -8.13
N ALA A 24 -3.65 3.89 -6.86
CA ALA A 24 -3.95 2.51 -6.51
C ALA A 24 -4.42 2.41 -5.07
N ARG A 25 -5.59 1.82 -4.87
CA ARG A 25 -6.16 1.66 -3.53
C ARG A 25 -5.72 0.34 -2.91
N VAL A 26 -5.21 0.40 -1.68
CA VAL A 26 -4.75 -0.79 -0.98
C VAL A 26 -5.56 -1.03 0.28
N PHE A 27 -6.24 -2.18 0.34
CA PHE A 27 -7.05 -2.53 1.49
C PHE A 27 -6.63 -3.87 2.07
N TRP A 28 -6.81 -4.03 3.37
CA TRP A 28 -6.44 -5.27 4.06
C TRP A 28 -7.66 -5.91 4.72
N GLU A 29 -7.46 -7.09 5.29
CA GLU A 29 -8.55 -7.80 5.96
C GLU A 29 -8.58 -7.48 7.45
N GLY A 30 -7.76 -6.50 7.85
CA GLY A 30 -7.71 -6.12 9.25
C GLY A 30 -7.06 -7.17 10.13
N ALA A 31 -6.43 -6.72 11.21
CA ALA A 31 -5.76 -7.64 12.14
C ALA A 31 -6.69 -8.02 13.29
N PRO A 32 -6.46 -9.22 13.85
CA PRO A 32 -7.26 -9.73 14.97
C PRO A 32 -7.01 -8.95 16.26
N ARG A 33 -6.05 -8.04 16.22
CA ARG A 33 -5.72 -7.23 17.39
C ARG A 33 -5.95 -5.75 17.12
N PRO A 34 -6.16 -4.98 18.19
CA PRO A 34 -6.40 -3.54 18.10
C PRO A 34 -5.16 -2.77 17.66
N VAL A 35 -5.36 -1.75 16.83
CA VAL A 35 -4.26 -0.93 16.34
C VAL A 35 -4.47 0.54 16.68
N ARG A 36 -3.39 1.23 17.00
CA ARG A 36 -3.46 2.64 17.34
C ARG A 36 -3.21 3.52 16.11
N LEU A 37 -2.29 3.07 15.26
CA LEU A 37 -1.97 3.81 14.04
C LEU A 37 -1.61 2.85 12.91
N VAL A 38 -1.65 3.36 11.68
CA VAL A 38 -1.33 2.55 10.50
C VAL A 38 -0.54 3.36 9.49
N ARG A 39 0.74 3.00 9.31
CA ARG A 39 1.60 3.69 8.37
C ARG A 39 1.74 2.89 7.07
N VAL A 40 1.59 3.58 5.94
CA VAL A 40 1.70 2.94 4.64
C VAL A 40 2.80 3.57 3.80
N THR A 41 3.74 2.74 3.34
CA THR A 41 4.85 3.23 2.53
C THR A 41 4.87 2.54 1.17
N TYR A 42 4.73 3.33 0.11
CA TYR A 42 4.73 2.79 -1.25
C TYR A 42 5.98 3.24 -2.01
N VAL A 43 6.43 2.41 -2.94
CA VAL A 43 7.61 2.73 -3.75
C VAL A 43 7.52 2.07 -5.13
N SER A 44 8.02 2.79 -6.14
CA SER A 44 8.00 2.28 -7.50
C SER A 44 8.83 1.01 -7.62
N SER A 45 8.63 0.28 -8.71
CA SER A 45 9.37 -0.96 -8.95
C SER A 45 10.85 -0.78 -8.64
N GLU A 46 11.42 0.32 -9.12
CA GLU A 46 12.83 0.60 -8.90
C GLU A 46 13.00 1.58 -7.74
N GLY A 47 13.95 1.27 -6.86
CA GLY A 47 14.20 2.14 -5.71
C GLY A 47 14.34 3.60 -6.10
N GLY A 48 13.32 4.39 -5.80
CA GLY A 48 13.35 5.80 -6.13
C GLY A 48 12.18 6.56 -5.55
N HIS A 49 11.17 6.82 -6.39
CA HIS A 49 9.98 7.54 -5.95
C HIS A 49 9.18 6.71 -4.95
N SER A 50 8.98 7.25 -3.76
CA SER A 50 8.23 6.57 -2.72
C SER A 50 7.55 7.56 -1.79
N GLY A 51 6.52 7.10 -1.08
CA GLY A 51 5.79 7.97 -0.17
C GLY A 51 5.43 7.27 1.12
N GLN A 52 4.87 8.01 2.06
CA GLN A 52 4.47 7.46 3.35
C GLN A 52 3.25 8.18 3.91
N THR A 53 2.14 7.46 4.01
CA THR A 53 0.89 8.03 4.52
C THR A 53 0.51 7.39 5.85
N GLU A 54 -0.23 8.14 6.67
CA GLU A 54 -0.67 7.65 7.97
C GLU A 54 -2.19 7.51 8.00
N ALA A 55 -2.65 6.43 8.63
CA ALA A 55 -4.08 6.18 8.75
C ALA A 55 -4.45 5.67 10.14
N PRO A 56 -5.70 5.90 10.55
CA PRO A 56 -6.21 5.48 11.86
C PRO A 56 -6.34 3.97 11.97
N GLY A 57 -6.14 3.44 13.17
CA GLY A 57 -6.24 2.02 13.39
C GLY A 57 -7.57 1.45 12.94
N ASN A 58 -8.52 2.34 12.67
CA ASN A 58 -9.85 1.92 12.22
C ASN A 58 -9.92 1.83 10.70
N ALA A 59 -9.04 2.58 10.03
CA ALA A 59 -8.99 2.58 8.58
C ALA A 59 -8.49 1.25 8.04
N THR A 60 -9.33 0.58 7.25
CA THR A 60 -8.97 -0.71 6.67
C THR A 60 -8.67 -0.57 5.18
N SER A 61 -8.48 0.66 4.72
CA SER A 61 -8.19 0.92 3.32
C SER A 61 -7.63 2.33 3.14
N ALA A 62 -6.68 2.47 2.22
CA ALA A 62 -6.07 3.76 1.96
C ALA A 62 -5.69 3.89 0.47
N MET A 63 -5.79 5.11 -0.05
CA MET A 63 -5.47 5.36 -1.45
C MET A 63 -4.03 5.85 -1.59
N LEU A 64 -3.38 5.47 -2.69
CA LEU A 64 -2.00 5.86 -2.94
C LEU A 64 -1.88 6.61 -4.27
N GLY A 65 -1.01 7.62 -4.28
CA GLY A 65 -0.82 8.40 -5.50
C GLY A 65 -0.39 9.83 -5.20
N PRO A 66 -0.07 10.58 -6.26
CA PRO A 66 -0.12 10.09 -7.64
C PRO A 66 0.96 9.06 -7.92
N LEU A 67 0.58 7.95 -8.54
CA LEU A 67 1.53 6.89 -8.88
C LEU A 67 1.80 6.85 -10.37
N SER A 68 2.67 5.93 -10.80
CA SER A 68 3.01 5.79 -12.20
C SER A 68 2.01 4.90 -12.93
N SER A 69 2.22 4.73 -14.22
CA SER A 69 1.32 3.90 -15.03
C SER A 69 2.06 2.65 -15.54
N SER A 70 1.35 1.52 -15.52
CA SER A 70 1.94 0.26 -15.97
C SER A 70 3.27 -0.01 -15.27
N THR A 71 3.34 0.35 -13.99
CA THR A 71 4.54 0.15 -13.20
C THR A 71 4.24 -0.59 -11.90
N THR A 72 5.12 -1.50 -11.52
CA THR A 72 4.95 -2.27 -10.29
C THR A 72 5.40 -1.47 -9.07
N TYR A 73 4.48 -1.21 -8.16
CA TYR A 73 4.79 -0.47 -6.95
C TYR A 73 4.70 -1.35 -5.71
N THR A 74 5.74 -1.33 -4.89
CA THR A 74 5.78 -2.14 -3.68
C THR A 74 5.11 -1.41 -2.52
N VAL A 75 3.92 -1.88 -2.13
CA VAL A 75 3.18 -1.27 -1.03
C VAL A 75 3.45 -2.00 0.27
N ARG A 76 3.30 -1.29 1.38
CA ARG A 76 3.53 -1.87 2.71
C ARG A 76 2.66 -1.19 3.76
N VAL A 77 1.72 -1.94 4.31
CA VAL A 77 0.82 -1.42 5.33
C VAL A 77 1.31 -1.77 6.73
N THR A 78 2.10 -0.87 7.31
CA THR A 78 2.64 -1.08 8.65
C THR A 78 1.55 -0.92 9.70
N CYS A 79 1.18 -2.02 10.36
CA CYS A 79 0.16 -1.99 11.39
C CYS A 79 0.79 -2.01 12.78
N LEU A 80 0.98 -0.83 13.35
CA LEU A 80 1.58 -0.72 14.68
C LEU A 80 0.52 -0.82 15.77
N TYR A 81 0.68 -1.78 16.67
CA TYR A 81 -0.27 -1.99 17.76
C TYR A 81 0.19 -1.26 19.02
N PRO A 82 -0.78 -0.87 19.85
CA PRO A 82 -0.52 -0.15 21.10
C PRO A 82 0.15 -1.04 22.15
N GLY A 83 1.46 -1.20 22.03
CA GLY A 83 2.19 -2.04 22.98
C GLY A 83 2.26 -3.48 22.55
N GLY A 84 1.18 -3.97 21.94
CA GLY A 84 1.14 -5.35 21.49
C GLY A 84 2.25 -5.66 20.50
N GLY A 85 2.73 -4.64 19.80
CA GLY A 85 3.79 -4.84 18.83
C GLY A 85 3.54 -4.09 17.53
N SER A 86 3.76 -4.77 16.41
CA SER A 86 3.56 -4.16 15.10
C SER A 86 3.67 -5.20 13.99
N SER A 87 3.33 -4.80 12.77
CA SER A 87 3.39 -5.70 11.63
C SER A 87 3.55 -4.92 10.33
N THR A 88 3.99 -5.61 9.29
CA THR A 88 4.19 -4.97 7.98
C THR A 88 3.64 -5.85 6.86
N LEU A 89 2.55 -5.40 6.25
CA LEU A 89 1.91 -6.15 5.16
C LEU A 89 2.36 -5.61 3.81
N THR A 90 3.25 -6.34 3.15
CA THR A 90 3.76 -5.94 1.84
C THR A 90 2.84 -6.41 0.72
N GLY A 91 2.76 -5.62 -0.34
CA GLY A 91 1.91 -5.97 -1.47
C GLY A 91 2.31 -5.26 -2.74
N ARG A 92 2.59 -6.02 -3.79
CA ARG A 92 2.99 -5.46 -5.06
C ARG A 92 1.78 -5.20 -5.95
N VAL A 93 1.71 -4.00 -6.53
CA VAL A 93 0.60 -3.62 -7.39
C VAL A 93 1.09 -2.88 -8.63
N THR A 94 0.71 -3.38 -9.80
CA THR A 94 1.11 -2.76 -11.06
C THR A 94 0.06 -1.78 -11.55
N THR A 95 0.37 -0.49 -11.49
CA THR A 95 -0.55 0.54 -11.94
C THR A 95 -1.02 0.29 -13.37
N LYS A 96 -2.17 0.86 -13.72
CA LYS A 96 -2.74 0.69 -15.05
C LYS A 96 -1.95 1.49 -16.08
N LYS A 97 -2.20 1.22 -17.36
CA LYS A 97 -1.52 1.92 -18.43
C LYS A 97 -2.13 3.30 -18.66
N ALA A 98 -1.27 4.31 -18.77
CA ALA A 98 -1.72 5.68 -18.99
C ALA A 98 -2.54 5.79 -20.27
N PRO A 99 -3.58 6.64 -20.25
CA PRO A 99 -4.46 6.84 -21.41
C PRO A 99 -3.76 7.60 -22.53
N SER A 100 -3.10 6.86 -23.41
CA SER A 100 -2.38 7.46 -24.53
C SER A 100 -3.26 8.45 -25.27
N PRO A 101 -4.41 7.96 -25.78
CA PRO A 101 -5.37 8.79 -26.52
C PRO A 101 -6.09 9.79 -25.62
N SER A 102 -5.67 9.84 -24.36
CA SER A 102 -6.27 10.76 -23.39
C SER A 102 -6.74 12.04 -24.08
N SER A 103 -7.93 12.50 -23.71
CA SER A 103 -8.48 13.72 -24.29
C SER A 103 -9.06 14.62 -23.21
N GLY A 104 -9.20 15.90 -23.53
CA GLY A 104 -9.75 16.85 -22.57
C GLY A 104 -11.22 17.16 -22.83
N PRO A 105 -12.10 16.52 -22.07
CA PRO A 105 -13.55 16.72 -22.21
C PRO A 105 -13.99 18.09 -21.73
N SER A 106 -14.47 18.91 -22.67
CA SER A 106 -14.92 20.26 -22.34
C SER A 106 -16.43 20.29 -22.17
N SER A 107 -16.90 21.16 -21.27
CA SER A 107 -18.32 21.29 -21.00
C SER A 107 -18.67 22.71 -20.55
N GLY A 108 -19.96 22.97 -20.38
CA GLY A 108 -20.41 24.29 -19.97
C GLY A 108 -21.14 25.03 -21.07
N GLY A 1 14.54 0.78 18.03
CA GLY A 1 15.26 0.23 19.16
C GLY A 1 16.43 -0.62 18.73
N SER A 2 17.27 -1.01 19.70
CA SER A 2 18.44 -1.83 19.42
C SER A 2 18.06 -3.29 19.30
N SER A 3 17.66 -3.71 18.11
CA SER A 3 17.26 -5.09 17.87
C SER A 3 17.38 -5.44 16.39
N GLY A 4 17.16 -6.72 16.06
CA GLY A 4 17.24 -7.16 14.69
C GLY A 4 15.91 -7.64 14.15
N SER A 5 15.94 -8.77 13.45
CA SER A 5 14.72 -9.35 12.87
C SER A 5 14.73 -10.87 12.99
N SER A 6 13.55 -11.45 13.18
CA SER A 6 13.43 -12.90 13.30
C SER A 6 12.52 -13.46 12.21
N GLY A 7 11.38 -12.82 12.01
CA GLY A 7 10.44 -13.27 10.99
C GLY A 7 9.05 -13.49 11.55
N LEU A 8 8.14 -12.56 11.30
CA LEU A 8 6.77 -12.66 11.78
C LEU A 8 5.88 -13.33 10.73
N ALA A 9 5.02 -14.23 11.18
CA ALA A 9 4.11 -14.93 10.29
C ALA A 9 3.04 -13.99 9.75
N PRO A 10 2.62 -14.23 8.50
CA PRO A 10 1.61 -13.41 7.83
C PRO A 10 0.22 -13.61 8.43
N PRO A 11 -0.31 -12.55 9.07
CA PRO A 11 -1.63 -12.58 9.70
C PRO A 11 -2.76 -12.65 8.67
N ARG A 12 -2.69 -11.78 7.67
CA ARG A 12 -3.71 -11.74 6.63
C ARG A 12 -3.10 -11.33 5.29
N HIS A 13 -3.93 -11.31 4.25
CA HIS A 13 -3.47 -10.94 2.91
C HIS A 13 -3.97 -9.54 2.54
N LEU A 14 -3.29 -8.92 1.60
CA LEU A 14 -3.67 -7.58 1.15
C LEU A 14 -4.67 -7.64 0.01
N GLY A 15 -5.27 -6.50 -0.32
CA GLY A 15 -6.24 -6.46 -1.40
C GLY A 15 -6.18 -5.15 -2.17
N PHE A 16 -6.05 -5.26 -3.49
CA PHE A 16 -5.97 -4.08 -4.35
C PHE A 16 -7.19 -4.01 -5.27
N SER A 17 -7.92 -2.90 -5.20
CA SER A 17 -9.10 -2.72 -6.03
C SER A 17 -9.15 -1.30 -6.59
N ASP A 18 -9.94 -1.12 -7.64
CA ASP A 18 -10.07 0.19 -8.28
C ASP A 18 -8.71 0.73 -8.71
N VAL A 19 -7.79 -0.19 -9.00
CA VAL A 19 -6.44 0.19 -9.42
C VAL A 19 -6.48 0.94 -10.75
N SER A 20 -5.84 2.12 -10.78
CA SER A 20 -5.80 2.92 -11.99
C SER A 20 -4.39 2.98 -12.56
N HIS A 21 -4.21 3.76 -13.63
CA HIS A 21 -2.91 3.90 -14.27
C HIS A 21 -2.07 4.97 -13.56
N ASP A 22 -2.72 5.74 -12.69
CA ASP A 22 -2.03 6.79 -11.96
C ASP A 22 -2.39 6.75 -10.48
N ALA A 23 -2.84 5.59 -10.02
CA ALA A 23 -3.22 5.42 -8.62
C ALA A 23 -3.59 3.97 -8.34
N ALA A 24 -3.59 3.60 -7.06
CA ALA A 24 -3.92 2.24 -6.64
C ALA A 24 -4.35 2.21 -5.18
N ARG A 25 -5.53 1.64 -4.93
CA ARG A 25 -6.05 1.54 -3.57
C ARG A 25 -5.59 0.24 -2.91
N VAL A 26 -4.95 0.37 -1.75
CA VAL A 26 -4.46 -0.80 -1.02
C VAL A 26 -5.24 -1.00 0.28
N PHE A 27 -5.93 -2.13 0.37
CA PHE A 27 -6.72 -2.44 1.56
C PHE A 27 -6.32 -3.80 2.14
N TRP A 28 -6.55 -3.97 3.44
CA TRP A 28 -6.21 -5.22 4.11
C TRP A 28 -7.45 -5.82 4.78
N GLU A 29 -7.40 -7.13 5.01
CA GLU A 29 -8.52 -7.83 5.65
C GLU A 29 -8.51 -7.60 7.17
N GLY A 30 -7.64 -6.69 7.61
CA GLY A 30 -7.55 -6.41 9.04
C GLY A 30 -6.72 -7.43 9.79
N ALA A 31 -6.40 -7.13 11.03
CA ALA A 31 -5.61 -8.03 11.87
C ALA A 31 -6.40 -8.51 13.07
N PRO A 32 -6.06 -9.70 13.58
CA PRO A 32 -6.73 -10.30 14.74
C PRO A 32 -6.42 -9.54 16.04
N ARG A 33 -5.67 -8.45 15.91
CA ARG A 33 -5.31 -7.65 17.07
C ARG A 33 -5.71 -6.19 16.87
N PRO A 34 -5.89 -5.46 17.98
CA PRO A 34 -6.29 -4.05 17.95
C PRO A 34 -5.17 -3.15 17.43
N VAL A 35 -5.54 -2.16 16.62
CA VAL A 35 -4.56 -1.23 16.06
C VAL A 35 -4.89 0.20 16.46
N ARG A 36 -3.86 0.96 16.80
CA ARG A 36 -4.03 2.36 17.20
C ARG A 36 -3.70 3.30 16.05
N LEU A 37 -2.78 2.86 15.19
CA LEU A 37 -2.38 3.68 14.04
C LEU A 37 -1.76 2.80 12.95
N VAL A 38 -1.87 3.25 11.71
CA VAL A 38 -1.32 2.51 10.58
C VAL A 38 -0.47 3.41 9.69
N ARG A 39 0.71 2.92 9.33
CA ARG A 39 1.62 3.69 8.48
C ARG A 39 1.90 2.95 7.18
N VAL A 40 1.38 3.47 6.08
CA VAL A 40 1.58 2.87 4.77
C VAL A 40 2.69 3.57 3.99
N THR A 41 3.46 2.79 3.24
CA THR A 41 4.56 3.34 2.45
C THR A 41 4.73 2.57 1.15
N TYR A 42 4.70 3.30 0.03
CA TYR A 42 4.85 2.69 -1.29
C TYR A 42 6.15 3.14 -1.95
N VAL A 43 6.65 2.32 -2.87
CA VAL A 43 7.88 2.64 -3.58
C VAL A 43 7.92 1.97 -4.94
N SER A 44 8.54 2.63 -5.91
CA SER A 44 8.63 2.11 -7.26
C SER A 44 9.49 0.83 -7.29
N SER A 45 9.36 0.08 -8.37
CA SER A 45 10.11 -1.17 -8.52
C SER A 45 11.61 -0.89 -8.55
N GLU A 46 12.00 0.14 -9.28
CA GLU A 46 13.41 0.50 -9.40
C GLU A 46 13.77 1.64 -8.43
N GLY A 47 13.21 1.57 -7.23
CA GLY A 47 13.46 2.59 -6.22
C GLY A 47 13.21 3.99 -6.75
N GLY A 48 13.33 4.98 -5.87
CA GLY A 48 13.11 6.36 -6.27
C GLY A 48 11.80 6.91 -5.73
N HIS A 49 10.80 7.01 -6.62
CA HIS A 49 9.49 7.53 -6.22
C HIS A 49 8.92 6.74 -5.05
N SER A 50 8.92 7.34 -3.87
CA SER A 50 8.41 6.70 -2.67
C SER A 50 7.56 7.67 -1.86
N GLY A 51 6.51 7.14 -1.23
CA GLY A 51 5.64 7.97 -0.41
C GLY A 51 5.30 7.32 0.92
N GLN A 52 4.56 8.06 1.75
CA GLN A 52 4.16 7.55 3.06
C GLN A 52 2.89 8.22 3.54
N THR A 53 1.89 7.41 3.88
CA THR A 53 0.61 7.93 4.35
C THR A 53 0.19 7.25 5.65
N GLU A 54 -0.36 8.03 6.58
CA GLU A 54 -0.81 7.50 7.86
C GLU A 54 -2.33 7.43 7.91
N ALA A 55 -2.85 6.41 8.60
CA ALA A 55 -4.29 6.24 8.72
C ALA A 55 -4.65 5.67 10.09
N PRO A 56 -5.89 5.91 10.53
CA PRO A 56 -6.38 5.43 11.82
C PRO A 56 -6.57 3.92 11.86
N GLY A 57 -6.47 3.33 13.04
CA GLY A 57 -6.63 1.90 13.18
C GLY A 57 -7.96 1.40 12.63
N ASN A 58 -8.87 2.33 12.37
CA ASN A 58 -10.18 1.98 11.84
C ASN A 58 -10.14 1.91 10.32
N ALA A 59 -9.22 2.63 9.71
CA ALA A 59 -9.07 2.65 8.27
C ALA A 59 -8.52 1.32 7.75
N THR A 60 -9.35 0.61 6.99
CA THR A 60 -8.96 -0.68 6.44
C THR A 60 -8.65 -0.57 4.94
N SER A 61 -8.44 0.65 4.48
CA SER A 61 -8.15 0.89 3.07
C SER A 61 -7.61 2.30 2.85
N ALA A 62 -6.57 2.42 2.03
CA ALA A 62 -5.98 3.71 1.74
C ALA A 62 -5.54 3.81 0.28
N MET A 63 -5.66 5.01 -0.29
CA MET A 63 -5.27 5.22 -1.68
C MET A 63 -3.81 5.65 -1.78
N LEU A 64 -3.21 5.42 -2.94
CA LEU A 64 -1.81 5.78 -3.16
C LEU A 64 -1.66 6.52 -4.49
N GLY A 65 -0.76 7.51 -4.51
CA GLY A 65 -0.52 8.27 -5.72
C GLY A 65 -0.11 9.70 -5.44
N PRO A 66 0.08 10.49 -6.50
CA PRO A 66 -0.11 10.02 -7.88
C PRO A 66 0.96 9.03 -8.30
N LEU A 67 0.54 7.88 -8.81
CA LEU A 67 1.47 6.85 -9.25
C LEU A 67 1.59 6.85 -10.77
N SER A 68 2.42 5.95 -11.30
CA SER A 68 2.63 5.84 -12.74
C SER A 68 1.86 4.66 -13.32
N SER A 69 2.00 4.46 -14.62
CA SER A 69 1.32 3.37 -15.31
C SER A 69 2.30 2.23 -15.63
N SER A 70 1.75 1.04 -15.86
CA SER A 70 2.56 -0.12 -16.17
C SER A 70 3.83 -0.15 -15.33
N THR A 71 3.72 0.36 -14.09
CA THR A 71 4.85 0.38 -13.17
C THR A 71 4.53 -0.31 -11.86
N THR A 72 5.30 -1.35 -11.54
CA THR A 72 5.09 -2.10 -10.31
C THR A 72 5.61 -1.33 -9.10
N TYR A 73 4.72 -1.09 -8.14
CA TYR A 73 5.09 -0.37 -6.92
C TYR A 73 4.91 -1.24 -5.70
N THR A 74 5.94 -1.31 -4.86
CA THR A 74 5.90 -2.11 -3.64
C THR A 74 5.31 -1.32 -2.49
N VAL A 75 4.18 -1.77 -1.98
CA VAL A 75 3.51 -1.10 -0.87
C VAL A 75 3.79 -1.80 0.45
N ARG A 76 3.79 -1.04 1.55
CA ARG A 76 4.05 -1.60 2.87
C ARG A 76 3.07 -1.04 3.89
N VAL A 77 2.24 -1.93 4.43
CA VAL A 77 1.24 -1.53 5.43
C VAL A 77 1.69 -1.90 6.83
N THR A 78 2.26 -0.93 7.54
CA THR A 78 2.74 -1.16 8.90
C THR A 78 1.65 -0.88 9.92
N CYS A 79 1.19 -1.93 10.59
CA CYS A 79 0.14 -1.81 11.59
C CYS A 79 0.74 -1.69 12.99
N LEU A 80 0.91 -0.46 13.46
CA LEU A 80 1.48 -0.22 14.79
C LEU A 80 0.48 -0.57 15.87
N TYR A 81 0.76 -1.66 16.59
CA TYR A 81 -0.12 -2.12 17.66
C TYR A 81 0.16 -1.35 18.96
N PRO A 82 -0.89 -1.11 19.74
CA PRO A 82 -0.79 -0.40 21.01
C PRO A 82 -0.05 -1.20 22.08
N GLY A 83 0.01 -2.52 21.87
CA GLY A 83 0.69 -3.37 22.82
C GLY A 83 0.81 -4.80 22.33
N GLY A 84 1.87 -5.06 21.55
CA GLY A 84 2.08 -6.40 21.01
C GLY A 84 2.84 -6.39 19.71
N GLY A 85 3.99 -5.72 19.71
CA GLY A 85 4.80 -5.65 18.50
C GLY A 85 4.06 -5.02 17.33
N SER A 86 4.44 -5.39 16.12
CA SER A 86 3.80 -4.86 14.93
C SER A 86 4.16 -5.69 13.69
N SER A 87 3.45 -5.46 12.60
CA SER A 87 3.69 -6.19 11.36
C SER A 87 3.65 -5.25 10.15
N THR A 88 4.23 -5.69 9.05
CA THR A 88 4.25 -4.90 7.83
C THR A 88 3.67 -5.66 6.65
N LEU A 89 2.40 -5.41 6.37
CA LEU A 89 1.71 -6.09 5.26
C LEU A 89 1.94 -5.34 3.95
N THR A 90 2.84 -5.85 3.13
CA THR A 90 3.15 -5.24 1.84
C THR A 90 2.39 -5.93 0.71
N GLY A 91 2.22 -5.21 -0.40
CA GLY A 91 1.52 -5.77 -1.54
C GLY A 91 1.90 -5.11 -2.84
N ARG A 92 2.32 -5.91 -3.81
CA ARG A 92 2.73 -5.39 -5.11
C ARG A 92 1.51 -5.16 -6.01
N VAL A 93 1.37 -3.94 -6.51
CA VAL A 93 0.26 -3.59 -7.37
C VAL A 93 0.75 -2.91 -8.65
N THR A 94 0.56 -3.59 -9.79
CA THR A 94 0.99 -3.05 -11.07
C THR A 94 -0.05 -2.07 -11.63
N THR A 95 0.29 -0.79 -11.63
CA THR A 95 -0.61 0.24 -12.13
C THR A 95 -1.04 -0.06 -13.56
N LYS A 96 -2.22 0.40 -13.93
CA LYS A 96 -2.75 0.19 -15.27
C LYS A 96 -1.99 1.02 -16.29
N LYS A 97 -2.14 0.68 -17.58
CA LYS A 97 -1.47 1.39 -18.65
C LYS A 97 -2.14 2.75 -18.90
N ALA A 98 -1.32 3.80 -19.02
CA ALA A 98 -1.83 5.13 -19.26
C ALA A 98 -2.44 5.24 -20.66
N PRO A 99 -3.55 5.99 -20.77
CA PRO A 99 -4.24 6.19 -22.05
C PRO A 99 -3.45 7.05 -23.01
N SER A 100 -3.66 6.83 -24.31
CA SER A 100 -2.95 7.59 -25.33
C SER A 100 -3.48 9.01 -25.43
N PRO A 101 -2.62 9.95 -25.82
CA PRO A 101 -2.97 11.37 -25.96
C PRO A 101 -3.92 11.61 -27.13
N SER A 102 -3.63 10.98 -28.26
CA SER A 102 -4.45 11.14 -29.46
C SER A 102 -5.93 10.92 -29.13
N SER A 103 -6.70 11.99 -29.20
CA SER A 103 -8.14 11.92 -28.91
C SER A 103 -8.89 11.28 -30.06
N GLY A 104 -9.79 10.35 -29.74
CA GLY A 104 -10.56 9.68 -30.75
C GLY A 104 -11.91 9.19 -30.24
N PRO A 105 -12.82 10.14 -29.98
CA PRO A 105 -14.16 9.83 -29.48
C PRO A 105 -15.03 9.12 -30.52
N SER A 106 -16.13 8.53 -30.07
CA SER A 106 -17.04 7.83 -30.96
C SER A 106 -18.41 8.48 -30.98
N SER A 107 -19.16 8.25 -32.05
CA SER A 107 -20.49 8.83 -32.19
C SER A 107 -21.54 7.98 -31.47
N GLY A 108 -21.54 6.68 -31.75
CA GLY A 108 -22.49 5.79 -31.12
C GLY A 108 -22.33 4.36 -31.60
N GLY A 1 18.57 -4.19 13.47
CA GLY A 1 18.81 -5.47 12.82
C GLY A 1 17.66 -6.43 12.99
N SER A 2 17.86 -7.68 12.57
CA SER A 2 16.83 -8.71 12.69
C SER A 2 17.43 -10.10 12.52
N SER A 3 16.99 -11.02 13.37
CA SER A 3 17.49 -12.39 13.33
C SER A 3 16.69 -13.29 14.26
N GLY A 4 16.60 -14.57 13.92
CA GLY A 4 15.86 -15.52 14.74
C GLY A 4 14.37 -15.43 14.53
N SER A 5 13.79 -16.47 13.93
CA SER A 5 12.36 -16.50 13.67
C SER A 5 11.63 -17.35 14.70
N SER A 6 11.14 -16.69 15.75
CA SER A 6 10.43 -17.39 16.82
C SER A 6 8.94 -17.51 16.49
N GLY A 7 8.36 -16.43 16.00
CA GLY A 7 6.95 -16.43 15.64
C GLY A 7 6.56 -15.25 14.77
N LEU A 8 7.09 -15.21 13.55
CA LEU A 8 6.79 -14.13 12.63
C LEU A 8 6.14 -14.66 11.36
N ALA A 9 5.03 -14.06 10.96
CA ALA A 9 4.31 -14.48 9.76
C ALA A 9 3.18 -13.51 9.44
N PRO A 10 2.70 -13.56 8.18
CA PRO A 10 1.60 -12.70 7.72
C PRO A 10 0.27 -13.05 8.36
N PRO A 11 -0.35 -12.06 9.03
CA PRO A 11 -1.64 -12.25 9.69
C PRO A 11 -2.78 -12.42 8.71
N ARG A 12 -2.77 -11.62 7.64
CA ARG A 12 -3.81 -11.69 6.62
C ARG A 12 -3.24 -11.36 5.25
N HIS A 13 -4.11 -11.34 4.24
CA HIS A 13 -3.69 -11.04 2.88
C HIS A 13 -4.08 -9.62 2.50
N LEU A 14 -3.40 -9.07 1.49
CA LEU A 14 -3.68 -7.72 1.02
C LEU A 14 -4.63 -7.73 -0.17
N GLY A 15 -4.99 -6.55 -0.65
CA GLY A 15 -5.89 -6.44 -1.78
C GLY A 15 -5.82 -5.09 -2.47
N PHE A 16 -5.79 -5.10 -3.79
CA PHE A 16 -5.73 -3.86 -4.57
C PHE A 16 -6.98 -3.67 -5.40
N SER A 17 -7.65 -2.54 -5.21
CA SER A 17 -8.87 -2.23 -5.94
C SER A 17 -8.83 -0.81 -6.51
N ASP A 18 -9.63 -0.56 -7.53
CA ASP A 18 -9.68 0.75 -8.17
C ASP A 18 -8.29 1.23 -8.53
N VAL A 19 -7.45 0.31 -9.00
CA VAL A 19 -6.09 0.64 -9.39
C VAL A 19 -6.06 1.46 -10.69
N SER A 20 -5.40 2.61 -10.64
CA SER A 20 -5.31 3.48 -11.81
C SER A 20 -3.86 3.63 -12.25
N HIS A 21 -3.65 4.41 -13.32
CA HIS A 21 -2.31 4.63 -13.84
C HIS A 21 -1.62 5.77 -13.10
N ASP A 22 -2.35 6.42 -12.20
CA ASP A 22 -1.81 7.53 -11.42
C ASP A 22 -2.18 7.40 -9.96
N ALA A 23 -2.68 6.22 -9.58
CA ALA A 23 -3.08 5.96 -8.21
C ALA A 23 -3.46 4.50 -8.01
N ALA A 24 -3.61 4.08 -6.76
CA ALA A 24 -3.97 2.71 -6.44
C ALA A 24 -4.42 2.59 -4.99
N ARG A 25 -5.60 2.01 -4.78
CA ARG A 25 -6.15 1.84 -3.44
C ARG A 25 -5.75 0.48 -2.86
N VAL A 26 -5.30 0.48 -1.62
CA VAL A 26 -4.89 -0.75 -0.95
C VAL A 26 -5.73 -1.00 0.29
N PHE A 27 -6.35 -2.18 0.34
CA PHE A 27 -7.18 -2.55 1.47
C PHE A 27 -6.73 -3.89 2.07
N TRP A 28 -6.72 -3.97 3.39
CA TRP A 28 -6.31 -5.19 4.08
C TRP A 28 -7.48 -5.81 4.83
N GLU A 29 -7.30 -7.04 5.29
CA GLU A 29 -8.35 -7.74 6.01
C GLU A 29 -8.23 -7.50 7.51
N GLY A 30 -7.46 -6.48 7.88
CA GLY A 30 -7.27 -6.15 9.28
C GLY A 30 -6.44 -7.19 10.02
N ALA A 31 -6.12 -6.92 11.27
CA ALA A 31 -5.33 -7.84 12.08
C ALA A 31 -6.15 -8.39 13.25
N PRO A 32 -5.68 -9.50 13.83
CA PRO A 32 -6.36 -10.16 14.95
C PRO A 32 -6.27 -9.33 16.23
N ARG A 33 -5.45 -8.29 16.21
CA ARG A 33 -5.27 -7.42 17.36
C ARG A 33 -5.62 -5.98 17.02
N PRO A 34 -5.99 -5.19 18.05
CA PRO A 34 -6.36 -3.79 17.89
C PRO A 34 -5.17 -2.91 17.53
N VAL A 35 -5.41 -1.93 16.66
CA VAL A 35 -4.35 -1.02 16.23
C VAL A 35 -4.70 0.43 16.59
N ARG A 36 -3.68 1.19 16.97
CA ARG A 36 -3.86 2.59 17.34
C ARG A 36 -3.54 3.51 16.17
N LEU A 37 -2.68 3.04 15.27
CA LEU A 37 -2.29 3.82 14.10
C LEU A 37 -1.81 2.91 12.97
N VAL A 38 -1.98 3.37 11.74
CA VAL A 38 -1.56 2.59 10.56
C VAL A 38 -0.64 3.42 9.67
N ARG A 39 0.58 2.94 9.50
CA ARG A 39 1.55 3.63 8.66
C ARG A 39 1.89 2.80 7.42
N VAL A 40 1.53 3.32 6.25
CA VAL A 40 1.78 2.63 4.99
C VAL A 40 2.93 3.29 4.24
N THR A 41 3.66 2.48 3.46
CA THR A 41 4.77 2.99 2.68
C THR A 41 4.92 2.24 1.36
N TYR A 42 4.69 2.95 0.25
CA TYR A 42 4.78 2.35 -1.07
C TYR A 42 6.05 2.81 -1.79
N VAL A 43 6.52 1.98 -2.72
CA VAL A 43 7.72 2.31 -3.48
C VAL A 43 7.64 1.74 -4.89
N SER A 44 8.20 2.47 -5.85
CA SER A 44 8.20 2.04 -7.25
C SER A 44 9.08 0.81 -7.44
N SER A 45 10.39 1.02 -7.41
CA SER A 45 11.35 -0.07 -7.58
C SER A 45 12.77 0.41 -7.32
N GLU A 46 13.69 -0.54 -7.17
CA GLU A 46 15.09 -0.22 -6.92
C GLU A 46 15.21 0.84 -5.83
N GLY A 47 14.27 0.81 -4.88
CA GLY A 47 14.29 1.78 -3.80
C GLY A 47 14.41 3.21 -4.28
N GLY A 48 13.73 3.52 -5.38
CA GLY A 48 13.79 4.86 -5.94
C GLY A 48 12.73 5.77 -5.36
N HIS A 49 11.71 6.08 -6.15
CA HIS A 49 10.63 6.95 -5.70
C HIS A 49 9.64 6.18 -4.81
N SER A 50 9.54 6.60 -3.56
CA SER A 50 8.64 5.95 -2.61
C SER A 50 7.86 6.99 -1.80
N GLY A 51 6.67 6.61 -1.36
CA GLY A 51 5.84 7.52 -0.60
C GLY A 51 5.68 7.07 0.84
N GLN A 52 4.70 7.64 1.54
CA GLN A 52 4.44 7.30 2.93
C GLN A 52 3.18 8.00 3.44
N THR A 53 2.17 7.20 3.79
CA THR A 53 0.91 7.75 4.28
C THR A 53 0.57 7.16 5.65
N GLU A 54 -0.49 7.67 6.26
CA GLU A 54 -0.93 7.20 7.56
C GLU A 54 -2.44 7.08 7.62
N ALA A 55 -2.93 6.27 8.56
CA ALA A 55 -4.36 6.06 8.73
C ALA A 55 -4.69 5.60 10.14
N PRO A 56 -5.95 5.85 10.56
CA PRO A 56 -6.42 5.47 11.90
C PRO A 56 -6.55 3.96 12.06
N GLY A 57 -6.45 3.49 13.30
CA GLY A 57 -6.57 2.07 13.57
C GLY A 57 -7.87 1.49 13.06
N ASN A 58 -8.80 2.37 12.72
CA ASN A 58 -10.11 1.93 12.22
C ASN A 58 -10.08 1.76 10.71
N ALA A 59 -9.23 2.54 10.04
CA ALA A 59 -9.12 2.48 8.59
C ALA A 59 -8.48 1.16 8.15
N THR A 60 -9.25 0.36 7.41
CA THR A 60 -8.78 -0.92 6.92
C THR A 60 -8.28 -0.83 5.48
N SER A 61 -8.33 0.38 4.93
CA SER A 61 -7.88 0.61 3.56
C SER A 61 -7.52 2.08 3.36
N ALA A 62 -6.66 2.34 2.36
CA ALA A 62 -6.24 3.69 2.04
C ALA A 62 -5.85 3.83 0.58
N MET A 63 -5.85 5.06 0.08
CA MET A 63 -5.50 5.32 -1.31
C MET A 63 -4.06 5.79 -1.43
N LEU A 64 -3.39 5.40 -2.50
CA LEU A 64 -2.01 5.79 -2.73
C LEU A 64 -1.88 6.60 -4.02
N GLY A 65 -0.89 7.50 -4.04
CA GLY A 65 -0.67 8.32 -5.23
C GLY A 65 -0.27 9.74 -4.87
N PRO A 66 0.04 10.55 -5.90
CA PRO A 66 -0.01 10.10 -7.30
C PRO A 66 1.10 9.10 -7.62
N LEU A 67 0.73 8.01 -8.29
CA LEU A 67 1.69 6.98 -8.66
C LEU A 67 1.97 7.02 -10.16
N SER A 68 2.80 6.08 -10.62
CA SER A 68 3.15 6.01 -12.04
C SER A 68 2.24 5.02 -12.77
N SER A 69 2.39 4.96 -14.09
CA SER A 69 1.58 4.07 -14.91
C SER A 69 2.42 2.92 -15.46
N SER A 70 1.83 1.74 -15.51
CA SER A 70 2.54 0.55 -16.00
C SER A 70 3.82 0.31 -15.22
N THR A 71 3.79 0.63 -13.93
CA THR A 71 4.95 0.45 -13.07
C THR A 71 4.58 -0.28 -11.79
N THR A 72 5.42 -1.22 -11.37
CA THR A 72 5.19 -1.99 -10.15
C THR A 72 5.46 -1.15 -8.91
N TYR A 73 4.57 -1.25 -7.93
CA TYR A 73 4.71 -0.49 -6.69
C TYR A 73 4.61 -1.42 -5.48
N THR A 74 5.71 -1.54 -4.74
CA THR A 74 5.74 -2.39 -3.56
C THR A 74 5.12 -1.68 -2.36
N VAL A 75 3.82 -1.88 -2.17
CA VAL A 75 3.10 -1.27 -1.06
C VAL A 75 3.25 -2.10 0.22
N ARG A 76 3.55 -1.43 1.32
CA ARG A 76 3.72 -2.11 2.61
C ARG A 76 2.93 -1.40 3.70
N VAL A 77 1.88 -2.06 4.18
CA VAL A 77 1.04 -1.49 5.23
C VAL A 77 1.52 -1.92 6.62
N THR A 78 2.15 -0.98 7.32
CA THR A 78 2.66 -1.26 8.66
C THR A 78 1.68 -0.80 9.74
N CYS A 79 1.01 -1.75 10.36
CA CYS A 79 0.04 -1.46 11.40
C CYS A 79 0.74 -1.18 12.73
N LEU A 80 0.85 0.10 13.08
CA LEU A 80 1.50 0.49 14.32
C LEU A 80 0.63 0.16 15.53
N TYR A 81 1.04 -0.83 16.30
CA TYR A 81 0.30 -1.25 17.49
C TYR A 81 0.61 -0.35 18.67
N PRO A 82 -0.38 -0.15 19.54
CA PRO A 82 -0.23 0.69 20.75
C PRO A 82 0.68 0.05 21.79
N GLY A 83 0.88 -1.26 21.66
CA GLY A 83 1.72 -1.97 22.61
C GLY A 83 1.96 -3.41 22.20
N GLY A 84 3.03 -3.64 21.44
CA GLY A 84 3.35 -4.99 21.00
C GLY A 84 3.98 -5.00 19.62
N GLY A 85 4.95 -4.11 19.39
CA GLY A 85 5.61 -4.04 18.11
C GLY A 85 4.68 -3.62 16.99
N SER A 86 4.98 -4.04 15.77
CA SER A 86 4.17 -3.69 14.62
C SER A 86 4.40 -4.68 13.47
N SER A 87 3.39 -4.82 12.62
CA SER A 87 3.47 -5.74 11.48
C SER A 87 3.73 -4.98 10.19
N THR A 88 3.87 -5.71 9.09
CA THR A 88 4.12 -5.11 7.79
C THR A 88 3.56 -5.97 6.67
N LEU A 89 2.44 -5.53 6.08
CA LEU A 89 1.80 -6.27 5.01
C LEU A 89 2.30 -5.77 3.64
N THR A 90 3.15 -6.55 3.00
CA THR A 90 3.69 -6.18 1.69
C THR A 90 2.69 -6.50 0.59
N GLY A 91 2.73 -5.70 -0.47
CA GLY A 91 1.83 -5.91 -1.59
C GLY A 91 2.28 -5.20 -2.86
N ARG A 92 2.61 -5.97 -3.88
CA ARG A 92 3.05 -5.41 -5.15
C ARG A 92 1.88 -5.17 -6.10
N VAL A 93 1.80 -3.96 -6.63
CA VAL A 93 0.73 -3.61 -7.55
C VAL A 93 1.27 -2.90 -8.80
N THR A 94 0.87 -3.38 -9.97
CA THR A 94 1.31 -2.80 -11.23
C THR A 94 0.32 -1.77 -11.75
N THR A 95 0.62 -0.50 -11.50
CA THR A 95 -0.24 0.58 -11.93
C THR A 95 -0.68 0.39 -13.39
N LYS A 96 -1.90 0.83 -13.70
CA LYS A 96 -2.43 0.70 -15.05
C LYS A 96 -1.63 1.57 -16.03
N LYS A 97 -1.90 1.38 -17.32
CA LYS A 97 -1.22 2.14 -18.36
C LYS A 97 -1.84 3.52 -18.52
N ALA A 98 -1.00 4.53 -18.72
CA ALA A 98 -1.47 5.90 -18.88
C ALA A 98 -2.15 6.07 -20.24
N PRO A 99 -3.14 6.98 -20.28
CA PRO A 99 -3.90 7.26 -21.50
C PRO A 99 -3.06 7.99 -22.55
N SER A 100 -2.83 7.34 -23.69
CA SER A 100 -2.04 7.92 -24.76
C SER A 100 -2.58 9.30 -25.14
N PRO A 101 -3.85 9.34 -25.57
CA PRO A 101 -4.51 10.60 -25.97
C PRO A 101 -4.78 11.51 -24.79
N SER A 102 -4.05 12.62 -24.72
CA SER A 102 -4.21 13.58 -23.64
C SER A 102 -5.60 14.20 -23.66
N SER A 103 -5.97 14.76 -24.82
CA SER A 103 -7.28 15.39 -24.97
C SER A 103 -8.38 14.51 -24.38
N GLY A 104 -9.39 15.16 -23.82
CA GLY A 104 -10.50 14.42 -23.23
C GLY A 104 -11.78 14.57 -24.02
N PRO A 105 -11.92 13.79 -25.10
CA PRO A 105 -13.10 13.82 -25.96
C PRO A 105 -14.33 13.24 -25.28
N SER A 106 -15.02 14.07 -24.50
CA SER A 106 -16.21 13.64 -23.79
C SER A 106 -17.39 13.49 -24.74
N SER A 107 -18.41 12.78 -24.30
CA SER A 107 -19.61 12.56 -25.11
C SER A 107 -19.93 13.79 -25.96
N GLY A 108 -19.86 14.97 -25.34
CA GLY A 108 -20.14 16.20 -26.06
C GLY A 108 -19.53 17.41 -25.37
N GLY A 1 16.78 -10.32 18.20
CA GLY A 1 16.63 -10.63 19.60
C GLY A 1 15.22 -11.07 19.96
N SER A 2 15.05 -12.37 20.19
CA SER A 2 13.74 -12.91 20.53
C SER A 2 13.88 -14.25 21.26
N SER A 3 12.81 -14.66 21.95
CA SER A 3 12.81 -15.90 22.69
C SER A 3 11.60 -16.76 22.34
N GLY A 4 11.84 -17.89 21.70
CA GLY A 4 10.75 -18.77 21.31
C GLY A 4 10.93 -19.34 19.92
N SER A 5 9.86 -19.32 19.14
CA SER A 5 9.90 -19.85 17.78
C SER A 5 10.17 -18.73 16.77
N SER A 6 10.58 -19.11 15.56
CA SER A 6 10.87 -18.16 14.51
C SER A 6 9.93 -18.34 13.32
N GLY A 7 8.73 -17.79 13.44
CA GLY A 7 7.75 -17.91 12.37
C GLY A 7 6.94 -16.64 12.19
N LEU A 8 7.28 -15.87 11.16
CA LEU A 8 6.57 -14.62 10.87
C LEU A 8 5.36 -14.88 9.99
N ALA A 9 4.66 -15.97 10.24
CA ALA A 9 3.48 -16.32 9.46
C ALA A 9 2.64 -15.09 9.16
N PRO A 10 2.15 -15.00 7.91
CA PRO A 10 1.33 -13.87 7.47
C PRO A 10 -0.06 -13.87 8.11
N PRO A 11 -0.47 -12.70 8.61
CA PRO A 11 -1.78 -12.54 9.26
C PRO A 11 -2.93 -12.64 8.26
N ARG A 12 -2.83 -11.90 7.17
CA ARG A 12 -3.88 -11.91 6.15
C ARG A 12 -3.28 -11.64 4.77
N HIS A 13 -4.14 -11.62 3.75
CA HIS A 13 -3.70 -11.36 2.39
C HIS A 13 -4.06 -9.95 1.95
N LEU A 14 -3.18 -9.33 1.17
CA LEU A 14 -3.40 -7.98 0.68
C LEU A 14 -4.15 -7.99 -0.64
N GLY A 15 -4.72 -6.84 -1.01
CA GLY A 15 -5.46 -6.75 -2.26
C GLY A 15 -5.76 -5.31 -2.64
N PHE A 16 -5.59 -5.00 -3.92
CA PHE A 16 -5.84 -3.65 -4.41
C PHE A 16 -7.11 -3.60 -5.26
N SER A 17 -7.84 -2.49 -5.18
CA SER A 17 -9.07 -2.33 -5.93
C SER A 17 -9.18 -0.92 -6.48
N ASP A 18 -10.14 -0.71 -7.39
CA ASP A 18 -10.35 0.59 -8.00
C ASP A 18 -9.02 1.29 -8.28
N VAL A 19 -7.97 0.49 -8.45
CA VAL A 19 -6.64 1.02 -8.73
C VAL A 19 -6.61 1.75 -10.07
N SER A 20 -5.76 2.78 -10.15
CA SER A 20 -5.64 3.56 -11.38
C SER A 20 -4.17 3.70 -11.79
N HIS A 21 -3.94 4.31 -12.95
CA HIS A 21 -2.59 4.51 -13.45
C HIS A 21 -1.89 5.65 -12.71
N ASP A 22 -2.68 6.42 -11.97
CA ASP A 22 -2.14 7.55 -11.20
C ASP A 22 -2.46 7.41 -9.72
N ALA A 23 -3.08 6.28 -9.36
CA ALA A 23 -3.44 6.03 -7.98
C ALA A 23 -3.70 4.54 -7.74
N ALA A 24 -3.89 4.16 -6.48
CA ALA A 24 -4.15 2.78 -6.13
C ALA A 24 -4.79 2.68 -4.74
N ARG A 25 -5.89 1.93 -4.66
CA ARG A 25 -6.59 1.75 -3.40
C ARG A 25 -6.24 0.40 -2.76
N VAL A 26 -5.42 0.45 -1.71
CA VAL A 26 -5.00 -0.76 -1.01
C VAL A 26 -5.92 -1.06 0.15
N PHE A 27 -6.34 -2.33 0.25
CA PHE A 27 -7.23 -2.76 1.33
C PHE A 27 -6.79 -4.09 1.90
N TRP A 28 -7.02 -4.29 3.19
CA TRP A 28 -6.65 -5.52 3.86
C TRP A 28 -7.84 -6.14 4.58
N GLU A 29 -7.67 -7.36 5.07
CA GLU A 29 -8.74 -8.06 5.77
C GLU A 29 -8.71 -7.75 7.27
N GLY A 30 -8.00 -6.68 7.63
CA GLY A 30 -7.91 -6.29 9.02
C GLY A 30 -6.88 -7.10 9.78
N ALA A 31 -6.68 -6.76 11.06
CA ALA A 31 -5.72 -7.46 11.89
C ALA A 31 -6.41 -8.15 13.07
N PRO A 32 -5.78 -9.22 13.57
CA PRO A 32 -6.32 -10.00 14.70
C PRO A 32 -6.26 -9.21 16.01
N ARG A 33 -5.69 -8.02 15.96
CA ARG A 33 -5.57 -7.18 17.14
C ARG A 33 -5.83 -5.71 16.80
N PRO A 34 -6.31 -4.95 17.79
CA PRO A 34 -6.61 -3.52 17.61
C PRO A 34 -5.35 -2.69 17.45
N VAL A 35 -5.43 -1.64 16.64
CA VAL A 35 -4.29 -0.75 16.39
C VAL A 35 -4.69 0.71 16.55
N ARG A 36 -3.70 1.56 16.82
CA ARG A 36 -3.96 2.98 17.00
C ARG A 36 -3.73 3.74 15.70
N LEU A 37 -2.68 3.36 14.98
CA LEU A 37 -2.34 4.00 13.71
C LEU A 37 -1.76 2.99 12.72
N VAL A 38 -1.79 3.35 11.45
CA VAL A 38 -1.25 2.47 10.40
C VAL A 38 -0.46 3.27 9.37
N ARG A 39 0.82 2.93 9.24
CA ARG A 39 1.69 3.61 8.29
C ARG A 39 1.87 2.78 7.02
N VAL A 40 1.85 3.45 5.87
CA VAL A 40 2.01 2.78 4.59
C VAL A 40 3.07 3.46 3.73
N THR A 41 4.09 2.70 3.33
CA THR A 41 5.17 3.23 2.52
C THR A 41 5.22 2.54 1.15
N TYR A 42 4.95 3.30 0.10
CA TYR A 42 4.97 2.76 -1.25
C TYR A 42 6.18 3.27 -2.03
N VAL A 43 6.76 2.39 -2.84
CA VAL A 43 7.92 2.74 -3.64
C VAL A 43 7.87 2.09 -5.02
N SER A 44 8.49 2.74 -6.00
CA SER A 44 8.51 2.23 -7.37
C SER A 44 9.11 0.83 -7.41
N SER A 45 9.23 0.28 -8.62
CA SER A 45 9.79 -1.05 -8.80
C SER A 45 11.29 -1.06 -8.54
N GLU A 46 12.03 -0.37 -9.40
CA GLU A 46 13.49 -0.29 -9.26
C GLU A 46 13.88 0.72 -8.18
N GLY A 47 13.04 1.73 -8.00
CA GLY A 47 13.32 2.75 -7.01
C GLY A 47 13.34 4.15 -7.60
N GLY A 48 13.36 5.16 -6.74
CA GLY A 48 13.38 6.53 -7.20
C GLY A 48 12.24 7.35 -6.63
N HIS A 49 11.02 6.89 -6.85
CA HIS A 49 9.83 7.59 -6.37
C HIS A 49 9.10 6.75 -5.31
N SER A 50 8.85 7.36 -4.15
CA SER A 50 8.17 6.67 -3.07
C SER A 50 7.39 7.66 -2.20
N GLY A 51 6.64 7.13 -1.25
CA GLY A 51 5.86 7.98 -0.36
C GLY A 51 5.56 7.32 0.96
N GLN A 52 4.81 8.01 1.82
CA GLN A 52 4.46 7.49 3.14
C GLN A 52 3.17 8.12 3.64
N THR A 53 2.09 7.33 3.65
CA THR A 53 0.80 7.82 4.11
C THR A 53 0.44 7.23 5.47
N GLU A 54 -0.33 7.97 6.25
CA GLU A 54 -0.74 7.53 7.58
C GLU A 54 -2.26 7.39 7.66
N ALA A 55 -2.71 6.30 8.26
CA ALA A 55 -4.14 6.05 8.42
C ALA A 55 -4.47 5.59 9.82
N PRO A 56 -5.76 5.74 10.21
CA PRO A 56 -6.23 5.35 11.54
C PRO A 56 -6.24 3.84 11.73
N GLY A 57 -6.09 3.40 12.98
CA GLY A 57 -6.08 1.98 13.26
C GLY A 57 -7.41 1.32 12.95
N ASN A 58 -8.40 2.13 12.60
CA ASN A 58 -9.73 1.61 12.27
C ASN A 58 -9.96 1.63 10.75
N ALA A 59 -8.91 1.96 10.00
CA ALA A 59 -9.00 2.02 8.55
C ALA A 59 -8.56 0.70 7.93
N THR A 60 -9.44 0.10 7.13
CA THR A 60 -9.14 -1.17 6.48
C THR A 60 -8.87 -0.96 4.99
N SER A 61 -8.64 0.29 4.60
CA SER A 61 -8.35 0.62 3.21
C SER A 61 -7.81 2.03 3.08
N ALA A 62 -6.84 2.21 2.19
CA ALA A 62 -6.23 3.51 1.96
C ALA A 62 -5.87 3.71 0.50
N MET A 63 -5.77 4.97 0.09
CA MET A 63 -5.43 5.30 -1.30
C MET A 63 -3.97 5.72 -1.41
N LEU A 64 -3.39 5.52 -2.59
CA LEU A 64 -2.00 5.89 -2.84
C LEU A 64 -1.86 6.67 -4.14
N GLY A 65 -0.94 7.61 -4.16
CA GLY A 65 -0.72 8.41 -5.36
C GLY A 65 -0.24 9.82 -5.04
N PRO A 66 0.10 10.58 -6.08
CA PRO A 66 0.02 10.11 -7.47
C PRO A 66 1.07 9.04 -7.78
N LEU A 67 0.65 7.96 -8.43
CA LEU A 67 1.55 6.88 -8.78
C LEU A 67 1.80 6.85 -10.29
N SER A 68 2.70 5.97 -10.72
CA SER A 68 3.03 5.84 -12.13
C SER A 68 2.06 4.89 -12.84
N SER A 69 2.29 4.68 -14.13
CA SER A 69 1.43 3.81 -14.92
C SER A 69 2.18 2.54 -15.31
N SER A 70 1.43 1.45 -15.47
CA SER A 70 2.02 0.17 -15.86
C SER A 70 3.33 -0.06 -15.12
N THR A 71 3.43 0.47 -13.90
CA THR A 71 4.63 0.33 -13.09
C THR A 71 4.33 -0.38 -11.77
N THR A 72 5.05 -1.47 -11.51
CA THR A 72 4.86 -2.23 -10.28
C THR A 72 5.44 -1.50 -9.09
N TYR A 73 4.56 -1.08 -8.17
CA TYR A 73 4.98 -0.37 -6.98
C TYR A 73 4.85 -1.25 -5.74
N THR A 74 5.88 -1.23 -4.90
CA THR A 74 5.87 -2.03 -3.68
C THR A 74 5.21 -1.28 -2.54
N VAL A 75 4.06 -1.78 -2.09
CA VAL A 75 3.32 -1.16 -1.00
C VAL A 75 3.52 -1.92 0.31
N ARG A 76 3.93 -1.21 1.35
CA ARG A 76 4.15 -1.83 2.65
C ARG A 76 3.22 -1.24 3.70
N VAL A 77 2.25 -2.03 4.14
CA VAL A 77 1.29 -1.59 5.14
C VAL A 77 1.72 -2.03 6.54
N THR A 78 2.30 -1.09 7.29
CA THR A 78 2.76 -1.38 8.64
C THR A 78 1.81 -0.80 9.67
N CYS A 79 1.24 -1.66 10.51
CA CYS A 79 0.30 -1.23 11.54
C CYS A 79 1.00 -1.14 12.90
N LEU A 80 1.13 0.08 13.42
CA LEU A 80 1.78 0.31 14.70
C LEU A 80 0.78 0.15 15.84
N TYR A 81 0.87 -0.97 16.55
CA TYR A 81 -0.03 -1.24 17.67
C TYR A 81 0.36 -0.40 18.89
N PRO A 82 -0.66 0.03 19.65
CA PRO A 82 -0.47 0.83 20.86
C PRO A 82 0.19 0.05 21.98
N GLY A 83 1.52 0.02 21.99
CA GLY A 83 2.24 -0.70 23.01
C GLY A 83 2.29 -2.19 22.76
N GLY A 84 3.46 -2.69 22.40
CA GLY A 84 3.61 -4.12 22.12
C GLY A 84 4.46 -4.39 20.90
N GLY A 85 3.87 -5.03 19.89
CA GLY A 85 4.60 -5.34 18.69
C GLY A 85 4.13 -4.52 17.50
N SER A 86 4.31 -5.06 16.30
CA SER A 86 3.90 -4.37 15.08
C SER A 86 3.93 -5.31 13.88
N SER A 87 2.90 -5.22 13.05
CA SER A 87 2.80 -6.07 11.86
C SER A 87 3.05 -5.26 10.59
N THR A 88 3.58 -5.93 9.57
CA THR A 88 3.87 -5.28 8.30
C THR A 88 3.42 -6.13 7.12
N LEU A 89 2.33 -5.74 6.50
CA LEU A 89 1.79 -6.48 5.35
C LEU A 89 2.37 -5.94 4.05
N THR A 90 3.22 -6.75 3.41
CA THR A 90 3.84 -6.36 2.15
C THR A 90 2.96 -6.74 0.96
N GLY A 91 2.82 -5.82 0.01
CA GLY A 91 2.01 -6.09 -1.16
C GLY A 91 2.36 -5.17 -2.32
N ARG A 92 2.38 -5.73 -3.53
CA ARG A 92 2.69 -4.97 -4.73
C ARG A 92 1.45 -4.71 -5.56
N VAL A 93 1.42 -3.57 -6.24
CA VAL A 93 0.29 -3.20 -7.08
C VAL A 93 0.74 -2.54 -8.37
N THR A 94 0.52 -3.22 -9.49
CA THR A 94 0.91 -2.71 -10.80
C THR A 94 -0.10 -1.68 -11.30
N THR A 95 0.28 -0.41 -11.24
CA THR A 95 -0.59 0.67 -11.70
C THR A 95 -1.17 0.37 -13.07
N LYS A 96 -2.46 0.62 -13.24
CA LYS A 96 -3.13 0.37 -14.52
C LYS A 96 -2.45 1.15 -15.64
N LYS A 97 -2.79 0.81 -16.88
CA LYS A 97 -2.22 1.48 -18.04
C LYS A 97 -2.82 2.88 -18.22
N ALA A 98 -1.97 3.84 -18.55
CA ALA A 98 -2.42 5.21 -18.75
C ALA A 98 -2.89 5.43 -20.19
N PRO A 99 -3.93 6.26 -20.36
CA PRO A 99 -4.49 6.57 -21.67
C PRO A 99 -3.56 7.42 -22.52
N SER A 100 -3.69 7.32 -23.83
CA SER A 100 -2.86 8.09 -24.76
C SER A 100 -2.76 9.55 -24.32
N PRO A 101 -1.63 10.19 -24.65
CA PRO A 101 -1.39 11.59 -24.31
C PRO A 101 -2.28 12.54 -25.11
N SER A 102 -3.42 12.90 -24.53
CA SER A 102 -4.36 13.80 -25.19
C SER A 102 -4.34 15.18 -24.53
N SER A 103 -5.12 16.10 -25.08
CA SER A 103 -5.20 17.46 -24.55
C SER A 103 -5.13 17.44 -23.02
N GLY A 104 -6.02 16.67 -22.40
CA GLY A 104 -6.04 16.60 -20.96
C GLY A 104 -7.15 17.41 -20.34
N PRO A 105 -8.36 16.82 -20.30
CA PRO A 105 -9.54 17.48 -19.73
C PRO A 105 -9.46 17.64 -18.22
N SER A 106 -9.25 18.88 -17.77
CA SER A 106 -9.14 19.16 -16.34
C SER A 106 -10.09 20.27 -15.93
N SER A 107 -10.39 20.35 -14.64
CA SER A 107 -11.29 21.37 -14.11
C SER A 107 -10.52 22.61 -13.66
N GLY A 108 -11.17 23.76 -13.73
CA GLY A 108 -10.54 24.99 -13.32
C GLY A 108 -10.52 25.18 -11.81
N GLY A 1 18.90 -11.87 23.77
CA GLY A 1 18.86 -11.13 22.52
C GLY A 1 18.86 -12.03 21.30
N SER A 2 19.20 -11.47 20.15
CA SER A 2 19.24 -12.23 18.91
C SER A 2 17.98 -13.08 18.76
N SER A 3 16.83 -12.50 19.10
CA SER A 3 15.56 -13.22 19.01
C SER A 3 14.39 -12.23 19.08
N GLY A 4 13.33 -12.53 18.34
CA GLY A 4 12.16 -11.67 18.34
C GLY A 4 12.51 -10.22 18.09
N SER A 5 12.70 -9.86 16.83
CA SER A 5 13.04 -8.48 16.47
C SER A 5 12.01 -7.90 15.51
N SER A 6 11.81 -8.58 14.39
CA SER A 6 10.86 -8.12 13.38
C SER A 6 10.06 -9.29 12.82
N GLY A 7 8.75 -9.29 13.07
CA GLY A 7 7.90 -10.36 12.59
C GLY A 7 8.31 -10.85 11.22
N LEU A 8 8.17 -12.15 11.00
CA LEU A 8 8.53 -12.74 9.70
C LEU A 8 7.39 -13.62 9.18
N ALA A 9 6.18 -13.39 9.68
CA ALA A 9 5.02 -14.14 9.25
C ALA A 9 3.84 -13.22 8.96
N PRO A 10 3.27 -13.35 7.75
CA PRO A 10 2.14 -12.53 7.32
C PRO A 10 0.85 -12.91 8.06
N PRO A 11 0.32 -11.95 8.84
CA PRO A 11 -0.91 -12.16 9.61
C PRO A 11 -2.14 -12.25 8.72
N ARG A 12 -2.31 -11.29 7.82
CA ARG A 12 -3.44 -11.27 6.91
C ARG A 12 -2.98 -11.12 5.46
N HIS A 13 -3.93 -10.99 4.55
CA HIS A 13 -3.62 -10.84 3.14
C HIS A 13 -3.93 -9.43 2.66
N LEU A 14 -3.24 -9.00 1.60
CA LEU A 14 -3.44 -7.66 1.05
C LEU A 14 -4.30 -7.73 -0.21
N GLY A 15 -4.91 -6.59 -0.56
CA GLY A 15 -5.74 -6.54 -1.74
C GLY A 15 -5.63 -5.21 -2.47
N PHE A 16 -5.99 -5.22 -3.75
CA PHE A 16 -5.92 -4.00 -4.56
C PHE A 16 -7.16 -3.88 -5.46
N SER A 17 -7.89 -2.79 -5.29
CA SER A 17 -9.09 -2.55 -6.08
C SER A 17 -9.11 -1.13 -6.63
N ASP A 18 -9.93 -0.91 -7.65
CA ASP A 18 -10.04 0.40 -8.27
C ASP A 18 -8.67 0.96 -8.64
N VAL A 19 -7.80 0.06 -9.11
CA VAL A 19 -6.44 0.46 -9.50
C VAL A 19 -6.46 1.28 -10.79
N SER A 20 -5.69 2.36 -10.80
CA SER A 20 -5.62 3.23 -11.96
C SER A 20 -4.18 3.32 -12.49
N HIS A 21 -3.98 4.15 -13.50
CA HIS A 21 -2.65 4.34 -14.09
C HIS A 21 -1.82 5.30 -13.26
N ASP A 22 -2.50 6.20 -12.53
CA ASP A 22 -1.82 7.17 -11.69
C ASP A 22 -2.34 7.11 -10.26
N ALA A 23 -2.89 5.96 -9.88
CA ALA A 23 -3.42 5.78 -8.53
C ALA A 23 -3.71 4.30 -8.26
N ALA A 24 -3.82 3.95 -6.98
CA ALA A 24 -4.10 2.58 -6.58
C ALA A 24 -4.59 2.52 -5.14
N ARG A 25 -5.74 1.89 -4.95
CA ARG A 25 -6.32 1.75 -3.61
C ARG A 25 -5.93 0.42 -2.98
N VAL A 26 -5.19 0.50 -1.87
CA VAL A 26 -4.75 -0.70 -1.16
C VAL A 26 -5.49 -0.86 0.15
N PHE A 27 -6.11 -2.03 0.33
CA PHE A 27 -6.87 -2.31 1.54
C PHE A 27 -6.48 -3.68 2.11
N TRP A 28 -6.96 -3.97 3.31
CA TRP A 28 -6.67 -5.23 3.97
C TRP A 28 -7.91 -5.80 4.65
N GLU A 29 -7.88 -7.10 4.95
CA GLU A 29 -9.01 -7.75 5.60
C GLU A 29 -9.01 -7.46 7.10
N GLY A 30 -8.09 -6.60 7.53
CA GLY A 30 -8.00 -6.26 8.94
C GLY A 30 -7.14 -7.23 9.72
N ALA A 31 -6.30 -6.69 10.60
CA ALA A 31 -5.41 -7.52 11.41
C ALA A 31 -6.18 -8.25 12.49
N PRO A 32 -5.59 -9.35 13.00
CA PRO A 32 -6.20 -10.17 14.05
C PRO A 32 -6.26 -9.45 15.38
N ARG A 33 -5.83 -8.20 15.40
CA ARG A 33 -5.84 -7.40 16.63
C ARG A 33 -5.99 -5.91 16.31
N PRO A 34 -6.56 -5.16 17.25
CA PRO A 34 -6.76 -3.71 17.10
C PRO A 34 -5.46 -2.93 17.12
N VAL A 35 -5.38 -1.91 16.27
CA VAL A 35 -4.19 -1.08 16.18
C VAL A 35 -4.51 0.38 16.44
N ARG A 36 -3.50 1.15 16.85
CA ARG A 36 -3.69 2.57 17.13
C ARG A 36 -3.38 3.41 15.90
N LEU A 37 -2.28 3.10 15.23
CA LEU A 37 -1.88 3.83 14.03
C LEU A 37 -1.44 2.87 12.93
N VAL A 38 -1.61 3.30 11.69
CA VAL A 38 -1.22 2.48 10.55
C VAL A 38 -0.40 3.28 9.54
N ARG A 39 0.90 3.02 9.51
CA ARG A 39 1.80 3.73 8.60
C ARG A 39 1.98 2.94 7.30
N VAL A 40 1.53 3.53 6.20
CA VAL A 40 1.65 2.88 4.89
C VAL A 40 2.72 3.55 4.04
N THR A 41 3.47 2.74 3.29
CA THR A 41 4.52 3.26 2.44
C THR A 41 4.54 2.53 1.09
N TYR A 42 4.66 3.29 0.01
CA TYR A 42 4.70 2.72 -1.33
C TYR A 42 5.96 3.14 -2.07
N VAL A 43 6.47 2.24 -2.90
CA VAL A 43 7.69 2.52 -3.67
C VAL A 43 7.64 1.83 -5.03
N SER A 44 8.21 2.48 -6.04
CA SER A 44 8.23 1.92 -7.39
C SER A 44 9.10 0.68 -7.46
N SER A 45 8.82 -0.19 -8.43
CA SER A 45 9.59 -1.41 -8.60
C SER A 45 11.06 -1.20 -8.26
N GLU A 46 11.57 -0.03 -8.62
CA GLU A 46 12.97 0.31 -8.36
C GLU A 46 13.07 1.52 -7.44
N GLY A 47 14.23 1.66 -6.79
CA GLY A 47 14.43 2.78 -5.89
C GLY A 47 14.34 4.12 -6.59
N GLY A 48 13.29 4.87 -6.28
CA GLY A 48 13.09 6.18 -6.90
C GLY A 48 12.01 6.98 -6.22
N HIS A 49 10.79 6.87 -6.72
CA HIS A 49 9.65 7.60 -6.16
C HIS A 49 8.95 6.77 -5.09
N SER A 50 8.98 7.26 -3.85
CA SER A 50 8.35 6.56 -2.73
C SER A 50 7.57 7.54 -1.86
N GLY A 51 6.53 7.02 -1.21
CA GLY A 51 5.70 7.86 -0.35
C GLY A 51 5.39 7.20 0.97
N GLN A 52 4.62 7.89 1.82
CA GLN A 52 4.26 7.36 3.12
C GLN A 52 3.01 8.06 3.66
N THR A 53 1.92 7.31 3.77
CA THR A 53 0.67 7.86 4.27
C THR A 53 0.26 7.19 5.58
N GLU A 54 -0.24 7.99 6.51
CA GLU A 54 -0.67 7.48 7.81
C GLU A 54 -2.19 7.37 7.88
N ALA A 55 -2.67 6.32 8.55
CA ALA A 55 -4.11 6.10 8.68
C ALA A 55 -4.44 5.54 10.07
N PRO A 56 -5.71 5.73 10.49
CA PRO A 56 -6.18 5.26 11.79
C PRO A 56 -6.28 3.73 11.84
N GLY A 57 -5.98 3.16 13.01
CA GLY A 57 -6.04 1.72 13.17
C GLY A 57 -7.37 1.15 12.67
N ASN A 58 -8.36 2.00 12.52
CA ASN A 58 -9.68 1.58 12.07
C ASN A 58 -9.74 1.53 10.54
N ALA A 59 -9.02 2.44 9.90
CA ALA A 59 -8.98 2.52 8.44
C ALA A 59 -8.42 1.22 7.85
N THR A 60 -9.27 0.47 7.16
CA THR A 60 -8.86 -0.78 6.54
C THR A 60 -8.66 -0.61 5.04
N SER A 61 -8.38 0.61 4.61
CA SER A 61 -8.18 0.90 3.20
C SER A 61 -7.59 2.29 3.01
N ALA A 62 -6.63 2.40 2.09
CA ALA A 62 -5.98 3.68 1.82
C ALA A 62 -5.60 3.78 0.34
N MET A 63 -5.65 5.00 -0.19
CA MET A 63 -5.32 5.24 -1.59
C MET A 63 -3.86 5.67 -1.73
N LEU A 64 -3.34 5.60 -2.95
CA LEU A 64 -1.96 5.98 -3.21
C LEU A 64 -1.84 6.75 -4.53
N GLY A 65 -1.01 7.79 -4.54
CA GLY A 65 -0.83 8.59 -5.74
C GLY A 65 -0.41 10.01 -5.43
N PRO A 66 -0.12 10.78 -6.49
CA PRO A 66 -0.19 10.29 -7.87
C PRO A 66 0.91 9.27 -8.18
N LEU A 67 0.50 8.11 -8.67
CA LEU A 67 1.44 7.05 -9.01
C LEU A 67 1.75 7.05 -10.50
N SER A 68 2.57 6.10 -10.94
CA SER A 68 2.95 6.00 -12.34
C SER A 68 2.12 4.93 -13.04
N SER A 69 2.26 4.86 -14.36
CA SER A 69 1.52 3.88 -15.16
C SER A 69 2.41 2.71 -15.56
N SER A 70 1.81 1.56 -15.80
CA SER A 70 2.54 0.37 -16.18
C SER A 70 3.79 0.19 -15.32
N THR A 71 3.70 0.65 -14.07
CA THR A 71 4.82 0.55 -13.15
C THR A 71 4.40 -0.12 -11.84
N THR A 72 5.08 -1.20 -11.49
CA THR A 72 4.78 -1.93 -10.26
C THR A 72 5.22 -1.15 -9.03
N TYR A 73 4.37 -1.12 -8.02
CA TYR A 73 4.67 -0.41 -6.77
C TYR A 73 4.52 -1.33 -5.57
N THR A 74 5.59 -1.43 -4.78
CA THR A 74 5.57 -2.28 -3.59
C THR A 74 4.99 -1.54 -2.40
N VAL A 75 3.73 -1.81 -2.09
CA VAL A 75 3.05 -1.18 -0.97
C VAL A 75 3.40 -1.87 0.34
N ARG A 76 3.51 -1.08 1.41
CA ARG A 76 3.85 -1.62 2.73
C ARG A 76 2.92 -1.06 3.79
N VAL A 77 2.02 -1.90 4.31
CA VAL A 77 1.08 -1.48 5.33
C VAL A 77 1.60 -1.81 6.73
N THR A 78 1.99 -0.79 7.47
CA THR A 78 2.50 -0.98 8.82
C THR A 78 1.42 -0.76 9.87
N CYS A 79 1.17 -1.78 10.67
CA CYS A 79 0.15 -1.70 11.72
C CYS A 79 0.78 -1.76 13.10
N LEU A 80 1.13 -0.59 13.63
CA LEU A 80 1.75 -0.51 14.95
C LEU A 80 0.69 -0.55 16.05
N TYR A 81 0.47 -1.73 16.61
CA TYR A 81 -0.52 -1.89 17.66
C TYR A 81 -0.12 -1.12 18.92
N PRO A 82 -1.13 -0.67 19.68
CA PRO A 82 -0.90 0.08 20.92
C PRO A 82 -0.30 -0.77 22.02
N GLY A 83 -0.61 -2.07 22.00
CA GLY A 83 -0.09 -2.97 23.01
C GLY A 83 -0.01 -4.40 22.53
N GLY A 84 0.90 -4.66 21.59
CA GLY A 84 1.05 -6.00 21.06
C GLY A 84 2.01 -6.05 19.88
N GLY A 85 3.13 -5.34 19.99
CA GLY A 85 4.12 -5.32 18.93
C GLY A 85 3.64 -4.53 17.73
N SER A 86 3.96 -5.01 16.53
CA SER A 86 3.57 -4.33 15.30
C SER A 86 3.46 -5.33 14.15
N SER A 87 3.12 -4.82 12.97
CA SER A 87 2.98 -5.65 11.79
C SER A 87 3.39 -4.90 10.53
N THR A 88 3.45 -5.62 9.41
CA THR A 88 3.85 -5.02 8.14
C THR A 88 3.49 -5.94 6.97
N LEU A 89 2.57 -5.48 6.13
CA LEU A 89 2.14 -6.25 4.97
C LEU A 89 2.81 -5.74 3.70
N THR A 90 3.63 -6.59 3.09
CA THR A 90 4.33 -6.22 1.86
C THR A 90 3.66 -6.85 0.64
N GLY A 91 3.31 -6.01 -0.33
CA GLY A 91 2.66 -6.50 -1.54
C GLY A 91 3.20 -5.83 -2.78
N ARG A 92 2.43 -5.91 -3.87
CA ARG A 92 2.85 -5.30 -5.14
C ARG A 92 1.63 -5.07 -6.03
N VAL A 93 1.53 -3.84 -6.55
CA VAL A 93 0.41 -3.48 -7.43
C VAL A 93 0.92 -2.83 -8.72
N THR A 94 0.53 -3.40 -9.85
CA THR A 94 0.94 -2.88 -11.14
C THR A 94 -0.05 -1.84 -11.66
N THR A 95 0.35 -0.57 -11.63
CA THR A 95 -0.50 0.51 -12.09
C THR A 95 -0.93 0.30 -13.54
N LYS A 96 -2.05 0.92 -13.92
CA LYS A 96 -2.56 0.79 -15.28
C LYS A 96 -1.79 1.70 -16.23
N LYS A 97 -2.00 1.50 -17.53
CA LYS A 97 -1.34 2.30 -18.56
C LYS A 97 -1.95 3.69 -18.64
N ALA A 98 -1.10 4.71 -18.70
CA ALA A 98 -1.56 6.09 -18.79
C ALA A 98 -2.00 6.43 -20.21
N PRO A 99 -3.09 7.21 -20.32
CA PRO A 99 -3.64 7.63 -21.61
C PRO A 99 -2.73 8.61 -22.34
N SER A 100 -1.87 9.29 -21.59
CA SER A 100 -0.95 10.26 -22.16
C SER A 100 -1.60 10.99 -23.34
N PRO A 101 -2.77 11.60 -23.09
CA PRO A 101 -3.51 12.34 -24.12
C PRO A 101 -2.82 13.63 -24.51
N SER A 102 -3.50 14.45 -25.30
CA SER A 102 -2.96 15.72 -25.75
C SER A 102 -3.42 16.87 -24.86
N SER A 103 -2.78 17.02 -23.71
CA SER A 103 -3.14 18.07 -22.77
C SER A 103 -1.89 18.76 -22.22
N GLY A 104 -1.78 20.06 -22.45
CA GLY A 104 -0.63 20.81 -21.96
C GLY A 104 -0.77 22.30 -22.21
N PRO A 105 -0.24 22.78 -23.34
CA PRO A 105 -0.29 24.19 -23.71
C PRO A 105 -1.70 24.65 -24.06
N SER A 106 -2.64 23.70 -24.10
CA SER A 106 -4.01 24.01 -24.43
C SER A 106 -4.62 24.98 -23.42
N SER A 107 -5.80 25.51 -23.74
CA SER A 107 -6.47 26.45 -22.85
C SER A 107 -7.76 25.84 -22.29
N GLY A 108 -7.96 26.00 -20.99
CA GLY A 108 -9.15 25.46 -20.35
C GLY A 108 -8.84 24.77 -19.04
N GLY A 1 8.51 -28.58 17.95
CA GLY A 1 9.31 -27.37 17.81
C GLY A 1 8.47 -26.11 17.91
N SER A 2 8.80 -25.24 18.86
CA SER A 2 8.08 -24.00 19.05
C SER A 2 9.03 -22.86 19.44
N SER A 3 8.69 -21.66 19.00
CA SER A 3 9.51 -20.49 19.28
C SER A 3 11.00 -20.83 19.19
N GLY A 4 11.36 -21.58 18.16
CA GLY A 4 12.74 -21.97 17.96
C GLY A 4 13.44 -21.14 16.91
N SER A 5 13.31 -19.81 17.03
CA SER A 5 13.92 -18.90 16.08
C SER A 5 13.38 -19.13 14.67
N SER A 6 12.06 -19.30 14.58
CA SER A 6 11.41 -19.53 13.29
C SER A 6 9.94 -19.14 13.35
N GLY A 7 9.28 -19.17 12.20
CA GLY A 7 7.87 -18.81 12.13
C GLY A 7 7.66 -17.41 11.62
N LEU A 8 7.76 -17.23 10.30
CA LEU A 8 7.58 -15.93 9.68
C LEU A 8 6.47 -15.97 8.64
N ALA A 9 5.29 -15.49 9.01
CA ALA A 9 4.14 -15.48 8.10
C ALA A 9 3.21 -14.32 8.42
N PRO A 10 2.61 -13.74 7.37
CA PRO A 10 1.67 -12.61 7.51
C PRO A 10 0.36 -13.03 8.16
N PRO A 11 -0.25 -12.10 8.91
CA PRO A 11 -1.52 -12.34 9.60
C PRO A 11 -2.68 -12.46 8.63
N ARG A 12 -2.69 -11.62 7.61
CA ARG A 12 -3.75 -11.62 6.61
C ARG A 12 -3.19 -11.32 5.22
N HIS A 13 -4.09 -11.25 4.24
CA HIS A 13 -3.69 -10.97 2.87
C HIS A 13 -4.12 -9.56 2.45
N LEU A 14 -3.39 -8.97 1.52
CA LEU A 14 -3.70 -7.63 1.04
C LEU A 14 -4.59 -7.69 -0.20
N GLY A 15 -5.08 -6.52 -0.62
CA GLY A 15 -5.93 -6.46 -1.80
C GLY A 15 -5.86 -5.12 -2.49
N PHE A 16 -5.84 -5.14 -3.82
CA PHE A 16 -5.77 -3.91 -4.61
C PHE A 16 -7.00 -3.78 -5.51
N SER A 17 -7.74 -2.69 -5.33
CA SER A 17 -8.94 -2.45 -6.12
C SER A 17 -8.99 -1.00 -6.59
N ASP A 18 -9.76 -0.76 -7.64
CA ASP A 18 -9.90 0.59 -8.19
C ASP A 18 -8.54 1.17 -8.57
N VAL A 19 -7.59 0.29 -8.86
CA VAL A 19 -6.25 0.71 -9.23
C VAL A 19 -6.26 1.56 -10.49
N SER A 20 -5.39 2.55 -10.55
CA SER A 20 -5.29 3.43 -11.71
C SER A 20 -3.87 3.51 -12.23
N HIS A 21 -3.65 4.36 -13.22
CA HIS A 21 -2.33 4.55 -13.80
C HIS A 21 -1.55 5.63 -13.06
N ASP A 22 -2.23 6.33 -12.16
CA ASP A 22 -1.61 7.39 -11.39
C ASP A 22 -1.93 7.24 -9.90
N ALA A 23 -2.49 6.10 -9.54
CA ALA A 23 -2.84 5.83 -8.15
C ALA A 23 -3.25 4.37 -7.96
N ALA A 24 -3.37 3.95 -6.71
CA ALA A 24 -3.75 2.58 -6.38
C ALA A 24 -4.29 2.48 -4.96
N ARG A 25 -5.48 1.93 -4.83
CA ARG A 25 -6.12 1.78 -3.53
C ARG A 25 -5.77 0.43 -2.90
N VAL A 26 -5.20 0.46 -1.70
CA VAL A 26 -4.82 -0.76 -1.00
C VAL A 26 -5.72 -1.02 0.20
N PHE A 27 -6.20 -2.24 0.32
CA PHE A 27 -7.08 -2.61 1.43
C PHE A 27 -6.66 -3.95 2.03
N TRP A 28 -6.87 -4.10 3.34
CA TRP A 28 -6.51 -5.32 4.04
C TRP A 28 -7.69 -5.86 4.83
N GLU A 29 -7.58 -7.12 5.27
CA GLU A 29 -8.65 -7.75 6.04
C GLU A 29 -8.47 -7.48 7.53
N GLY A 30 -7.63 -6.51 7.86
CA GLY A 30 -7.39 -6.17 9.25
C GLY A 30 -6.38 -7.09 9.90
N ALA A 31 -6.03 -6.79 11.14
CA ALA A 31 -5.07 -7.62 11.88
C ALA A 31 -5.70 -8.20 13.14
N PRO A 32 -5.20 -9.37 13.56
CA PRO A 32 -5.70 -10.06 14.75
C PRO A 32 -5.35 -9.33 16.05
N ARG A 33 -4.57 -8.27 15.92
CA ARG A 33 -4.16 -7.48 17.08
C ARG A 33 -4.63 -6.04 16.94
N PRO A 34 -4.85 -5.38 18.10
CA PRO A 34 -5.31 -3.99 18.14
C PRO A 34 -4.24 -3.01 17.67
N VAL A 35 -4.66 -1.97 16.96
CA VAL A 35 -3.74 -0.96 16.47
C VAL A 35 -4.26 0.45 16.75
N ARG A 36 -3.34 1.35 17.11
CA ARG A 36 -3.70 2.73 17.41
C ARG A 36 -3.46 3.63 16.19
N LEU A 37 -2.53 3.22 15.34
CA LEU A 37 -2.21 3.99 14.14
C LEU A 37 -1.75 3.08 13.02
N VAL A 38 -1.83 3.57 11.79
CA VAL A 38 -1.41 2.80 10.62
C VAL A 38 -0.51 3.62 9.70
N ARG A 39 0.65 3.07 9.38
CA ARG A 39 1.61 3.75 8.51
C ARG A 39 1.94 2.89 7.29
N VAL A 40 1.59 3.39 6.11
CA VAL A 40 1.85 2.68 4.87
C VAL A 40 3.00 3.33 4.10
N THR A 41 3.74 2.52 3.35
CA THR A 41 4.86 3.01 2.55
C THR A 41 4.93 2.31 1.20
N TYR A 42 4.76 3.07 0.13
CA TYR A 42 4.81 2.52 -1.22
C TYR A 42 6.06 2.98 -1.96
N VAL A 43 6.62 2.11 -2.78
CA VAL A 43 7.82 2.43 -3.55
C VAL A 43 7.74 1.84 -4.95
N SER A 44 8.45 2.47 -5.88
CA SER A 44 8.46 2.02 -7.27
C SER A 44 9.27 0.73 -7.42
N SER A 45 9.15 0.08 -8.57
CA SER A 45 9.86 -1.16 -8.83
C SER A 45 11.31 -1.07 -8.36
N GLU A 46 11.98 0.01 -8.74
CA GLU A 46 13.37 0.23 -8.37
C GLU A 46 13.50 1.39 -7.39
N GLY A 47 14.35 1.23 -6.38
CA GLY A 47 14.54 2.29 -5.40
C GLY A 47 14.72 3.65 -6.04
N GLY A 48 13.69 4.47 -5.96
CA GLY A 48 13.75 5.81 -6.54
C GLY A 48 12.67 6.73 -6.00
N HIS A 49 11.42 6.34 -6.18
CA HIS A 49 10.30 7.15 -5.70
C HIS A 49 9.46 6.37 -4.68
N SER A 50 9.52 6.81 -3.42
CA SER A 50 8.77 6.15 -2.36
C SER A 50 7.99 7.17 -1.54
N GLY A 51 6.82 6.76 -1.05
CA GLY A 51 5.99 7.65 -0.25
C GLY A 51 5.62 7.05 1.09
N GLN A 52 4.77 7.75 1.83
CA GLN A 52 4.34 7.28 3.14
C GLN A 52 3.09 8.03 3.60
N THR A 53 2.05 7.28 3.97
CA THR A 53 0.80 7.87 4.43
C THR A 53 0.41 7.32 5.80
N GLU A 54 -0.50 8.02 6.47
CA GLU A 54 -0.97 7.60 7.79
C GLU A 54 -2.47 7.33 7.77
N ALA A 55 -2.90 6.36 8.57
CA ALA A 55 -4.30 5.99 8.65
C ALA A 55 -4.66 5.45 10.03
N PRO A 56 -5.94 5.52 10.38
CA PRO A 56 -6.43 5.03 11.68
C PRO A 56 -6.39 3.51 11.78
N GLY A 57 -6.08 3.00 12.97
CA GLY A 57 -6.02 1.57 13.17
C GLY A 57 -7.29 0.87 12.74
N ASN A 58 -8.36 1.64 12.55
CA ASN A 58 -9.65 1.08 12.13
C ASN A 58 -9.75 1.04 10.61
N ALA A 59 -9.11 1.99 9.95
CA ALA A 59 -9.14 2.05 8.50
C ALA A 59 -8.52 0.81 7.87
N THR A 60 -9.32 0.05 7.13
CA THR A 60 -8.85 -1.17 6.49
C THR A 60 -8.61 -0.95 5.01
N SER A 61 -8.60 0.31 4.59
CA SER A 61 -8.37 0.66 3.19
C SER A 61 -7.87 2.10 3.05
N ALA A 62 -6.88 2.30 2.19
CA ALA A 62 -6.31 3.62 1.97
C ALA A 62 -5.92 3.80 0.51
N MET A 63 -5.78 5.06 0.09
CA MET A 63 -5.41 5.38 -1.28
C MET A 63 -3.98 5.89 -1.34
N LEU A 64 -3.30 5.60 -2.44
CA LEU A 64 -1.91 6.04 -2.63
C LEU A 64 -1.78 6.90 -3.87
N GLY A 65 -0.63 7.56 -4.01
CA GLY A 65 -0.39 8.41 -5.16
C GLY A 65 0.09 9.79 -4.77
N PRO A 66 0.45 10.60 -5.78
CA PRO A 66 0.39 10.19 -7.20
C PRO A 66 1.43 9.13 -7.54
N LEU A 67 1.02 8.12 -8.29
CA LEU A 67 1.91 7.05 -8.70
C LEU A 67 2.20 7.10 -10.20
N SER A 68 2.95 6.12 -10.69
CA SER A 68 3.29 6.05 -12.10
C SER A 68 2.38 5.07 -12.83
N SER A 69 2.59 4.93 -14.14
CA SER A 69 1.79 4.03 -14.95
C SER A 69 2.62 2.82 -15.42
N SER A 70 1.94 1.72 -15.67
CA SER A 70 2.61 0.49 -16.11
C SER A 70 3.87 0.23 -15.28
N THR A 71 3.82 0.65 -14.01
CA THR A 71 4.96 0.46 -13.11
C THR A 71 4.51 -0.25 -11.83
N THR A 72 5.30 -1.22 -11.40
CA THR A 72 5.00 -1.98 -10.18
C THR A 72 5.42 -1.21 -8.94
N TYR A 73 4.52 -1.13 -7.96
CA TYR A 73 4.81 -0.42 -6.72
C TYR A 73 4.67 -1.36 -5.52
N THR A 74 5.70 -1.39 -4.68
CA THR A 74 5.69 -2.24 -3.49
C THR A 74 5.01 -1.54 -2.32
N VAL A 75 3.78 -1.91 -2.05
CA VAL A 75 3.02 -1.32 -0.95
C VAL A 75 3.17 -2.13 0.33
N ARG A 76 3.58 -1.48 1.41
CA ARG A 76 3.77 -2.14 2.69
C ARG A 76 2.94 -1.46 3.78
N VAL A 77 1.92 -2.17 4.26
CA VAL A 77 1.06 -1.63 5.31
C VAL A 77 1.58 -1.99 6.70
N THR A 78 2.14 -1.00 7.39
CA THR A 78 2.67 -1.21 8.73
C THR A 78 1.73 -0.69 9.79
N CYS A 79 1.11 -1.61 10.54
CA CYS A 79 0.18 -1.23 11.59
C CYS A 79 0.91 -1.05 12.92
N LEU A 80 1.11 0.21 13.31
CA LEU A 80 1.80 0.54 14.55
C LEU A 80 0.90 0.26 15.75
N TYR A 81 1.23 -0.78 16.51
CA TYR A 81 0.45 -1.16 17.69
C TYR A 81 0.91 -0.37 18.91
N PRO A 82 -0.03 -0.14 19.84
CA PRO A 82 0.26 0.60 21.07
C PRO A 82 1.14 -0.19 22.03
N GLY A 83 0.91 -1.49 22.11
CA GLY A 83 1.69 -2.33 22.99
C GLY A 83 2.99 -2.80 22.34
N GLY A 84 2.85 -3.56 21.25
CA GLY A 84 4.02 -4.06 20.56
C GLY A 84 3.68 -5.21 19.62
N GLY A 85 4.33 -5.23 18.46
CA GLY A 85 4.07 -6.29 17.49
C GLY A 85 3.89 -5.75 16.09
N SER A 86 4.06 -4.44 15.92
CA SER A 86 3.90 -3.80 14.62
C SER A 86 4.32 -4.74 13.50
N SER A 87 3.37 -5.09 12.64
CA SER A 87 3.64 -5.98 11.52
C SER A 87 3.86 -5.20 10.24
N THR A 88 4.02 -5.93 9.13
CA THR A 88 4.24 -5.30 7.83
C THR A 88 3.68 -6.15 6.70
N LEU A 89 2.56 -5.71 6.14
CA LEU A 89 1.93 -6.43 5.04
C LEU A 89 2.35 -5.88 3.70
N THR A 90 3.20 -6.62 2.99
CA THR A 90 3.69 -6.19 1.68
C THR A 90 2.68 -6.51 0.59
N GLY A 91 2.65 -5.69 -0.45
CA GLY A 91 1.73 -5.90 -1.55
C GLY A 91 2.16 -5.20 -2.82
N ARG A 92 2.51 -5.99 -3.83
CA ARG A 92 2.95 -5.44 -5.11
C ARG A 92 1.77 -5.22 -6.05
N VAL A 93 1.69 -4.03 -6.63
CA VAL A 93 0.60 -3.70 -7.54
C VAL A 93 1.13 -2.93 -8.76
N THR A 94 0.75 -3.38 -9.94
CA THR A 94 1.17 -2.73 -11.18
C THR A 94 0.17 -1.66 -11.62
N THR A 95 0.59 -0.41 -11.57
CA THR A 95 -0.27 0.70 -11.96
C THR A 95 -0.73 0.55 -13.40
N LYS A 96 -1.90 1.09 -13.71
CA LYS A 96 -2.45 1.02 -15.06
C LYS A 96 -1.68 1.94 -16.01
N LYS A 97 -1.87 1.74 -17.31
CA LYS A 97 -1.19 2.55 -18.31
C LYS A 97 -1.82 3.93 -18.42
N ALA A 98 -0.99 4.95 -18.58
CA ALA A 98 -1.47 6.32 -18.70
C ALA A 98 -1.88 6.63 -20.13
N PRO A 99 -2.95 7.43 -20.28
CA PRO A 99 -3.47 7.82 -21.59
C PRO A 99 -2.53 8.78 -22.32
N SER A 100 -3.06 9.44 -23.35
CA SER A 100 -2.28 10.39 -24.12
C SER A 100 -2.54 11.82 -23.67
N PRO A 101 -1.50 12.66 -23.70
CA PRO A 101 -1.59 14.07 -23.30
C PRO A 101 -2.42 14.89 -24.28
N SER A 102 -3.56 15.39 -23.82
CA SER A 102 -4.43 16.19 -24.66
C SER A 102 -5.35 17.06 -23.81
N SER A 103 -5.13 18.38 -23.86
CA SER A 103 -5.94 19.31 -23.09
C SER A 103 -6.97 20.01 -23.98
N GLY A 104 -8.12 19.37 -24.15
CA GLY A 104 -9.16 19.94 -24.98
C GLY A 104 -10.55 19.59 -24.49
N PRO A 105 -10.96 20.26 -23.39
CA PRO A 105 -12.29 20.03 -22.78
C PRO A 105 -13.42 20.56 -23.66
N SER A 106 -14.63 20.54 -23.12
CA SER A 106 -15.81 21.01 -23.86
C SER A 106 -17.03 21.08 -22.94
N SER A 107 -18.08 21.73 -23.43
CA SER A 107 -19.31 21.87 -22.65
C SER A 107 -20.00 20.52 -22.48
N GLY A 108 -20.39 19.91 -23.59
CA GLY A 108 -21.06 18.63 -23.54
C GLY A 108 -21.06 17.92 -24.88
N GLY A 1 15.29 -11.02 18.31
CA GLY A 1 15.32 -11.90 19.47
C GLY A 1 16.34 -13.01 19.33
N SER A 2 16.20 -14.04 20.16
CA SER A 2 17.13 -15.17 20.13
C SER A 2 16.79 -16.12 18.98
N SER A 3 17.77 -16.91 18.58
CA SER A 3 17.58 -17.87 17.48
C SER A 3 16.44 -18.83 17.78
N GLY A 4 15.49 -18.91 16.86
CA GLY A 4 14.34 -19.79 17.05
C GLY A 4 13.52 -19.95 15.78
N SER A 5 12.28 -19.50 15.83
CA SER A 5 11.38 -19.60 14.69
C SER A 5 11.93 -18.81 13.49
N SER A 6 12.46 -19.53 12.51
CA SER A 6 13.03 -18.90 11.33
C SER A 6 11.92 -18.32 10.44
N GLY A 7 11.68 -17.02 10.60
CA GLY A 7 10.65 -16.36 9.80
C GLY A 7 9.29 -16.41 10.47
N LEU A 8 8.51 -15.34 10.29
CA LEU A 8 7.18 -15.25 10.88
C LEU A 8 6.10 -15.17 9.81
N ALA A 9 4.85 -15.29 10.22
CA ALA A 9 3.73 -15.23 9.29
C ALA A 9 2.89 -13.98 9.54
N PRO A 10 2.40 -13.37 8.46
CA PRO A 10 1.56 -12.16 8.53
C PRO A 10 0.18 -12.45 9.11
N PRO A 11 -0.47 -11.40 9.63
CA PRO A 11 -1.81 -11.51 10.22
C PRO A 11 -2.88 -11.79 9.17
N ARG A 12 -2.83 -11.05 8.07
CA ARG A 12 -3.80 -11.23 6.99
C ARG A 12 -3.16 -10.94 5.63
N HIS A 13 -3.97 -10.99 4.58
CA HIS A 13 -3.49 -10.73 3.23
C HIS A 13 -3.82 -9.31 2.79
N LEU A 14 -3.23 -8.88 1.68
CA LEU A 14 -3.47 -7.55 1.16
C LEU A 14 -4.27 -7.60 -0.14
N GLY A 15 -4.97 -6.51 -0.45
CA GLY A 15 -5.77 -6.45 -1.65
C GLY A 15 -5.70 -5.10 -2.34
N PHE A 16 -5.91 -5.09 -3.65
CA PHE A 16 -5.87 -3.84 -4.42
C PHE A 16 -7.09 -3.73 -5.31
N SER A 17 -7.79 -2.59 -5.21
CA SER A 17 -8.99 -2.35 -6.01
C SER A 17 -9.00 -0.94 -6.56
N ASP A 18 -10.03 -0.61 -7.32
CA ASP A 18 -10.16 0.72 -7.91
C ASP A 18 -8.80 1.26 -8.35
N VAL A 19 -7.92 0.35 -8.74
CA VAL A 19 -6.58 0.73 -9.19
C VAL A 19 -6.64 1.57 -10.46
N SER A 20 -5.68 2.48 -10.61
CA SER A 20 -5.63 3.36 -11.77
C SER A 20 -4.19 3.56 -12.23
N HIS A 21 -4.02 4.38 -13.26
CA HIS A 21 -2.69 4.66 -13.80
C HIS A 21 -2.04 5.84 -13.08
N ASP A 22 -2.77 6.42 -12.13
CA ASP A 22 -2.25 7.55 -11.36
C ASP A 22 -2.44 7.32 -9.87
N ALA A 23 -2.91 6.13 -9.50
CA ALA A 23 -3.14 5.78 -8.11
C ALA A 23 -3.56 4.33 -7.97
N ALA A 24 -3.41 3.79 -6.76
CA ALA A 24 -3.78 2.40 -6.49
C ALA A 24 -4.35 2.25 -5.08
N ARG A 25 -5.56 1.73 -5.00
CA ARG A 25 -6.23 1.54 -3.72
C ARG A 25 -5.73 0.27 -3.03
N VAL A 26 -5.12 0.44 -1.86
CA VAL A 26 -4.59 -0.69 -1.11
C VAL A 26 -5.35 -0.88 0.20
N PHE A 27 -6.03 -2.01 0.32
CA PHE A 27 -6.81 -2.32 1.52
C PHE A 27 -6.39 -3.66 2.11
N TRP A 28 -6.93 -3.97 3.29
CA TRP A 28 -6.61 -5.22 3.96
C TRP A 28 -7.85 -5.80 4.64
N GLU A 29 -7.70 -7.00 5.20
CA GLU A 29 -8.81 -7.67 5.88
C GLU A 29 -8.82 -7.31 7.36
N GLY A 30 -8.03 -6.33 7.74
CA GLY A 30 -7.96 -5.91 9.13
C GLY A 30 -7.01 -6.77 9.95
N ALA A 31 -6.95 -6.49 11.24
CA ALA A 31 -6.07 -7.25 12.14
C ALA A 31 -6.86 -7.85 13.30
N PRO A 32 -6.38 -8.98 13.82
CA PRO A 32 -7.01 -9.69 14.94
C PRO A 32 -6.88 -8.92 16.24
N ARG A 33 -6.08 -7.85 16.23
CA ARG A 33 -5.87 -7.04 17.42
C ARG A 33 -6.09 -5.56 17.12
N PRO A 34 -6.32 -4.76 18.15
CA PRO A 34 -6.54 -3.31 18.02
C PRO A 34 -5.28 -2.57 17.61
N VAL A 35 -5.46 -1.45 16.90
CA VAL A 35 -4.34 -0.65 16.45
C VAL A 35 -4.60 0.84 16.66
N ARG A 36 -3.55 1.59 16.99
CA ARG A 36 -3.68 3.02 17.21
C ARG A 36 -3.49 3.80 15.91
N LEU A 37 -2.47 3.41 15.15
CA LEU A 37 -2.17 4.07 13.89
C LEU A 37 -1.65 3.07 12.86
N VAL A 38 -1.84 3.38 11.58
CA VAL A 38 -1.38 2.52 10.50
C VAL A 38 -0.54 3.28 9.50
N ARG A 39 0.73 2.92 9.39
CA ARG A 39 1.64 3.57 8.46
C ARG A 39 1.78 2.76 7.16
N VAL A 40 1.80 3.46 6.04
CA VAL A 40 1.93 2.80 4.74
C VAL A 40 2.99 3.49 3.88
N THR A 41 3.96 2.72 3.40
CA THR A 41 5.02 3.26 2.57
C THR A 41 5.06 2.56 1.22
N TYR A 42 4.87 3.33 0.15
CA TYR A 42 4.87 2.78 -1.20
C TYR A 42 6.08 3.30 -1.98
N VAL A 43 6.60 2.46 -2.87
CA VAL A 43 7.75 2.83 -3.69
C VAL A 43 7.63 2.26 -5.10
N SER A 44 8.24 2.95 -6.06
CA SER A 44 8.20 2.51 -7.45
C SER A 44 9.19 1.38 -7.69
N SER A 45 8.86 0.52 -8.66
CA SER A 45 9.72 -0.62 -8.99
C SER A 45 11.19 -0.24 -8.85
N GLU A 46 11.60 0.78 -9.61
CA GLU A 46 12.98 1.23 -9.59
C GLU A 46 13.16 2.36 -8.57
N GLY A 47 14.06 2.13 -7.61
CA GLY A 47 14.31 3.14 -6.59
C GLY A 47 14.34 4.54 -7.15
N GLY A 48 13.20 5.24 -7.07
CA GLY A 48 13.12 6.59 -7.59
C GLY A 48 12.12 7.44 -6.83
N HIS A 49 10.84 7.10 -6.96
CA HIS A 49 9.78 7.83 -6.30
C HIS A 49 9.11 6.97 -5.22
N SER A 50 8.88 7.56 -4.06
CA SER A 50 8.25 6.85 -2.94
C SER A 50 7.39 7.79 -2.12
N GLY A 51 6.58 7.21 -1.22
CA GLY A 51 5.72 8.01 -0.38
C GLY A 51 5.33 7.29 0.90
N GLN A 52 4.76 8.02 1.84
CA GLN A 52 4.34 7.45 3.11
C GLN A 52 3.04 8.08 3.60
N THR A 53 1.98 7.29 3.61
CA THR A 53 0.67 7.78 4.05
C THR A 53 0.28 7.15 5.39
N GLU A 54 -0.34 7.95 6.25
CA GLU A 54 -0.78 7.47 7.55
C GLU A 54 -2.29 7.31 7.61
N ALA A 55 -2.74 6.27 8.30
CA ALA A 55 -4.18 6.01 8.42
C ALA A 55 -4.53 5.56 9.85
N PRO A 56 -5.79 5.78 10.23
CA PRO A 56 -6.28 5.42 11.57
C PRO A 56 -6.38 3.90 11.75
N GLY A 57 -6.08 3.44 12.96
CA GLY A 57 -6.15 2.01 13.24
C GLY A 57 -7.48 1.40 12.83
N ASN A 58 -8.47 2.25 12.61
CA ASN A 58 -9.80 1.78 12.21
C ASN A 58 -9.90 1.68 10.69
N ALA A 59 -9.17 2.55 9.99
CA ALA A 59 -9.19 2.56 8.54
C ALA A 59 -8.63 1.26 7.97
N THR A 60 -9.49 0.49 7.31
CA THR A 60 -9.08 -0.78 6.73
C THR A 60 -8.88 -0.66 5.22
N SER A 61 -8.93 0.57 4.71
CA SER A 61 -8.75 0.83 3.29
C SER A 61 -8.10 2.18 3.06
N ALA A 62 -7.16 2.22 2.11
CA ALA A 62 -6.46 3.46 1.79
C ALA A 62 -5.94 3.44 0.36
N MET A 63 -5.78 4.62 -0.22
CA MET A 63 -5.29 4.73 -1.60
C MET A 63 -3.98 5.50 -1.64
N LEU A 64 -3.20 5.28 -2.69
CA LEU A 64 -1.92 5.95 -2.86
C LEU A 64 -1.86 6.70 -4.18
N GLY A 65 -0.98 7.70 -4.25
CA GLY A 65 -0.84 8.48 -5.47
C GLY A 65 -0.41 9.91 -5.19
N PRO A 66 -0.10 10.65 -6.26
CA PRO A 66 -0.18 10.13 -7.64
C PRO A 66 0.90 9.11 -7.93
N LEU A 67 0.53 8.06 -8.66
CA LEU A 67 1.47 7.00 -9.01
C LEU A 67 1.72 6.96 -10.52
N SER A 68 2.66 6.14 -10.94
CA SER A 68 3.00 6.01 -12.35
C SER A 68 2.10 4.97 -13.03
N SER A 69 2.30 4.79 -14.34
CA SER A 69 1.51 3.85 -15.11
C SER A 69 2.33 2.61 -15.46
N SER A 70 1.65 1.49 -15.65
CA SER A 70 2.31 0.23 -15.97
C SER A 70 3.59 0.06 -15.16
N THR A 71 3.57 0.56 -13.93
CA THR A 71 4.72 0.46 -13.05
C THR A 71 4.36 -0.25 -11.74
N THR A 72 5.12 -1.29 -11.42
CA THR A 72 4.88 -2.05 -10.20
C THR A 72 5.26 -1.25 -8.96
N TYR A 73 4.30 -1.07 -8.06
CA TYR A 73 4.52 -0.31 -6.84
C TYR A 73 4.57 -1.24 -5.63
N THR A 74 5.60 -1.08 -4.80
CA THR A 74 5.76 -1.90 -3.60
C THR A 74 5.15 -1.22 -2.39
N VAL A 75 3.97 -1.67 -1.99
CA VAL A 75 3.28 -1.11 -0.83
C VAL A 75 3.59 -1.91 0.43
N ARG A 76 3.77 -1.20 1.54
CA ARG A 76 4.06 -1.84 2.81
C ARG A 76 3.17 -1.29 3.93
N VAL A 77 2.12 -2.03 4.26
CA VAL A 77 1.19 -1.61 5.30
C VAL A 77 1.68 -2.06 6.68
N THR A 78 2.24 -1.13 7.44
CA THR A 78 2.74 -1.43 8.77
C THR A 78 1.79 -0.93 9.85
N CYS A 79 1.21 -1.86 10.60
CA CYS A 79 0.27 -1.50 11.67
C CYS A 79 0.99 -1.43 13.01
N LEU A 80 1.09 -0.22 13.55
CA LEU A 80 1.75 -0.01 14.84
C LEU A 80 0.76 -0.15 15.98
N TYR A 81 0.95 -1.19 16.80
CA TYR A 81 0.08 -1.43 17.94
C TYR A 81 0.50 -0.59 19.14
N PRO A 82 -0.49 -0.21 19.97
CA PRO A 82 -0.25 0.60 21.17
C PRO A 82 0.50 -0.18 22.25
N GLY A 83 0.61 -1.50 22.07
CA GLY A 83 1.29 -2.32 23.03
C GLY A 83 1.61 -3.69 22.50
N GLY A 84 2.90 -4.01 22.40
CA GLY A 84 3.31 -5.31 21.90
C GLY A 84 4.38 -5.21 20.83
N GLY A 85 3.96 -5.13 19.57
CA GLY A 85 4.90 -5.02 18.48
C GLY A 85 4.32 -4.31 17.27
N SER A 86 4.51 -4.89 16.09
CA SER A 86 4.01 -4.30 14.86
C SER A 86 3.98 -5.32 13.73
N SER A 87 3.02 -5.19 12.83
CA SER A 87 2.89 -6.11 11.70
C SER A 87 3.10 -5.39 10.38
N THR A 88 3.75 -6.06 9.44
CA THR A 88 4.02 -5.47 8.14
C THR A 88 3.39 -6.31 7.02
N LEU A 89 2.59 -5.65 6.19
CA LEU A 89 1.92 -6.34 5.07
C LEU A 89 2.46 -5.85 3.74
N THR A 90 3.24 -6.71 3.08
CA THR A 90 3.82 -6.37 1.78
C THR A 90 2.84 -6.67 0.64
N GLY A 91 2.70 -5.72 -0.27
CA GLY A 91 1.80 -5.90 -1.39
C GLY A 91 2.25 -5.13 -2.62
N ARG A 92 2.44 -5.85 -3.73
CA ARG A 92 2.87 -5.22 -4.97
C ARG A 92 1.69 -5.01 -5.92
N VAL A 93 1.47 -3.76 -6.32
CA VAL A 93 0.38 -3.42 -7.22
C VAL A 93 0.89 -2.73 -8.47
N THR A 94 0.53 -3.27 -9.63
CA THR A 94 0.95 -2.70 -10.91
C THR A 94 -0.05 -1.67 -11.41
N THR A 95 0.36 -0.40 -11.40
CA THR A 95 -0.50 0.68 -11.86
C THR A 95 -0.93 0.48 -13.30
N LYS A 96 -2.17 0.83 -13.61
CA LYS A 96 -2.70 0.69 -14.96
C LYS A 96 -1.94 1.57 -15.94
N LYS A 97 -2.16 1.35 -17.23
CA LYS A 97 -1.49 2.13 -18.26
C LYS A 97 -2.13 3.50 -18.42
N ALA A 98 -1.31 4.49 -18.75
CA ALA A 98 -1.81 5.85 -18.93
C ALA A 98 -2.17 6.12 -20.38
N PRO A 99 -3.24 6.90 -20.60
CA PRO A 99 -3.72 7.26 -21.93
C PRO A 99 -2.77 8.18 -22.66
N SER A 100 -2.90 8.24 -23.99
CA SER A 100 -2.04 9.10 -24.80
C SER A 100 -2.78 10.37 -25.21
N PRO A 101 -2.06 11.50 -25.21
CA PRO A 101 -2.63 12.81 -25.58
C PRO A 101 -2.94 12.90 -27.06
N SER A 102 -2.23 12.11 -27.87
CA SER A 102 -2.44 12.10 -29.31
C SER A 102 -3.93 12.25 -29.65
N SER A 103 -4.23 13.09 -30.63
CA SER A 103 -5.60 13.32 -31.06
C SER A 103 -5.95 12.45 -32.26
N GLY A 104 -7.08 11.75 -32.17
CA GLY A 104 -7.51 10.90 -33.26
C GLY A 104 -9.02 10.74 -33.31
N PRO A 105 -9.50 9.93 -34.26
CA PRO A 105 -10.94 9.68 -34.44
C PRO A 105 -11.51 8.84 -33.31
N SER A 106 -12.47 9.41 -32.58
CA SER A 106 -13.11 8.72 -31.47
C SER A 106 -14.63 8.85 -31.54
N SER A 107 -15.33 7.79 -31.19
CA SER A 107 -16.79 7.77 -31.22
C SER A 107 -17.35 6.75 -30.24
N GLY A 108 -18.52 7.05 -29.68
CA GLY A 108 -19.13 6.14 -28.73
C GLY A 108 -19.88 5.02 -29.42
N GLY A 1 18.82 -10.75 22.96
CA GLY A 1 18.54 -12.09 22.51
C GLY A 1 17.08 -12.47 22.67
N SER A 2 16.45 -12.88 21.57
CA SER A 2 15.05 -13.26 21.59
C SER A 2 14.89 -14.77 21.40
N SER A 3 13.80 -15.32 21.92
CA SER A 3 13.53 -16.75 21.82
C SER A 3 12.70 -17.06 20.59
N GLY A 4 12.93 -18.22 19.99
CA GLY A 4 12.18 -18.63 18.82
C GLY A 4 12.37 -17.65 17.66
N SER A 5 13.56 -17.64 17.09
CA SER A 5 13.87 -16.74 15.98
C SER A 5 13.60 -17.43 14.64
N SER A 6 12.51 -18.20 14.57
CA SER A 6 12.14 -18.91 13.36
C SER A 6 10.64 -19.16 13.31
N GLY A 7 10.18 -19.71 12.19
CA GLY A 7 8.77 -20.00 12.04
C GLY A 7 7.91 -18.74 12.10
N LEU A 8 7.60 -18.18 10.94
CA LEU A 8 6.79 -16.98 10.86
C LEU A 8 5.65 -17.15 9.86
N ALA A 9 4.44 -16.81 10.29
CA ALA A 9 3.26 -16.92 9.44
C ALA A 9 2.58 -15.57 9.25
N PRO A 10 2.06 -15.34 8.04
CA PRO A 10 1.37 -14.09 7.70
C PRO A 10 0.04 -13.94 8.42
N PRO A 11 -0.22 -12.72 8.93
CA PRO A 11 -1.46 -12.41 9.65
C PRO A 11 -2.67 -12.40 8.73
N ARG A 12 -2.57 -11.67 7.63
CA ARG A 12 -3.67 -11.57 6.67
C ARG A 12 -3.13 -11.31 5.26
N HIS A 13 -4.05 -11.22 4.30
CA HIS A 13 -3.68 -10.97 2.91
C HIS A 13 -3.95 -9.51 2.54
N LEU A 14 -3.48 -9.13 1.35
CA LEU A 14 -3.67 -7.75 0.87
C LEU A 14 -4.66 -7.72 -0.28
N GLY A 15 -5.16 -6.53 -0.59
CA GLY A 15 -6.11 -6.38 -1.67
C GLY A 15 -5.92 -5.08 -2.43
N PHE A 16 -6.11 -5.13 -3.75
CA PHE A 16 -5.95 -3.96 -4.59
C PHE A 16 -7.12 -3.81 -5.55
N SER A 17 -7.89 -2.74 -5.40
CA SER A 17 -9.05 -2.49 -6.24
C SER A 17 -9.09 -1.03 -6.68
N ASP A 18 -9.97 -0.74 -7.64
CA ASP A 18 -10.11 0.62 -8.16
C ASP A 18 -8.75 1.20 -8.54
N VAL A 19 -7.82 0.32 -8.89
CA VAL A 19 -6.48 0.73 -9.29
C VAL A 19 -6.52 1.52 -10.59
N SER A 20 -5.68 2.55 -10.68
CA SER A 20 -5.62 3.39 -11.87
C SER A 20 -4.16 3.61 -12.30
N HIS A 21 -3.99 4.31 -13.42
CA HIS A 21 -2.66 4.60 -13.94
C HIS A 21 -2.06 5.82 -13.25
N ASP A 22 -2.80 6.37 -12.30
CA ASP A 22 -2.34 7.54 -11.56
C ASP A 22 -2.52 7.34 -10.06
N ALA A 23 -2.94 6.15 -9.67
CA ALA A 23 -3.16 5.83 -8.26
C ALA A 23 -3.49 4.35 -8.07
N ALA A 24 -3.50 3.91 -6.82
CA ALA A 24 -3.79 2.52 -6.50
C ALA A 24 -4.27 2.37 -5.07
N ARG A 25 -5.41 1.71 -4.89
CA ARG A 25 -5.96 1.49 -3.55
C ARG A 25 -5.47 0.18 -2.96
N VAL A 26 -4.98 0.24 -1.72
CA VAL A 26 -4.49 -0.94 -1.04
C VAL A 26 -5.20 -1.15 0.30
N PHE A 27 -5.97 -2.23 0.38
CA PHE A 27 -6.71 -2.54 1.60
C PHE A 27 -6.29 -3.91 2.15
N TRP A 28 -6.53 -4.12 3.44
CA TRP A 28 -6.18 -5.38 4.08
C TRP A 28 -7.39 -5.96 4.82
N GLU A 29 -7.30 -7.24 5.15
CA GLU A 29 -8.38 -7.92 5.86
C GLU A 29 -8.34 -7.63 7.35
N GLY A 30 -7.58 -6.61 7.72
CA GLY A 30 -7.47 -6.24 9.12
C GLY A 30 -6.48 -7.11 9.87
N ALA A 31 -6.44 -6.97 11.19
CA ALA A 31 -5.54 -7.75 12.02
C ALA A 31 -6.29 -8.42 13.18
N PRO A 32 -5.72 -9.50 13.72
CA PRO A 32 -6.31 -10.23 14.83
C PRO A 32 -6.27 -9.45 16.14
N ARG A 33 -5.72 -8.26 16.08
CA ARG A 33 -5.62 -7.39 17.26
C ARG A 33 -5.89 -5.94 16.90
N PRO A 34 -6.38 -5.17 17.89
CA PRO A 34 -6.69 -3.75 17.71
C PRO A 34 -5.43 -2.90 17.52
N VAL A 35 -5.53 -1.90 16.66
CA VAL A 35 -4.40 -1.01 16.39
C VAL A 35 -4.76 0.44 16.71
N ARG A 36 -3.75 1.25 17.00
CA ARG A 36 -3.95 2.65 17.33
C ARG A 36 -3.78 3.52 16.09
N LEU A 37 -2.79 3.19 15.27
CA LEU A 37 -2.51 3.94 14.05
C LEU A 37 -1.79 3.07 13.03
N VAL A 38 -1.91 3.45 11.76
CA VAL A 38 -1.27 2.71 10.68
C VAL A 38 -0.45 3.63 9.78
N ARG A 39 0.60 3.09 9.18
CA ARG A 39 1.47 3.87 8.31
C ARG A 39 1.86 3.06 7.08
N VAL A 40 1.32 3.42 5.92
CA VAL A 40 1.61 2.73 4.68
C VAL A 40 2.83 3.34 3.98
N THR A 41 3.52 2.54 3.19
CA THR A 41 4.69 3.00 2.46
C THR A 41 4.89 2.22 1.16
N TYR A 42 4.77 2.92 0.04
CA TYR A 42 4.93 2.29 -1.27
C TYR A 42 6.21 2.76 -1.94
N VAL A 43 6.61 2.07 -3.01
CA VAL A 43 7.81 2.40 -3.75
C VAL A 43 7.81 1.78 -5.13
N SER A 44 8.37 2.49 -6.10
CA SER A 44 8.42 2.00 -7.48
C SER A 44 9.32 0.77 -7.57
N SER A 45 9.10 -0.02 -8.62
CA SER A 45 9.89 -1.23 -8.84
C SER A 45 11.39 -0.92 -8.84
N GLU A 46 11.78 0.05 -9.66
CA GLU A 46 13.17 0.45 -9.76
C GLU A 46 13.50 1.56 -8.77
N GLY A 47 13.03 1.40 -7.53
CA GLY A 47 13.27 2.39 -6.51
C GLY A 47 13.17 3.81 -7.04
N GLY A 48 12.22 4.03 -7.94
CA GLY A 48 12.03 5.36 -8.51
C GLY A 48 11.26 6.28 -7.59
N HIS A 49 9.94 6.26 -7.71
CA HIS A 49 9.09 7.11 -6.88
C HIS A 49 8.58 6.34 -5.66
N SER A 50 8.51 7.01 -4.52
CA SER A 50 8.05 6.40 -3.29
C SER A 50 7.15 7.35 -2.51
N GLY A 51 6.33 6.79 -1.62
CA GLY A 51 5.43 7.61 -0.83
C GLY A 51 5.25 7.08 0.58
N GLN A 52 4.37 7.70 1.34
CA GLN A 52 4.10 7.28 2.72
C GLN A 52 2.89 8.00 3.29
N THR A 53 1.83 7.25 3.55
CA THR A 53 0.61 7.80 4.10
C THR A 53 0.17 7.07 5.37
N GLU A 54 -0.27 7.83 6.37
CA GLU A 54 -0.72 7.25 7.63
C GLU A 54 -2.24 7.24 7.72
N ALA A 55 -2.78 6.33 8.52
CA ALA A 55 -4.22 6.23 8.71
C ALA A 55 -4.57 5.81 10.13
N PRO A 56 -5.84 5.99 10.51
CA PRO A 56 -6.32 5.63 11.85
C PRO A 56 -6.37 4.13 12.07
N GLY A 57 -6.36 3.72 13.33
CA GLY A 57 -6.39 2.30 13.66
C GLY A 57 -7.63 1.62 13.12
N ASN A 58 -8.62 2.40 12.73
CA ASN A 58 -9.87 1.87 12.19
C ASN A 58 -9.87 1.91 10.67
N ALA A 59 -8.69 2.12 10.09
CA ALA A 59 -8.56 2.18 8.63
C ALA A 59 -8.14 0.84 8.06
N THR A 60 -9.00 0.26 7.22
CA THR A 60 -8.70 -1.03 6.60
C THR A 60 -8.46 -0.88 5.10
N SER A 61 -8.27 0.36 4.66
CA SER A 61 -8.04 0.64 3.25
C SER A 61 -7.55 2.07 3.04
N ALA A 62 -6.58 2.25 2.16
CA ALA A 62 -6.04 3.57 1.88
C ALA A 62 -5.54 3.66 0.43
N MET A 63 -5.73 4.82 -0.18
CA MET A 63 -5.30 5.04 -1.55
C MET A 63 -3.86 5.55 -1.61
N LEU A 64 -3.25 5.46 -2.78
CA LEU A 64 -1.87 5.92 -2.96
C LEU A 64 -1.72 6.68 -4.27
N GLY A 65 -0.91 7.74 -4.24
CA GLY A 65 -0.70 8.54 -5.44
C GLY A 65 -0.20 9.94 -5.11
N PRO A 66 0.10 10.71 -6.17
CA PRO A 66 -0.02 10.26 -7.55
C PRO A 66 1.01 9.20 -7.92
N LEU A 67 0.55 8.11 -8.49
CA LEU A 67 1.44 7.02 -8.89
C LEU A 67 1.76 7.08 -10.38
N SER A 68 2.53 6.12 -10.87
CA SER A 68 2.90 6.08 -12.27
C SER A 68 2.05 5.07 -13.03
N SER A 69 2.31 4.93 -14.33
CA SER A 69 1.56 4.01 -15.17
C SER A 69 2.41 2.79 -15.54
N SER A 70 1.76 1.66 -15.74
CA SER A 70 2.45 0.42 -16.08
C SER A 70 3.68 0.24 -15.21
N THR A 71 3.62 0.74 -13.99
CA THR A 71 4.73 0.63 -13.06
C THR A 71 4.31 -0.08 -11.78
N THR A 72 5.06 -1.11 -11.39
CA THR A 72 4.75 -1.88 -10.19
C THR A 72 5.21 -1.14 -8.94
N TYR A 73 4.29 -0.96 -8.00
CA TYR A 73 4.61 -0.26 -6.75
C TYR A 73 4.50 -1.20 -5.55
N THR A 74 5.60 -1.39 -4.86
CA THR A 74 5.64 -2.27 -3.69
C THR A 74 5.06 -1.57 -2.47
N VAL A 75 3.77 -1.77 -2.23
CA VAL A 75 3.10 -1.16 -1.10
C VAL A 75 3.47 -1.87 0.20
N ARG A 76 3.49 -1.12 1.31
CA ARG A 76 3.83 -1.68 2.60
C ARG A 76 2.92 -1.11 3.69
N VAL A 77 2.02 -1.94 4.20
CA VAL A 77 1.10 -1.52 5.25
C VAL A 77 1.64 -1.86 6.63
N THR A 78 2.17 -0.87 7.32
CA THR A 78 2.71 -1.06 8.65
C THR A 78 1.70 -0.67 9.73
N CYS A 79 1.31 -1.65 10.54
CA CYS A 79 0.35 -1.42 11.61
C CYS A 79 1.05 -1.37 12.96
N LEU A 80 1.00 -0.19 13.60
CA LEU A 80 1.62 0.00 14.90
C LEU A 80 0.63 -0.26 16.03
N TYR A 81 0.85 -1.35 16.76
CA TYR A 81 -0.04 -1.72 17.86
C TYR A 81 0.29 -0.90 19.10
N PRO A 82 -0.75 -0.57 19.88
CA PRO A 82 -0.60 0.21 21.11
C PRO A 82 0.10 -0.58 22.22
N GLY A 83 0.48 -1.81 21.92
CA GLY A 83 1.15 -2.64 22.89
C GLY A 83 2.62 -2.84 22.56
N GLY A 84 3.10 -4.07 22.74
CA GLY A 84 4.50 -4.36 22.46
C GLY A 84 4.68 -5.24 21.24
N GLY A 85 4.45 -4.66 20.07
CA GLY A 85 4.59 -5.41 18.83
C GLY A 85 4.12 -4.63 17.62
N SER A 86 4.28 -5.22 16.44
CA SER A 86 3.87 -4.57 15.20
C SER A 86 3.82 -5.58 14.05
N SER A 87 3.12 -5.21 12.98
CA SER A 87 2.99 -6.08 11.81
C SER A 87 3.00 -5.27 10.53
N THR A 88 3.74 -5.76 9.53
CA THR A 88 3.84 -5.08 8.25
C THR A 88 3.43 -6.01 7.10
N LEU A 89 2.49 -5.55 6.29
CA LEU A 89 2.03 -6.35 5.15
C LEU A 89 2.44 -5.71 3.84
N THR A 90 3.48 -6.25 3.22
CA THR A 90 3.99 -5.74 1.95
C THR A 90 3.24 -6.36 0.78
N GLY A 91 3.20 -5.65 -0.35
CA GLY A 91 2.53 -6.15 -1.53
C GLY A 91 3.09 -5.56 -2.81
N ARG A 92 2.32 -5.66 -3.89
CA ARG A 92 2.73 -5.13 -5.19
C ARG A 92 1.53 -4.81 -6.06
N VAL A 93 1.38 -3.53 -6.41
CA VAL A 93 0.27 -3.11 -7.26
C VAL A 93 0.76 -2.50 -8.56
N THR A 94 0.33 -3.08 -9.67
CA THR A 94 0.72 -2.60 -10.99
C THR A 94 -0.26 -1.57 -11.53
N THR A 95 0.15 -0.30 -11.53
CA THR A 95 -0.70 0.78 -12.02
C THR A 95 -1.13 0.53 -13.46
N LYS A 96 -2.33 0.98 -13.79
CA LYS A 96 -2.87 0.80 -15.13
C LYS A 96 -2.09 1.65 -16.14
N LYS A 97 -2.30 1.38 -17.43
CA LYS A 97 -1.62 2.11 -18.48
C LYS A 97 -2.25 3.48 -18.68
N ALA A 98 -1.41 4.51 -18.77
CA ALA A 98 -1.89 5.88 -18.96
C ALA A 98 -2.35 6.10 -20.41
N PRO A 99 -3.41 6.91 -20.57
CA PRO A 99 -3.96 7.22 -21.89
C PRO A 99 -3.03 8.10 -22.71
N SER A 100 -2.86 7.74 -23.98
CA SER A 100 -2.00 8.51 -24.88
C SER A 100 -2.33 9.99 -24.82
N PRO A 101 -1.31 10.84 -25.06
CA PRO A 101 -1.47 12.29 -25.04
C PRO A 101 -2.29 12.80 -26.22
N SER A 102 -3.59 13.02 -25.98
CA SER A 102 -4.49 13.51 -27.01
C SER A 102 -5.64 14.32 -26.41
N SER A 103 -5.74 15.57 -26.81
CA SER A 103 -6.79 16.46 -26.31
C SER A 103 -8.17 15.89 -26.63
N GLY A 104 -9.15 16.22 -25.79
CA GLY A 104 -10.50 15.74 -26.00
C GLY A 104 -11.54 16.83 -25.84
N PRO A 105 -12.23 17.15 -26.93
CA PRO A 105 -13.26 18.20 -26.94
C PRO A 105 -14.51 17.78 -26.15
N SER A 106 -14.52 18.10 -24.87
CA SER A 106 -15.65 17.76 -24.01
C SER A 106 -16.90 18.53 -24.42
N SER A 107 -18.06 18.06 -23.97
CA SER A 107 -19.33 18.70 -24.29
C SER A 107 -19.80 19.57 -23.13
N GLY A 108 -20.80 20.41 -23.39
CA GLY A 108 -21.34 21.28 -22.37
C GLY A 108 -20.87 22.71 -22.52
N GLY A 1 21.70 -4.11 20.55
CA GLY A 1 21.37 -4.86 19.34
C GLY A 1 19.90 -5.26 19.29
N SER A 2 19.37 -5.40 18.08
CA SER A 2 17.98 -5.78 17.90
C SER A 2 17.85 -6.95 16.92
N SER A 3 17.11 -7.98 17.34
CA SER A 3 16.92 -9.16 16.52
C SER A 3 15.57 -9.11 15.80
N GLY A 4 14.50 -8.96 16.57
CA GLY A 4 13.17 -8.89 15.99
C GLY A 4 12.28 -10.01 16.46
N SER A 5 11.74 -10.79 15.52
CA SER A 5 10.86 -11.89 15.85
C SER A 5 11.25 -13.15 15.08
N SER A 6 11.04 -14.31 15.68
CA SER A 6 11.37 -15.58 15.05
C SER A 6 10.21 -16.08 14.18
N GLY A 7 10.48 -16.26 12.89
CA GLY A 7 9.46 -16.73 11.98
C GLY A 7 8.38 -15.69 11.74
N LEU A 8 8.56 -14.87 10.71
CA LEU A 8 7.60 -13.82 10.38
C LEU A 8 6.44 -14.39 9.56
N ALA A 9 5.45 -14.94 10.25
CA ALA A 9 4.27 -15.52 9.59
C ALA A 9 3.32 -14.43 9.13
N PRO A 10 2.69 -14.65 7.97
CA PRO A 10 1.73 -13.69 7.40
C PRO A 10 0.43 -13.61 8.21
N PRO A 11 0.16 -12.43 8.76
CA PRO A 11 -1.05 -12.19 9.56
C PRO A 11 -2.32 -12.21 8.71
N ARG A 12 -2.28 -11.49 7.59
CA ARG A 12 -3.43 -11.41 6.70
C ARG A 12 -2.98 -11.23 5.25
N HIS A 13 -3.94 -11.18 4.34
CA HIS A 13 -3.64 -11.00 2.93
C HIS A 13 -3.96 -9.58 2.47
N LEU A 14 -3.29 -9.13 1.42
CA LEU A 14 -3.49 -7.79 0.88
C LEU A 14 -4.41 -7.82 -0.34
N GLY A 15 -5.04 -6.69 -0.63
CA GLY A 15 -5.93 -6.61 -1.77
C GLY A 15 -5.91 -5.25 -2.43
N PHE A 16 -5.71 -5.22 -3.73
CA PHE A 16 -5.67 -3.97 -4.49
C PHE A 16 -6.87 -3.85 -5.42
N SER A 17 -7.73 -2.87 -5.15
CA SER A 17 -8.92 -2.66 -5.97
C SER A 17 -9.03 -1.19 -6.39
N ASP A 18 -9.67 -0.96 -7.53
CA ASP A 18 -9.85 0.40 -8.04
C ASP A 18 -8.52 1.01 -8.44
N VAL A 19 -7.56 0.16 -8.78
CA VAL A 19 -6.23 0.61 -9.19
C VAL A 19 -6.30 1.43 -10.46
N SER A 20 -5.62 2.57 -10.48
CA SER A 20 -5.61 3.45 -11.64
C SER A 20 -4.20 3.57 -12.20
N HIS A 21 -4.05 4.41 -13.23
CA HIS A 21 -2.76 4.63 -13.86
C HIS A 21 -1.96 5.69 -13.12
N ASP A 22 -2.63 6.40 -12.21
CA ASP A 22 -1.98 7.44 -11.42
C ASP A 22 -2.35 7.33 -9.95
N ALA A 23 -2.83 6.16 -9.56
CA ALA A 23 -3.23 5.91 -8.17
C ALA A 23 -3.53 4.44 -7.94
N ALA A 24 -3.59 4.04 -6.68
CA ALA A 24 -3.88 2.65 -6.32
C ALA A 24 -4.38 2.56 -4.88
N ARG A 25 -5.52 1.91 -4.70
CA ARG A 25 -6.09 1.73 -3.37
C ARG A 25 -5.68 0.41 -2.76
N VAL A 26 -5.21 0.44 -1.52
CA VAL A 26 -4.77 -0.76 -0.83
C VAL A 26 -5.64 -1.02 0.40
N PHE A 27 -6.23 -2.22 0.46
CA PHE A 27 -7.08 -2.61 1.56
C PHE A 27 -6.67 -3.96 2.14
N TRP A 28 -6.72 -4.08 3.46
CA TRP A 28 -6.35 -5.32 4.12
C TRP A 28 -7.53 -5.88 4.92
N GLU A 29 -7.42 -7.16 5.30
CA GLU A 29 -8.47 -7.81 6.07
C GLU A 29 -8.37 -7.46 7.55
N GLY A 30 -7.60 -6.42 7.86
CA GLY A 30 -7.43 -6.01 9.23
C GLY A 30 -6.37 -6.82 9.96
N ALA A 31 -6.41 -6.79 11.29
CA ALA A 31 -5.44 -7.51 12.10
C ALA A 31 -6.13 -8.21 13.27
N PRO A 32 -5.48 -9.26 13.80
CA PRO A 32 -6.01 -10.04 14.92
C PRO A 32 -6.00 -9.24 16.23
N ARG A 33 -5.37 -8.08 16.20
CA ARG A 33 -5.27 -7.22 17.38
C ARG A 33 -5.64 -5.78 17.04
N PRO A 34 -6.14 -5.04 18.04
CA PRO A 34 -6.52 -3.64 17.86
C PRO A 34 -5.32 -2.73 17.67
N VAL A 35 -5.48 -1.72 16.81
CA VAL A 35 -4.40 -0.78 16.54
C VAL A 35 -4.87 0.66 16.75
N ARG A 36 -3.91 1.53 17.06
CA ARG A 36 -4.22 2.94 17.30
C ARG A 36 -3.91 3.78 16.07
N LEU A 37 -2.84 3.44 15.37
CA LEU A 37 -2.44 4.16 14.17
C LEU A 37 -1.83 3.22 13.14
N VAL A 38 -1.86 3.62 11.88
CA VAL A 38 -1.31 2.81 10.80
C VAL A 38 -0.45 3.65 9.87
N ARG A 39 0.59 3.03 9.31
CA ARG A 39 1.50 3.71 8.40
C ARG A 39 1.80 2.85 7.18
N VAL A 40 1.65 3.45 5.99
CA VAL A 40 1.90 2.74 4.75
C VAL A 40 3.05 3.38 3.98
N THR A 41 3.79 2.55 3.23
CA THR A 41 4.92 3.04 2.44
C THR A 41 4.97 2.36 1.08
N TYR A 42 4.76 3.14 0.03
CA TYR A 42 4.78 2.61 -1.33
C TYR A 42 6.01 3.10 -2.08
N VAL A 43 6.49 2.30 -3.02
CA VAL A 43 7.66 2.65 -3.82
C VAL A 43 7.58 2.03 -5.21
N SER A 44 8.33 2.60 -6.15
CA SER A 44 8.35 2.12 -7.52
C SER A 44 8.91 0.70 -7.59
N SER A 45 10.23 0.59 -7.46
CA SER A 45 10.90 -0.70 -7.50
C SER A 45 12.37 -0.58 -7.09
N GLU A 46 12.78 -1.38 -6.12
CA GLU A 46 14.15 -1.35 -5.63
C GLU A 46 14.70 0.07 -5.64
N GLY A 47 13.89 1.02 -5.20
CA GLY A 47 14.30 2.40 -5.16
C GLY A 47 13.61 3.26 -6.20
N GLY A 48 13.29 4.49 -5.84
CA GLY A 48 12.61 5.39 -6.75
C GLY A 48 11.44 6.11 -6.12
N HIS A 49 10.58 6.69 -6.95
CA HIS A 49 9.41 7.41 -6.46
C HIS A 49 8.73 6.63 -5.32
N SER A 50 8.94 7.08 -4.10
CA SER A 50 8.35 6.42 -2.93
C SER A 50 7.64 7.43 -2.04
N GLY A 51 6.64 6.96 -1.30
CA GLY A 51 5.90 7.84 -0.42
C GLY A 51 5.61 7.21 0.93
N GLN A 52 4.70 7.81 1.69
CA GLN A 52 4.34 7.30 3.01
C GLN A 52 3.09 7.99 3.53
N THR A 53 2.03 7.21 3.71
CA THR A 53 0.77 7.75 4.22
C THR A 53 0.30 6.99 5.45
N GLU A 54 -0.15 7.73 6.46
CA GLU A 54 -0.62 7.12 7.70
C GLU A 54 -2.15 7.19 7.78
N ALA A 55 -2.73 6.27 8.55
CA ALA A 55 -4.18 6.23 8.72
C ALA A 55 -4.56 5.71 10.09
N PRO A 56 -5.83 5.91 10.48
CA PRO A 56 -6.34 5.48 11.78
C PRO A 56 -6.44 3.96 11.88
N GLY A 57 -6.27 3.44 13.10
CA GLY A 57 -6.35 2.01 13.31
C GLY A 57 -7.70 1.43 12.90
N ASN A 58 -8.68 2.30 12.73
CA ASN A 58 -10.02 1.87 12.34
C ASN A 58 -10.15 1.85 10.82
N ALA A 59 -9.08 2.20 10.12
CA ALA A 59 -9.08 2.22 8.67
C ALA A 59 -8.47 0.94 8.10
N THR A 60 -9.27 0.18 7.37
CA THR A 60 -8.81 -1.07 6.78
C THR A 60 -8.49 -0.89 5.31
N SER A 61 -8.30 0.35 4.88
CA SER A 61 -7.99 0.66 3.49
C SER A 61 -7.47 2.09 3.36
N ALA A 62 -6.73 2.34 2.28
CA ALA A 62 -6.18 3.67 2.03
C ALA A 62 -5.84 3.85 0.55
N MET A 63 -5.71 5.09 0.12
CA MET A 63 -5.38 5.39 -1.27
C MET A 63 -3.93 5.86 -1.39
N LEU A 64 -3.38 5.74 -2.58
CA LEU A 64 -2.00 6.15 -2.84
C LEU A 64 -1.89 6.89 -4.17
N GLY A 65 -0.89 7.77 -4.27
CA GLY A 65 -0.69 8.53 -5.50
C GLY A 65 -0.27 9.96 -5.23
N PRO A 66 -0.02 10.71 -6.30
CA PRO A 66 -0.13 10.20 -7.67
C PRO A 66 0.97 9.19 -8.00
N LEU A 67 0.60 8.14 -8.72
CA LEU A 67 1.54 7.10 -9.11
C LEU A 67 1.77 7.09 -10.62
N SER A 68 2.59 6.15 -11.08
CA SER A 68 2.88 6.04 -12.50
C SER A 68 1.99 5.01 -13.17
N SER A 69 2.17 4.83 -14.48
CA SER A 69 1.37 3.88 -15.24
C SER A 69 2.23 2.72 -15.73
N SER A 70 1.61 1.55 -15.91
CA SER A 70 2.32 0.37 -16.37
C SER A 70 3.59 0.15 -15.57
N THR A 71 3.58 0.62 -14.32
CA THR A 71 4.74 0.46 -13.45
C THR A 71 4.36 -0.20 -12.13
N THR A 72 5.19 -1.13 -11.68
CA THR A 72 4.94 -1.85 -10.43
C THR A 72 5.27 -0.99 -9.22
N TYR A 73 4.45 -1.07 -8.19
CA TYR A 73 4.66 -0.29 -6.97
C TYR A 73 4.57 -1.19 -5.74
N THR A 74 5.66 -1.24 -4.98
CA THR A 74 5.71 -2.05 -3.77
C THR A 74 5.12 -1.31 -2.58
N VAL A 75 3.99 -1.81 -2.09
CA VAL A 75 3.32 -1.18 -0.94
C VAL A 75 3.58 -1.97 0.34
N ARG A 76 3.55 -1.27 1.47
CA ARG A 76 3.78 -1.91 2.77
C ARG A 76 2.91 -1.27 3.84
N VAL A 77 1.94 -2.04 4.34
CA VAL A 77 1.03 -1.55 5.38
C VAL A 77 1.55 -1.90 6.76
N THR A 78 2.24 -0.96 7.40
CA THR A 78 2.78 -1.17 8.73
C THR A 78 1.86 -0.60 9.80
N CYS A 79 1.11 -1.48 10.46
CA CYS A 79 0.19 -1.06 11.50
C CYS A 79 0.91 -0.95 12.85
N LEU A 80 0.93 0.26 13.40
CA LEU A 80 1.58 0.50 14.68
C LEU A 80 0.60 0.32 15.83
N TYR A 81 0.79 -0.77 16.59
CA TYR A 81 -0.07 -1.07 17.73
C TYR A 81 0.30 -0.21 18.93
N PRO A 82 -0.71 0.12 19.75
CA PRO A 82 -0.53 0.95 20.95
C PRO A 82 0.24 0.22 22.04
N GLY A 83 0.45 -1.09 21.84
CA GLY A 83 1.18 -1.89 22.82
C GLY A 83 2.68 -1.84 22.59
N GLY A 84 3.12 -2.48 21.50
CA GLY A 84 4.53 -2.51 21.19
C GLY A 84 4.83 -3.18 19.86
N GLY A 85 4.23 -4.35 19.64
CA GLY A 85 4.44 -5.08 18.41
C GLY A 85 3.99 -4.29 17.20
N SER A 86 3.93 -4.96 16.05
CA SER A 86 3.51 -4.31 14.81
C SER A 86 3.41 -5.33 13.67
N SER A 87 2.56 -5.04 12.70
CA SER A 87 2.36 -5.93 11.56
C SER A 87 2.75 -5.25 10.27
N THR A 88 3.38 -6.00 9.37
CA THR A 88 3.81 -5.46 8.08
C THR A 88 3.36 -6.36 6.93
N LEU A 89 2.55 -5.79 6.04
CA LEU A 89 2.05 -6.54 4.89
C LEU A 89 2.68 -6.04 3.60
N THR A 90 3.61 -6.84 3.06
CA THR A 90 4.29 -6.47 1.83
C THR A 90 3.56 -7.04 0.61
N GLY A 91 3.45 -6.22 -0.44
CA GLY A 91 2.78 -6.65 -1.65
C GLY A 91 3.27 -5.92 -2.88
N ARG A 92 2.47 -5.93 -3.94
CA ARG A 92 2.82 -5.27 -5.18
C ARG A 92 1.58 -4.97 -6.02
N VAL A 93 1.55 -3.78 -6.63
CA VAL A 93 0.42 -3.38 -7.45
C VAL A 93 0.89 -2.71 -8.74
N THR A 94 0.52 -3.29 -9.87
CA THR A 94 0.91 -2.76 -11.17
C THR A 94 -0.09 -1.69 -11.65
N THR A 95 0.34 -0.44 -11.63
CA THR A 95 -0.52 0.66 -12.07
C THR A 95 -1.04 0.43 -13.48
N LYS A 96 -2.22 0.97 -13.76
CA LYS A 96 -2.83 0.82 -15.07
C LYS A 96 -2.13 1.71 -16.10
N LYS A 97 -2.41 1.47 -17.37
CA LYS A 97 -1.81 2.24 -18.46
C LYS A 97 -2.46 3.62 -18.57
N ALA A 98 -1.64 4.65 -18.68
CA ALA A 98 -2.14 6.02 -18.80
C ALA A 98 -2.66 6.28 -20.20
N PRO A 99 -3.67 7.17 -20.31
CA PRO A 99 -4.28 7.54 -21.59
C PRO A 99 -3.34 8.37 -22.46
N SER A 100 -2.54 9.22 -21.82
CA SER A 100 -1.60 10.06 -22.55
C SER A 100 -0.58 10.68 -21.59
N PRO A 101 0.67 10.79 -22.06
CA PRO A 101 1.77 11.36 -21.26
C PRO A 101 1.60 12.86 -21.05
N SER A 102 1.04 13.53 -22.04
CA SER A 102 0.82 14.98 -21.98
C SER A 102 -0.64 15.30 -21.67
N SER A 103 -0.87 16.48 -21.12
CA SER A 103 -2.21 16.92 -20.78
C SER A 103 -2.86 17.67 -21.94
N GLY A 104 -2.16 18.70 -22.42
CA GLY A 104 -2.67 19.49 -23.52
C GLY A 104 -3.51 20.68 -23.06
N PRO A 105 -4.32 21.23 -23.97
CA PRO A 105 -5.19 22.37 -23.67
C PRO A 105 -6.34 22.00 -22.74
N SER A 106 -6.32 22.56 -21.53
CA SER A 106 -7.36 22.28 -20.55
C SER A 106 -7.93 23.59 -19.99
N SER A 107 -9.06 23.47 -19.29
CA SER A 107 -9.72 24.64 -18.70
C SER A 107 -9.69 24.56 -17.18
N GLY A 108 -9.55 25.72 -16.53
CA GLY A 108 -9.51 25.76 -15.08
C GLY A 108 -8.56 24.74 -14.50
#